data_2NDA
#
_entry.id   2NDA
#
_entity_poly.entity_id   1
_entity_poly.type   'polypeptide(L)'
_entity_poly.pdbx_seq_one_letter_code
;GHMSRSEVNMGLSSAGVAVQRSASRVAYNQSAIDDSNNSAWDFADGVLEQILATSRSRGYITGDQYILERVNIVNGNGYY
NLYKPDGTYLFTLNCKTGYFVGNGAGHADDLDY
;
_entity_poly.pdbx_strand_id   A
#
# COMPACT_ATOMS: atom_id res chain seq x y z
N GLY A 1 10.25 8.50 -6.48
CA GLY A 1 11.46 8.84 -7.26
C GLY A 1 11.23 9.99 -8.22
N HIS A 2 10.82 11.13 -7.67
CA HIS A 2 10.58 12.33 -8.47
C HIS A 2 11.22 13.55 -7.80
N MET A 3 10.80 13.83 -6.57
CA MET A 3 11.27 15.01 -5.86
C MET A 3 12.77 14.93 -5.58
N SER A 4 13.15 14.00 -4.70
CA SER A 4 14.55 13.81 -4.36
C SER A 4 14.70 12.54 -3.51
N ARG A 5 14.20 12.60 -2.29
CA ARG A 5 14.18 11.44 -1.41
C ARG A 5 13.01 11.55 -0.43
N SER A 6 12.37 10.41 -0.17
CA SER A 6 11.24 10.33 0.72
C SER A 6 10.06 11.16 0.23
N GLU A 7 9.17 10.49 -0.48
CA GLU A 7 8.03 11.15 -1.09
C GLU A 7 6.71 10.61 -0.54
N VAL A 8 6.49 9.30 -0.66
CA VAL A 8 5.22 8.67 -0.26
C VAL A 8 4.04 9.22 -1.08
N ASN A 9 3.54 8.38 -1.98
CA ASN A 9 2.41 8.75 -2.81
C ASN A 9 1.79 7.50 -3.44
N MET A 10 0.89 7.67 -4.39
CA MET A 10 0.22 6.51 -5.01
C MET A 10 0.86 6.19 -6.36
N GLY A 11 1.72 7.11 -6.75
CA GLY A 11 2.58 7.05 -7.94
C GLY A 11 1.90 6.95 -9.29
N LEU A 12 0.80 6.24 -9.38
CA LEU A 12 -0.03 6.27 -10.55
C LEU A 12 -1.45 6.66 -10.15
N SER A 13 -2.26 6.87 -11.14
CA SER A 13 -3.65 7.19 -10.93
C SER A 13 -4.50 5.94 -11.03
N SER A 14 -5.18 5.59 -9.93
CA SER A 14 -6.06 4.44 -9.91
C SER A 14 -7.44 4.81 -10.47
N ALA A 15 -7.46 5.86 -11.26
CA ALA A 15 -8.67 6.30 -11.92
C ALA A 15 -8.85 5.58 -13.24
N GLY A 16 -9.84 4.70 -13.31
CA GLY A 16 -10.12 3.97 -14.54
C GLY A 16 -9.34 2.66 -14.61
N VAL A 17 -8.43 2.48 -13.68
CA VAL A 17 -7.62 1.29 -13.62
C VAL A 17 -8.43 0.10 -13.16
N ALA A 18 -8.04 -1.06 -13.64
CA ALA A 18 -8.66 -2.28 -13.23
C ALA A 18 -7.93 -2.86 -12.05
N VAL A 19 -8.14 -2.23 -10.91
CA VAL A 19 -7.44 -2.58 -9.69
C VAL A 19 -8.14 -3.70 -8.92
N GLN A 20 -7.34 -4.64 -8.43
CA GLN A 20 -7.87 -5.75 -7.69
C GLN A 20 -8.05 -5.37 -6.24
N ARG A 21 -9.27 -5.07 -5.85
CA ARG A 21 -9.56 -4.68 -4.49
C ARG A 21 -9.97 -5.89 -3.66
N SER A 22 -10.63 -6.85 -4.30
CA SER A 22 -11.06 -8.07 -3.64
C SER A 22 -9.87 -8.95 -3.33
N ALA A 23 -8.71 -8.56 -3.83
CA ALA A 23 -7.49 -9.30 -3.64
C ALA A 23 -6.73 -8.78 -2.43
N SER A 24 -7.31 -7.80 -1.75
CA SER A 24 -6.68 -7.14 -0.63
C SER A 24 -6.62 -8.05 0.61
N ARG A 25 -5.53 -7.92 1.34
CA ARG A 25 -5.34 -8.68 2.57
C ARG A 25 -5.97 -8.00 3.76
N VAL A 26 -6.29 -6.73 3.60
CA VAL A 26 -6.86 -5.96 4.70
C VAL A 26 -8.12 -5.25 4.22
N ALA A 27 -9.06 -5.01 5.13
CA ALA A 27 -10.36 -4.47 4.77
C ALA A 27 -10.29 -3.03 4.25
N TYR A 28 -10.96 -2.84 3.15
CA TYR A 28 -11.10 -1.58 2.45
C TYR A 28 -11.96 -0.57 3.18
N ASN A 29 -11.76 -0.40 4.48
CA ASN A 29 -12.78 0.19 5.34
C ASN A 29 -12.97 1.67 5.00
N GLN A 30 -13.96 1.94 4.17
CA GLN A 30 -14.14 3.27 3.62
C GLN A 30 -14.38 4.30 4.73
N SER A 31 -14.71 3.81 5.91
CA SER A 31 -14.92 4.67 7.05
C SER A 31 -13.57 5.14 7.60
N ALA A 32 -12.57 4.26 7.60
CA ALA A 32 -11.23 4.63 8.03
C ALA A 32 -10.53 5.31 6.86
N ILE A 33 -10.92 4.90 5.68
CA ILE A 33 -10.39 5.48 4.45
C ILE A 33 -10.80 6.94 4.34
N ASP A 34 -12.05 7.20 4.68
CA ASP A 34 -12.59 8.54 4.66
C ASP A 34 -12.17 9.27 5.91
N ASP A 35 -11.66 8.50 6.85
CA ASP A 35 -11.10 9.03 8.08
C ASP A 35 -9.65 9.43 7.84
N SER A 36 -9.33 9.54 6.55
CA SER A 36 -8.00 9.87 6.02
C SER A 36 -7.22 10.92 6.82
N ASN A 37 -7.91 11.71 7.63
CA ASN A 37 -7.24 12.70 8.46
C ASN A 37 -6.39 12.03 9.54
N ASN A 38 -6.56 10.72 9.71
CA ASN A 38 -5.77 9.96 10.64
C ASN A 38 -4.31 10.04 10.29
N SER A 39 -3.47 10.05 11.32
CA SER A 39 -2.06 9.89 11.10
C SER A 39 -1.77 8.41 10.85
N ALA A 40 -2.83 7.59 10.93
CA ALA A 40 -2.72 6.19 10.59
C ALA A 40 -2.38 6.07 9.12
N TRP A 41 -2.59 7.16 8.40
CA TRP A 41 -2.33 7.18 6.99
C TRP A 41 -0.97 7.79 6.67
N ASP A 42 -0.34 8.40 7.67
CA ASP A 42 0.99 8.93 7.50
C ASP A 42 2.01 7.86 7.82
N PHE A 43 2.59 7.32 6.75
CA PHE A 43 3.55 6.22 6.85
C PHE A 43 4.70 6.58 7.79
N ALA A 44 5.45 7.61 7.36
CA ALA A 44 6.62 8.12 8.08
C ALA A 44 7.44 9.02 7.14
N ASP A 45 8.61 8.54 6.71
CA ASP A 45 9.47 9.27 5.79
C ASP A 45 10.19 8.31 4.85
N GLY A 46 9.84 8.35 3.56
CA GLY A 46 10.40 7.43 2.57
C GLY A 46 10.16 5.97 2.91
N VAL A 47 9.22 5.76 3.81
CA VAL A 47 8.84 4.45 4.28
C VAL A 47 8.14 3.71 3.15
N LEU A 48 7.32 4.44 2.44
CA LEU A 48 6.63 3.92 1.30
C LEU A 48 7.61 3.68 0.18
N GLU A 49 8.48 4.64 0.02
CA GLU A 49 9.50 4.61 -1.02
C GLU A 49 10.46 3.46 -0.78
N GLN A 50 10.40 2.95 0.43
CA GLN A 50 11.15 1.81 0.83
C GLN A 50 10.51 0.56 0.33
N ILE A 51 9.27 0.44 0.72
CA ILE A 51 8.47 -0.69 0.36
C ILE A 51 8.36 -0.76 -1.15
N LEU A 52 8.27 0.41 -1.74
CA LEU A 52 8.19 0.55 -3.18
C LEU A 52 9.51 0.23 -3.83
N ALA A 53 10.57 0.71 -3.22
CA ALA A 53 11.92 0.41 -3.68
C ALA A 53 12.10 -1.08 -3.65
N THR A 54 11.53 -1.66 -2.62
CA THR A 54 11.48 -3.07 -2.43
C THR A 54 10.57 -3.73 -3.48
N SER A 55 9.36 -3.20 -3.64
CA SER A 55 8.38 -3.71 -4.60
C SER A 55 9.00 -3.91 -5.98
N ARG A 56 9.68 -2.87 -6.47
CA ARG A 56 10.33 -2.93 -7.77
C ARG A 56 11.41 -4.01 -7.77
N SER A 57 12.17 -4.06 -6.69
CA SER A 57 13.21 -5.07 -6.50
C SER A 57 12.62 -6.48 -6.52
N ARG A 58 11.46 -6.62 -5.89
CA ARG A 58 10.74 -7.90 -5.83
C ARG A 58 10.27 -8.31 -7.21
N GLY A 59 9.99 -7.30 -8.00
CA GLY A 59 9.42 -7.52 -9.32
C GLY A 59 7.94 -7.25 -9.33
N TYR A 60 7.48 -6.51 -8.34
CA TYR A 60 6.10 -6.14 -8.22
C TYR A 60 5.79 -5.03 -9.22
N ILE A 61 6.65 -4.02 -9.22
CA ILE A 61 6.47 -2.84 -10.03
C ILE A 61 7.79 -2.36 -10.60
N THR A 62 7.70 -1.19 -11.18
CA THR A 62 8.84 -0.45 -11.67
C THR A 62 8.71 1.01 -11.25
N GLY A 63 9.84 1.65 -10.92
CA GLY A 63 9.87 3.07 -10.58
C GLY A 63 8.72 3.49 -9.69
N ASP A 64 7.97 4.48 -10.18
CA ASP A 64 6.78 4.94 -9.50
C ASP A 64 5.54 4.54 -10.29
N GLN A 65 5.72 3.54 -11.14
CA GLN A 65 4.64 2.97 -11.95
C GLN A 65 3.75 2.06 -11.12
N TYR A 66 3.56 2.41 -9.88
CA TYR A 66 2.76 1.60 -8.98
C TYR A 66 1.45 2.27 -8.71
N ILE A 67 0.52 1.53 -8.16
CA ILE A 67 -0.73 2.11 -7.75
C ILE A 67 -1.02 1.75 -6.32
N LEU A 68 -0.80 2.67 -5.45
CA LEU A 68 -1.03 2.42 -4.05
C LEU A 68 -2.42 2.95 -3.70
N GLU A 69 -3.05 2.38 -2.67
CA GLU A 69 -4.38 2.81 -2.27
C GLU A 69 -4.58 2.68 -0.77
N ARG A 70 -5.35 3.62 -0.22
CA ARG A 70 -5.74 3.56 1.17
C ARG A 70 -6.78 2.48 1.37
N VAL A 71 -6.59 1.70 2.41
CA VAL A 71 -7.42 0.54 2.62
C VAL A 71 -8.01 0.52 4.02
N ASN A 72 -7.18 0.42 5.04
CA ASN A 72 -7.68 0.18 6.39
C ASN A 72 -6.86 0.87 7.44
N ILE A 73 -7.45 1.03 8.60
CA ILE A 73 -6.70 1.50 9.76
C ILE A 73 -6.80 0.48 10.90
N VAL A 74 -5.68 -0.17 11.18
CA VAL A 74 -5.62 -1.13 12.28
C VAL A 74 -4.62 -0.64 13.31
N ASN A 75 -5.11 -0.29 14.49
CA ASN A 75 -4.28 0.24 15.57
C ASN A 75 -3.72 1.62 15.18
N GLY A 76 -4.21 2.14 14.08
CA GLY A 76 -3.61 3.34 13.53
C GLY A 76 -2.42 3.03 12.65
N ASN A 77 -2.30 1.77 12.23
CA ASN A 77 -1.19 1.32 11.39
C ASN A 77 -1.57 1.39 9.92
N GLY A 78 -2.32 2.43 9.55
CA GLY A 78 -2.97 2.55 8.23
C GLY A 78 -2.36 1.71 7.14
N TYR A 79 -3.16 0.79 6.63
CA TYR A 79 -2.71 -0.17 5.65
C TYR A 79 -3.00 0.33 4.25
N TYR A 80 -2.02 0.15 3.40
CA TYR A 80 -2.09 0.58 2.04
C TYR A 80 -1.86 -0.59 1.11
N ASN A 81 -2.63 -0.69 0.05
CA ASN A 81 -2.40 -1.74 -0.92
C ASN A 81 -1.55 -1.21 -2.03
N LEU A 82 -0.66 -2.03 -2.50
CA LEU A 82 0.17 -1.67 -3.62
C LEU A 82 -0.31 -2.44 -4.83
N TYR A 83 -0.52 -1.72 -5.89
CA TYR A 83 -1.07 -2.26 -7.11
C TYR A 83 -0.14 -1.97 -8.26
N LYS A 84 -0.30 -2.75 -9.30
CA LYS A 84 0.39 -2.50 -10.55
C LYS A 84 -0.32 -1.40 -11.30
N PRO A 85 0.31 -0.82 -12.34
CA PRO A 85 -0.34 0.19 -13.18
C PRO A 85 -1.64 -0.29 -13.78
N ASP A 86 -1.80 -1.61 -13.80
CA ASP A 86 -2.99 -2.22 -14.33
C ASP A 86 -4.02 -2.40 -13.23
N GLY A 87 -3.59 -2.12 -12.01
CA GLY A 87 -4.45 -2.26 -10.86
C GLY A 87 -4.26 -3.60 -10.16
N THR A 88 -3.34 -4.41 -10.66
CA THR A 88 -3.11 -5.72 -10.10
C THR A 88 -2.57 -5.63 -8.68
N TYR A 89 -3.29 -6.23 -7.74
CA TYR A 89 -2.86 -6.31 -6.35
C TYR A 89 -1.51 -6.97 -6.20
N LEU A 90 -0.65 -6.27 -5.50
CA LEU A 90 0.67 -6.73 -5.17
C LEU A 90 0.73 -7.16 -3.70
N PHE A 91 0.40 -6.23 -2.80
CA PHE A 91 0.35 -6.52 -1.38
C PHE A 91 -0.34 -5.41 -0.58
N THR A 92 -0.50 -5.69 0.71
CA THR A 92 -0.98 -4.72 1.66
C THR A 92 0.15 -4.38 2.61
N LEU A 93 0.46 -3.11 2.73
CA LEU A 93 1.55 -2.68 3.55
C LEU A 93 1.05 -1.86 4.72
N ASN A 94 1.91 -1.73 5.68
CA ASN A 94 1.66 -0.95 6.87
C ASN A 94 2.42 0.33 6.75
N CYS A 95 1.75 1.45 6.73
CA CYS A 95 2.41 2.72 6.54
C CYS A 95 3.27 3.02 7.76
N LYS A 96 2.74 2.67 8.92
CA LYS A 96 3.32 3.08 10.19
C LYS A 96 4.55 2.28 10.52
N THR A 97 4.76 1.20 9.81
CA THR A 97 5.92 0.35 10.05
C THR A 97 6.68 0.08 8.77
N GLY A 98 5.99 0.29 7.64
CA GLY A 98 6.56 0.01 6.35
C GLY A 98 6.67 -1.48 6.09
N TYR A 99 5.96 -2.24 6.91
CA TYR A 99 5.82 -3.67 6.72
C TYR A 99 4.89 -3.91 5.55
N PHE A 100 4.93 -5.10 4.99
CA PHE A 100 4.02 -5.45 3.91
C PHE A 100 3.67 -6.93 3.94
N VAL A 101 2.42 -7.19 3.64
CA VAL A 101 1.84 -8.52 3.75
C VAL A 101 1.48 -9.04 2.37
N GLY A 102 1.64 -10.33 2.16
CA GLY A 102 1.31 -10.91 0.88
C GLY A 102 -0.04 -11.62 0.94
N ASN A 103 -0.47 -12.16 -0.19
CA ASN A 103 -1.74 -12.87 -0.25
C ASN A 103 -1.55 -14.28 -0.78
N GLY A 104 -2.53 -15.14 -0.49
CA GLY A 104 -2.47 -16.51 -0.93
C GLY A 104 -3.85 -17.12 -1.07
N ALA A 105 -3.97 -18.38 -0.67
CA ALA A 105 -5.23 -19.10 -0.78
C ALA A 105 -6.16 -18.79 0.40
N GLY A 106 -6.53 -17.51 0.52
CA GLY A 106 -7.46 -17.11 1.56
C GLY A 106 -6.91 -17.33 2.95
N HIS A 107 -5.69 -16.88 3.18
CA HIS A 107 -5.05 -17.04 4.48
C HIS A 107 -4.35 -15.75 4.90
N ALA A 108 -4.16 -15.59 6.20
CA ALA A 108 -3.41 -14.47 6.72
C ALA A 108 -1.93 -14.75 6.65
N ASP A 109 -1.32 -14.17 5.64
CA ASP A 109 0.10 -14.27 5.46
C ASP A 109 0.83 -13.59 6.61
N ASP A 110 0.61 -12.29 6.74
CA ASP A 110 1.21 -11.51 7.81
C ASP A 110 0.14 -10.93 8.71
N LEU A 111 -1.09 -11.29 8.41
CA LEU A 111 -2.22 -10.64 9.05
C LEU A 111 -2.51 -11.26 10.41
N ASP A 112 -3.39 -10.62 11.14
CA ASP A 112 -3.66 -10.97 12.51
C ASP A 112 -5.04 -10.47 12.92
N TYR A 113 -5.39 -9.32 12.37
CA TYR A 113 -6.65 -8.64 12.69
C TYR A 113 -7.84 -9.55 12.40
N GLY A 1 18.35 16.43 -1.23
CA GLY A 1 18.29 15.02 -0.78
C GLY A 1 19.19 14.12 -1.60
N HIS A 2 19.75 13.11 -0.94
CA HIS A 2 20.58 12.11 -1.63
C HIS A 2 20.30 10.73 -1.06
N MET A 3 20.44 9.71 -1.91
CA MET A 3 20.10 8.32 -1.54
C MET A 3 18.59 8.18 -1.38
N SER A 4 17.93 7.71 -2.43
CA SER A 4 16.48 7.57 -2.46
C SER A 4 15.81 8.95 -2.40
N ARG A 5 14.48 8.98 -2.33
CA ARG A 5 13.75 10.22 -2.27
C ARG A 5 12.45 10.04 -1.48
N SER A 6 12.20 10.92 -0.53
CA SER A 6 10.97 10.89 0.23
C SER A 6 9.85 11.58 -0.55
N GLU A 7 8.74 10.88 -0.73
CA GLU A 7 7.64 11.35 -1.54
C GLU A 7 6.28 10.90 -0.95
N VAL A 8 6.18 9.61 -0.62
CA VAL A 8 4.95 9.00 -0.11
C VAL A 8 3.73 9.37 -0.97
N ASN A 9 3.47 8.57 -1.98
CA ASN A 9 2.32 8.79 -2.85
C ASN A 9 1.86 7.47 -3.47
N MET A 10 0.85 7.53 -4.32
CA MET A 10 0.31 6.32 -4.95
C MET A 10 0.91 6.10 -6.33
N GLY A 11 1.64 7.11 -6.74
CA GLY A 11 2.53 7.09 -7.90
C GLY A 11 1.86 6.98 -9.27
N LEU A 12 0.78 6.24 -9.36
CA LEU A 12 -0.06 6.28 -10.52
C LEU A 12 -1.47 6.63 -10.12
N SER A 13 -2.29 6.89 -11.10
CA SER A 13 -3.68 7.17 -10.89
C SER A 13 -4.52 5.91 -11.06
N SER A 14 -5.20 5.51 -9.99
CA SER A 14 -6.06 4.34 -10.01
C SER A 14 -7.43 4.71 -10.55
N ALA A 15 -7.48 5.79 -11.32
CA ALA A 15 -8.71 6.25 -11.91
C ALA A 15 -8.96 5.58 -13.25
N GLY A 16 -9.85 4.60 -13.26
CA GLY A 16 -10.16 3.87 -14.48
C GLY A 16 -9.39 2.58 -14.60
N VAL A 17 -8.42 2.41 -13.70
CA VAL A 17 -7.60 1.22 -13.69
C VAL A 17 -8.37 0.01 -13.23
N ALA A 18 -7.99 -1.13 -13.76
CA ALA A 18 -8.60 -2.37 -13.35
C ALA A 18 -7.86 -2.94 -12.14
N VAL A 19 -8.12 -2.31 -11.02
CA VAL A 19 -7.45 -2.63 -9.77
C VAL A 19 -8.16 -3.73 -9.01
N GLN A 20 -7.37 -4.67 -8.49
CA GLN A 20 -7.92 -5.78 -7.77
C GLN A 20 -8.10 -5.44 -6.31
N ARG A 21 -9.32 -5.11 -5.94
CA ARG A 21 -9.62 -4.77 -4.56
C ARG A 21 -10.00 -6.01 -3.78
N SER A 22 -10.66 -6.94 -4.47
CA SER A 22 -11.07 -8.19 -3.86
C SER A 22 -9.88 -9.03 -3.44
N ALA A 23 -8.71 -8.63 -3.91
CA ALA A 23 -7.48 -9.35 -3.64
C ALA A 23 -6.73 -8.73 -2.46
N SER A 24 -7.31 -7.69 -1.87
CA SER A 24 -6.67 -6.98 -0.78
C SER A 24 -6.66 -7.82 0.49
N ARG A 25 -5.50 -7.85 1.12
CA ARG A 25 -5.32 -8.57 2.37
C ARG A 25 -6.03 -7.89 3.53
N VAL A 26 -6.31 -6.61 3.39
CA VAL A 26 -6.90 -5.85 4.48
C VAL A 26 -8.15 -5.14 3.98
N ALA A 27 -9.09 -4.90 4.88
CA ALA A 27 -10.40 -4.37 4.50
C ALA A 27 -10.34 -2.90 4.09
N TYR A 28 -11.01 -2.64 3.00
CA TYR A 28 -11.16 -1.34 2.40
C TYR A 28 -12.04 -0.38 3.19
N ASN A 29 -11.84 -0.28 4.49
CA ASN A 29 -12.87 0.30 5.36
C ASN A 29 -13.01 1.80 5.07
N GLN A 30 -14.01 2.11 4.25
CA GLN A 30 -14.19 3.45 3.75
C GLN A 30 -14.44 4.43 4.90
N SER A 31 -14.76 3.90 6.06
CA SER A 31 -14.98 4.72 7.24
C SER A 31 -13.64 5.15 7.85
N ALA A 32 -12.61 4.32 7.67
CA ALA A 32 -11.26 4.69 8.09
C ALA A 32 -10.57 5.40 6.94
N ILE A 33 -10.99 5.03 5.74
CA ILE A 33 -10.47 5.62 4.52
C ILE A 33 -10.90 7.08 4.42
N ASP A 34 -12.16 7.31 4.72
CA ASP A 34 -12.75 8.64 4.69
C ASP A 34 -12.33 9.39 5.93
N ASP A 35 -11.72 8.65 6.83
CA ASP A 35 -11.17 9.18 8.06
C ASP A 35 -9.69 9.49 7.84
N SER A 36 -9.32 9.57 6.57
CA SER A 36 -7.95 9.82 6.11
C SER A 36 -7.20 10.89 6.95
N ASN A 37 -7.95 11.72 7.67
CA ASN A 37 -7.34 12.71 8.57
C ASN A 37 -6.54 12.05 9.68
N ASN A 38 -6.70 10.73 9.85
CA ASN A 38 -5.96 9.98 10.82
C ASN A 38 -4.48 10.04 10.55
N SER A 39 -3.70 10.07 11.62
CA SER A 39 -2.27 9.91 11.51
C SER A 39 -1.96 8.45 11.24
N ALA A 40 -3.00 7.62 11.22
CA ALA A 40 -2.87 6.22 10.88
C ALA A 40 -2.43 6.07 9.44
N TRP A 41 -2.59 7.12 8.68
CA TRP A 41 -2.30 7.09 7.25
C TRP A 41 -0.91 7.64 6.95
N ASP A 42 -0.29 8.25 7.95
CA ASP A 42 1.05 8.77 7.82
C ASP A 42 2.07 7.65 8.01
N PHE A 43 2.69 7.27 6.90
CA PHE A 43 3.68 6.21 6.91
C PHE A 43 4.88 6.56 7.82
N ALA A 44 5.60 7.61 7.40
CA ALA A 44 6.85 8.08 8.06
C ALA A 44 7.67 8.94 7.10
N ASP A 45 8.88 8.46 6.76
CA ASP A 45 9.79 9.17 5.84
C ASP A 45 10.48 8.18 4.91
N GLY A 46 10.15 8.27 3.61
CA GLY A 46 10.66 7.33 2.62
C GLY A 46 10.40 5.89 3.02
N VAL A 47 9.34 5.71 3.78
CA VAL A 47 8.91 4.44 4.28
C VAL A 47 8.17 3.70 3.18
N LEU A 48 7.35 4.44 2.47
CA LEU A 48 6.61 3.90 1.36
C LEU A 48 7.54 3.70 0.20
N GLU A 49 8.38 4.67 0.04
CA GLU A 49 9.38 4.72 -0.99
C GLU A 49 10.40 3.62 -0.80
N GLN A 50 10.33 3.03 0.38
CA GLN A 50 11.11 1.87 0.74
C GLN A 50 10.46 0.62 0.24
N ILE A 51 9.22 0.49 0.61
CA ILE A 51 8.41 -0.64 0.26
C ILE A 51 8.24 -0.69 -1.23
N LEU A 52 8.20 0.50 -1.80
CA LEU A 52 8.13 0.68 -3.22
C LEU A 52 9.45 0.36 -3.87
N ALA A 53 10.52 0.83 -3.25
CA ALA A 53 11.86 0.51 -3.71
C ALA A 53 12.02 -1.00 -3.69
N THR A 54 11.42 -1.58 -2.68
CA THR A 54 11.35 -3.00 -2.51
C THR A 54 10.49 -3.64 -3.60
N SER A 55 9.23 -3.19 -3.72
CA SER A 55 8.29 -3.79 -4.67
C SER A 55 8.90 -3.89 -6.06
N ARG A 56 9.60 -2.86 -6.49
CA ARG A 56 10.27 -2.88 -7.79
C ARG A 56 11.38 -3.92 -7.81
N SER A 57 12.21 -3.92 -6.78
CA SER A 57 13.30 -4.86 -6.64
C SER A 57 12.78 -6.30 -6.63
N ARG A 58 11.66 -6.48 -5.96
CA ARG A 58 11.01 -7.78 -5.84
C ARG A 58 10.45 -8.23 -7.17
N GLY A 59 10.08 -7.26 -7.99
CA GLY A 59 9.52 -7.53 -9.29
C GLY A 59 8.03 -7.33 -9.31
N TYR A 60 7.54 -6.58 -8.34
CA TYR A 60 6.14 -6.23 -8.25
C TYR A 60 5.82 -5.12 -9.25
N ILE A 61 6.66 -4.09 -9.24
CA ILE A 61 6.47 -2.92 -10.06
C ILE A 61 7.77 -2.41 -10.63
N THR A 62 7.65 -1.24 -11.21
CA THR A 62 8.78 -0.47 -11.69
C THR A 62 8.63 0.99 -11.24
N GLY A 63 9.77 1.60 -10.89
CA GLY A 63 9.80 3.01 -10.54
C GLY A 63 8.65 3.47 -9.69
N ASP A 64 7.90 4.42 -10.21
CA ASP A 64 6.71 4.92 -9.56
C ASP A 64 5.48 4.53 -10.35
N GLN A 65 5.64 3.51 -11.18
CA GLN A 65 4.57 2.94 -11.99
C GLN A 65 3.70 2.02 -11.16
N TYR A 66 3.52 2.36 -9.92
CA TYR A 66 2.73 1.53 -9.03
C TYR A 66 1.41 2.21 -8.74
N ILE A 67 0.49 1.46 -8.18
CA ILE A 67 -0.76 2.03 -7.77
C ILE A 67 -1.04 1.66 -6.33
N LEU A 68 -0.80 2.58 -5.46
CA LEU A 68 -1.02 2.35 -4.06
C LEU A 68 -2.42 2.87 -3.71
N GLU A 69 -3.02 2.36 -2.64
CA GLU A 69 -4.34 2.81 -2.23
C GLU A 69 -4.52 2.71 -0.73
N ARG A 70 -5.27 3.65 -0.17
CA ARG A 70 -5.65 3.60 1.23
C ARG A 70 -6.73 2.58 1.44
N VAL A 71 -6.57 1.79 2.47
CA VAL A 71 -7.43 0.65 2.69
C VAL A 71 -8.04 0.64 4.07
N ASN A 72 -7.22 0.47 5.09
CA ASN A 72 -7.76 0.20 6.42
C ASN A 72 -6.93 0.85 7.50
N ILE A 73 -7.54 1.04 8.66
CA ILE A 73 -6.80 1.50 9.82
C ILE A 73 -6.87 0.46 10.93
N VAL A 74 -5.74 -0.19 11.18
CA VAL A 74 -5.65 -1.19 12.23
C VAL A 74 -4.73 -0.70 13.32
N ASN A 75 -5.30 -0.33 14.47
CA ASN A 75 -4.52 0.18 15.60
C ASN A 75 -3.92 1.55 15.24
N GLY A 76 -4.34 2.09 14.12
CA GLY A 76 -3.71 3.28 13.60
C GLY A 76 -2.51 2.96 12.73
N ASN A 77 -2.40 1.70 12.29
CA ASN A 77 -1.29 1.26 11.46
C ASN A 77 -1.65 1.33 9.99
N GLY A 78 -2.38 2.39 9.64
CA GLY A 78 -3.01 2.55 8.31
C GLY A 78 -2.39 1.72 7.21
N TYR A 79 -3.19 0.81 6.70
CA TYR A 79 -2.73 -0.13 5.69
C TYR A 79 -3.00 0.38 4.31
N TYR A 80 -1.99 0.25 3.49
CA TYR A 80 -2.04 0.66 2.11
C TYR A 80 -1.76 -0.53 1.24
N ASN A 81 -2.51 -0.70 0.18
CA ASN A 81 -2.21 -1.80 -0.71
C ASN A 81 -1.56 -1.29 -1.98
N LEU A 82 -0.65 -2.10 -2.49
CA LEU A 82 0.10 -1.75 -3.66
C LEU A 82 -0.42 -2.52 -4.84
N TYR A 83 -0.59 -1.82 -5.93
CA TYR A 83 -1.11 -2.37 -7.15
C TYR A 83 -0.16 -2.09 -8.30
N LYS A 84 -0.32 -2.86 -9.34
CA LYS A 84 0.38 -2.63 -10.58
C LYS A 84 -0.31 -1.50 -11.33
N PRO A 85 0.33 -0.92 -12.35
CA PRO A 85 -0.29 0.15 -13.14
C PRO A 85 -1.60 -0.30 -13.75
N ASP A 86 -1.78 -1.59 -13.83
CA ASP A 86 -2.98 -2.16 -14.40
C ASP A 86 -3.96 -2.52 -13.30
N GLY A 87 -3.58 -2.23 -12.07
CA GLY A 87 -4.46 -2.42 -10.94
C GLY A 87 -4.29 -3.77 -10.27
N THR A 88 -3.35 -4.58 -10.75
CA THR A 88 -3.13 -5.88 -10.15
C THR A 88 -2.59 -5.76 -8.72
N TYR A 89 -3.33 -6.35 -7.78
CA TYR A 89 -2.89 -6.41 -6.39
C TYR A 89 -1.53 -7.07 -6.23
N LEU A 90 -0.67 -6.35 -5.54
CA LEU A 90 0.66 -6.80 -5.20
C LEU A 90 0.74 -7.23 -3.74
N PHE A 91 0.44 -6.29 -2.84
CA PHE A 91 0.43 -6.56 -1.39
C PHE A 91 -0.26 -5.44 -0.62
N THR A 92 -0.41 -5.68 0.67
CA THR A 92 -0.90 -4.68 1.59
C THR A 92 0.19 -4.36 2.59
N LEU A 93 0.50 -3.10 2.73
CA LEU A 93 1.59 -2.68 3.57
C LEU A 93 1.10 -1.87 4.75
N ASN A 94 1.97 -1.73 5.70
CA ASN A 94 1.73 -0.94 6.89
C ASN A 94 2.50 0.35 6.73
N CYS A 95 1.81 1.46 6.78
CA CYS A 95 2.47 2.74 6.60
C CYS A 95 3.31 3.06 7.81
N LYS A 96 2.73 2.81 8.98
CA LYS A 96 3.31 3.17 10.25
C LYS A 96 4.57 2.39 10.55
N THR A 97 4.68 1.21 9.96
CA THR A 97 5.83 0.38 10.19
C THR A 97 6.61 0.17 8.90
N GLY A 98 5.94 0.37 7.77
CA GLY A 98 6.56 0.20 6.49
C GLY A 98 6.72 -1.28 6.15
N TYR A 99 6.02 -2.11 6.90
CA TYR A 99 5.99 -3.53 6.64
C TYR A 99 5.01 -3.81 5.52
N PHE A 100 5.04 -5.01 4.98
CA PHE A 100 4.12 -5.37 3.92
C PHE A 100 3.76 -6.84 3.99
N VAL A 101 2.51 -7.12 3.68
CA VAL A 101 1.92 -8.43 3.81
C VAL A 101 1.61 -8.98 2.43
N GLY A 102 1.83 -10.27 2.24
CA GLY A 102 1.51 -10.88 0.97
C GLY A 102 0.17 -11.57 1.03
N ASN A 103 -0.21 -12.29 -0.01
CA ASN A 103 -1.49 -12.98 -0.06
C ASN A 103 -1.36 -14.39 -0.64
N GLY A 104 -1.15 -15.36 0.25
CA GLY A 104 -1.04 -16.74 -0.19
C GLY A 104 -1.29 -17.71 0.94
N ALA A 105 -0.93 -17.33 2.16
CA ALA A 105 -1.07 -18.21 3.31
C ALA A 105 -2.47 -18.10 3.93
N GLY A 106 -3.49 -18.37 3.12
CA GLY A 106 -4.84 -18.36 3.62
C GLY A 106 -5.47 -16.99 3.59
N HIS A 107 -6.10 -16.62 4.69
CA HIS A 107 -6.79 -15.32 4.80
C HIS A 107 -5.84 -14.28 5.39
N ALA A 108 -5.18 -14.66 6.47
CA ALA A 108 -4.29 -13.74 7.16
C ALA A 108 -2.87 -14.23 7.11
N ASP A 109 -2.18 -13.86 6.04
CA ASP A 109 -0.76 -14.08 5.93
C ASP A 109 -0.01 -13.46 7.10
N ASP A 110 -0.19 -12.16 7.25
CA ASP A 110 0.46 -11.40 8.31
C ASP A 110 -0.58 -10.83 9.26
N LEU A 111 -1.82 -10.87 8.80
CA LEU A 111 -2.87 -10.05 9.39
C LEU A 111 -3.31 -10.58 10.72
N ASP A 112 -3.99 -9.71 11.46
CA ASP A 112 -4.33 -9.96 12.84
C ASP A 112 -5.67 -9.34 13.19
N TYR A 113 -6.02 -8.29 12.45
CA TYR A 113 -7.21 -7.51 12.73
C TYR A 113 -8.47 -8.37 12.64
N GLY A 1 14.02 20.35 -5.82
CA GLY A 1 14.64 19.12 -5.24
C GLY A 1 13.67 17.96 -5.21
N HIS A 2 13.86 17.07 -4.23
CA HIS A 2 12.97 15.91 -4.04
C HIS A 2 12.94 15.04 -5.29
N MET A 3 14.06 14.97 -5.99
CA MET A 3 14.15 14.18 -7.21
C MET A 3 14.22 12.69 -6.88
N SER A 4 14.85 12.37 -5.76
CA SER A 4 15.02 10.99 -5.35
C SER A 4 14.90 10.87 -3.83
N ARG A 5 14.13 11.77 -3.21
CA ARG A 5 14.02 11.79 -1.76
C ARG A 5 12.57 11.69 -1.29
N SER A 6 12.23 10.48 -0.87
CA SER A 6 10.95 10.15 -0.23
C SER A 6 9.75 10.85 -0.85
N GLU A 7 9.21 10.23 -1.87
CA GLU A 7 8.02 10.72 -2.52
C GLU A 7 6.76 10.36 -1.73
N VAL A 8 6.67 9.10 -1.29
CA VAL A 8 5.50 8.57 -0.58
C VAL A 8 4.17 9.04 -1.18
N ASN A 9 3.66 8.30 -2.15
CA ASN A 9 2.37 8.62 -2.74
C ASN A 9 1.80 7.40 -3.46
N MET A 10 0.81 7.59 -4.32
CA MET A 10 0.19 6.48 -5.03
C MET A 10 0.89 6.18 -6.36
N GLY A 11 1.70 7.12 -6.75
CA GLY A 11 2.60 7.06 -7.89
C GLY A 11 1.95 6.97 -9.27
N LEU A 12 0.85 6.26 -9.37
CA LEU A 12 0.02 6.32 -10.55
C LEU A 12 -1.37 6.70 -10.16
N SER A 13 -2.19 6.95 -11.16
CA SER A 13 -3.56 7.26 -10.93
C SER A 13 -4.40 6.00 -11.05
N SER A 14 -5.13 5.67 -9.98
CA SER A 14 -6.02 4.52 -10.00
C SER A 14 -7.33 4.88 -10.69
N ALA A 15 -7.27 5.89 -11.54
CA ALA A 15 -8.42 6.33 -12.32
C ALA A 15 -8.52 5.54 -13.62
N GLY A 16 -9.57 4.74 -13.73
CA GLY A 16 -9.78 3.94 -14.93
C GLY A 16 -9.08 2.60 -14.86
N VAL A 17 -8.25 2.43 -13.86
CA VAL A 17 -7.47 1.23 -13.69
C VAL A 17 -8.31 0.07 -13.20
N ALA A 18 -7.93 -1.11 -13.62
CA ALA A 18 -8.59 -2.30 -13.17
C ALA A 18 -7.87 -2.86 -11.96
N VAL A 19 -8.08 -2.20 -10.85
CA VAL A 19 -7.40 -2.52 -9.61
C VAL A 19 -8.11 -3.60 -8.82
N GLN A 20 -7.34 -4.57 -8.34
CA GLN A 20 -7.89 -5.66 -7.58
C GLN A 20 -8.07 -5.26 -6.12
N ARG A 21 -9.30 -4.93 -5.77
CA ARG A 21 -9.61 -4.53 -4.43
C ARG A 21 -9.99 -5.73 -3.58
N SER A 22 -10.70 -6.67 -4.20
CA SER A 22 -11.13 -7.88 -3.53
C SER A 22 -9.94 -8.78 -3.19
N ALA A 23 -8.80 -8.47 -3.79
CA ALA A 23 -7.59 -9.25 -3.59
C ALA A 23 -6.81 -8.73 -2.39
N SER A 24 -7.36 -7.72 -1.72
CA SER A 24 -6.70 -7.07 -0.60
C SER A 24 -6.67 -7.98 0.62
N ARG A 25 -5.53 -7.98 1.31
CA ARG A 25 -5.34 -8.77 2.51
C ARG A 25 -5.90 -8.07 3.73
N VAL A 26 -6.22 -6.80 3.57
CA VAL A 26 -6.77 -6.01 4.65
C VAL A 26 -8.04 -5.30 4.18
N ALA A 27 -8.97 -5.07 5.10
CA ALA A 27 -10.27 -4.55 4.72
C ALA A 27 -10.20 -3.12 4.21
N TYR A 28 -10.87 -2.92 3.11
CA TYR A 28 -11.04 -1.67 2.41
C TYR A 28 -11.94 -0.69 3.17
N ASN A 29 -11.73 -0.53 4.46
CA ASN A 29 -12.77 0.02 5.33
C ASN A 29 -13.02 1.49 5.03
N GLN A 30 -14.07 1.72 4.25
CA GLN A 30 -14.34 3.04 3.71
C GLN A 30 -14.63 4.04 4.82
N SER A 31 -14.80 3.53 6.04
CA SER A 31 -15.01 4.39 7.20
C SER A 31 -13.66 4.90 7.71
N ALA A 32 -12.61 4.07 7.61
CA ALA A 32 -11.27 4.50 7.97
C ALA A 32 -10.64 5.20 6.79
N ILE A 33 -11.06 4.78 5.61
CA ILE A 33 -10.60 5.36 4.36
C ILE A 33 -11.08 6.80 4.25
N ASP A 34 -12.35 6.99 4.60
CA ASP A 34 -12.95 8.31 4.57
C ASP A 34 -12.44 9.11 5.76
N ASP A 35 -11.88 8.38 6.69
CA ASP A 35 -11.29 8.94 7.89
C ASP A 35 -9.83 9.30 7.64
N SER A 36 -9.50 9.36 6.34
CA SER A 36 -8.14 9.59 5.83
C SER A 36 -7.39 10.72 6.54
N ASN A 37 -8.09 11.55 7.32
CA ASN A 37 -7.45 12.60 8.09
C ASN A 37 -6.60 12.01 9.22
N ASN A 38 -6.77 10.70 9.47
CA ASN A 38 -6.04 10.01 10.49
C ASN A 38 -4.55 10.08 10.28
N SER A 39 -3.82 10.17 11.38
CA SER A 39 -2.39 10.00 11.34
C SER A 39 -2.05 8.54 11.07
N ALA A 40 -3.08 7.69 11.05
CA ALA A 40 -2.92 6.30 10.74
C ALA A 40 -2.46 6.13 9.31
N TRP A 41 -2.65 7.15 8.51
CA TRP A 41 -2.34 7.09 7.09
C TRP A 41 -0.96 7.67 6.79
N ASP A 42 -0.35 8.27 7.80
CA ASP A 42 0.98 8.84 7.68
C ASP A 42 2.03 7.75 7.89
N PHE A 43 2.65 7.33 6.79
CA PHE A 43 3.66 6.28 6.82
C PHE A 43 4.84 6.68 7.72
N ALA A 44 5.55 7.73 7.29
CA ALA A 44 6.73 8.30 7.96
C ALA A 44 7.51 9.19 6.98
N ASP A 45 8.63 8.65 6.48
CA ASP A 45 9.43 9.31 5.45
C ASP A 45 10.20 8.28 4.65
N GLY A 46 9.95 8.25 3.36
CA GLY A 46 10.61 7.28 2.49
C GLY A 46 10.29 5.84 2.87
N VAL A 47 9.34 5.70 3.77
CA VAL A 47 8.92 4.42 4.29
C VAL A 47 8.20 3.65 3.19
N LEU A 48 7.44 4.39 2.42
CA LEU A 48 6.71 3.84 1.31
C LEU A 48 7.67 3.57 0.18
N GLU A 49 8.57 4.51 0.03
CA GLU A 49 9.57 4.47 -1.01
C GLU A 49 10.52 3.32 -0.76
N GLN A 50 10.47 2.82 0.45
CA GLN A 50 11.22 1.67 0.85
C GLN A 50 10.58 0.43 0.34
N ILE A 51 9.33 0.32 0.71
CA ILE A 51 8.51 -0.79 0.34
C ILE A 51 8.39 -0.84 -1.16
N LEU A 52 8.31 0.34 -1.74
CA LEU A 52 8.22 0.50 -3.17
C LEU A 52 9.54 0.16 -3.82
N ALA A 53 10.61 0.66 -3.22
CA ALA A 53 11.96 0.36 -3.69
C ALA A 53 12.13 -1.14 -3.70
N THR A 54 11.58 -1.73 -2.66
CA THR A 54 11.51 -3.15 -2.54
C THR A 54 10.62 -3.74 -3.63
N SER A 55 9.38 -3.24 -3.75
CA SER A 55 8.40 -3.74 -4.70
C SER A 55 9.01 -3.90 -6.10
N ARG A 56 9.70 -2.86 -6.56
CA ARG A 56 10.31 -2.87 -7.88
C ARG A 56 11.42 -3.92 -7.96
N SER A 57 12.23 -4.01 -6.91
CA SER A 57 13.30 -4.97 -6.84
C SER A 57 12.77 -6.39 -6.73
N ARG A 58 11.61 -6.53 -6.10
CA ARG A 58 10.93 -7.82 -5.96
C ARG A 58 10.37 -8.26 -7.29
N GLY A 59 10.03 -7.26 -8.09
CA GLY A 59 9.45 -7.50 -9.40
C GLY A 59 7.95 -7.28 -9.39
N TYR A 60 7.50 -6.52 -8.40
CA TYR A 60 6.10 -6.15 -8.28
C TYR A 60 5.78 -5.03 -9.26
N ILE A 61 6.63 -4.02 -9.27
CA ILE A 61 6.43 -2.85 -10.09
C ILE A 61 7.72 -2.34 -10.68
N THR A 62 7.61 -1.17 -11.26
CA THR A 62 8.72 -0.40 -11.73
C THR A 62 8.56 1.04 -11.28
N GLY A 63 9.66 1.65 -10.87
CA GLY A 63 9.68 3.06 -10.50
C GLY A 63 8.45 3.51 -9.75
N ASP A 64 7.87 4.60 -10.21
CA ASP A 64 6.65 5.13 -9.62
C ASP A 64 5.43 4.66 -10.37
N GLN A 65 5.62 3.64 -11.19
CA GLN A 65 4.56 3.03 -11.97
C GLN A 65 3.72 2.10 -11.12
N TYR A 66 3.54 2.45 -9.89
CA TYR A 66 2.77 1.64 -8.97
C TYR A 66 1.45 2.31 -8.69
N ILE A 67 0.53 1.57 -8.13
CA ILE A 67 -0.72 2.14 -7.72
C ILE A 67 -1.01 1.78 -6.29
N LEU A 68 -0.78 2.69 -5.42
CA LEU A 68 -0.99 2.46 -4.02
C LEU A 68 -2.38 2.98 -3.64
N GLU A 69 -3.00 2.39 -2.63
CA GLU A 69 -4.34 2.83 -2.22
C GLU A 69 -4.55 2.70 -0.73
N ARG A 70 -5.29 3.64 -0.16
CA ARG A 70 -5.69 3.57 1.22
C ARG A 70 -6.74 2.51 1.40
N VAL A 71 -6.56 1.69 2.43
CA VAL A 71 -7.40 0.54 2.63
C VAL A 71 -8.00 0.49 4.01
N ASN A 72 -7.17 0.39 5.04
CA ASN A 72 -7.69 0.12 6.38
C ASN A 72 -6.89 0.83 7.44
N ILE A 73 -7.49 0.99 8.61
CA ILE A 73 -6.77 1.49 9.77
C ILE A 73 -6.87 0.50 10.92
N VAL A 74 -5.75 -0.12 11.23
CA VAL A 74 -5.68 -1.07 12.34
C VAL A 74 -4.77 -0.51 13.41
N ASN A 75 -5.35 -0.10 14.54
CA ASN A 75 -4.58 0.48 15.65
C ASN A 75 -3.98 1.84 15.22
N GLY A 76 -4.39 2.30 14.07
CA GLY A 76 -3.75 3.46 13.49
C GLY A 76 -2.56 3.10 12.63
N ASN A 77 -2.46 1.83 12.24
CA ASN A 77 -1.36 1.36 11.40
C ASN A 77 -1.72 1.42 9.93
N GLY A 78 -2.44 2.48 9.55
CA GLY A 78 -3.08 2.58 8.23
C GLY A 78 -2.44 1.76 7.13
N TYR A 79 -3.20 0.81 6.64
CA TYR A 79 -2.71 -0.14 5.65
C TYR A 79 -3.00 0.36 4.26
N TYR A 80 -2.00 0.18 3.42
CA TYR A 80 -2.05 0.61 2.04
C TYR A 80 -1.82 -0.56 1.13
N ASN A 81 -2.59 -0.66 0.07
CA ASN A 81 -2.36 -1.72 -0.90
C ASN A 81 -1.51 -1.18 -2.02
N LEU A 82 -0.62 -2.01 -2.50
CA LEU A 82 0.22 -1.66 -3.61
C LEU A 82 -0.28 -2.42 -4.82
N TYR A 83 -0.51 -1.69 -5.87
CA TYR A 83 -1.05 -2.24 -7.09
C TYR A 83 -0.12 -1.96 -8.25
N LYS A 84 -0.28 -2.75 -9.27
CA LYS A 84 0.41 -2.53 -10.52
C LYS A 84 -0.29 -1.41 -11.28
N PRO A 85 0.34 -0.84 -12.32
CA PRO A 85 -0.31 0.17 -13.16
C PRO A 85 -1.61 -0.35 -13.75
N ASP A 86 -1.74 -1.67 -13.75
CA ASP A 86 -2.90 -2.32 -14.27
C ASP A 86 -3.91 -2.55 -13.16
N GLY A 87 -3.55 -2.12 -11.96
CA GLY A 87 -4.43 -2.26 -10.81
C GLY A 87 -4.26 -3.60 -10.12
N THR A 88 -3.36 -4.42 -10.63
CA THR A 88 -3.14 -5.74 -10.06
C THR A 88 -2.60 -5.66 -8.63
N TYR A 89 -3.33 -6.26 -7.70
CA TYR A 89 -2.91 -6.35 -6.31
C TYR A 89 -1.56 -7.01 -6.18
N LEU A 90 -0.69 -6.30 -5.50
CA LEU A 90 0.65 -6.78 -5.19
C LEU A 90 0.71 -7.20 -3.72
N PHE A 91 0.42 -6.26 -2.83
CA PHE A 91 0.35 -6.55 -1.39
C PHE A 91 -0.32 -5.42 -0.62
N THR A 92 -0.49 -5.69 0.66
CA THR A 92 -0.97 -4.71 1.61
C THR A 92 0.16 -4.38 2.57
N LEU A 93 0.49 -3.12 2.69
CA LEU A 93 1.58 -2.70 3.51
C LEU A 93 1.08 -1.88 4.68
N ASN A 94 1.95 -1.70 5.64
CA ASN A 94 1.68 -0.90 6.81
C ASN A 94 2.46 0.39 6.65
N CYS A 95 1.79 1.51 6.72
CA CYS A 95 2.47 2.77 6.53
C CYS A 95 3.25 3.11 7.79
N LYS A 96 2.67 2.76 8.92
CA LYS A 96 3.19 3.15 10.21
C LYS A 96 4.45 2.37 10.56
N THR A 97 4.58 1.20 9.96
CA THR A 97 5.74 0.38 10.23
C THR A 97 6.53 0.12 8.96
N GLY A 98 5.88 0.30 7.81
CA GLY A 98 6.52 0.04 6.54
C GLY A 98 6.61 -1.44 6.25
N TYR A 99 5.84 -2.21 7.01
CA TYR A 99 5.71 -3.63 6.79
C TYR A 99 4.87 -3.87 5.55
N PHE A 100 4.93 -5.07 5.02
CA PHE A 100 4.06 -5.44 3.91
C PHE A 100 3.69 -6.91 3.97
N VAL A 101 2.43 -7.16 3.68
CA VAL A 101 1.85 -8.47 3.81
C VAL A 101 1.51 -9.01 2.43
N GLY A 102 1.66 -10.30 2.25
CA GLY A 102 1.28 -10.91 1.00
C GLY A 102 -0.09 -11.56 1.12
N ASN A 103 -0.57 -12.15 0.04
CA ASN A 103 -1.87 -12.82 0.06
C ASN A 103 -1.70 -14.26 -0.41
N GLY A 104 -2.76 -15.05 -0.28
CA GLY A 104 -2.69 -16.44 -0.65
C GLY A 104 -3.93 -17.20 -0.24
N ALA A 105 -3.76 -18.46 0.17
CA ALA A 105 -4.88 -19.29 0.58
C ALA A 105 -5.23 -19.07 2.04
N GLY A 106 -6.26 -18.27 2.27
CA GLY A 106 -6.69 -18.00 3.63
C GLY A 106 -7.11 -16.56 3.83
N HIS A 107 -7.20 -16.14 5.08
CA HIS A 107 -7.60 -14.79 5.40
C HIS A 107 -6.40 -13.91 5.73
N ALA A 108 -5.41 -14.51 6.38
CA ALA A 108 -4.28 -13.75 6.88
C ALA A 108 -2.96 -14.45 6.60
N ASP A 109 -2.10 -13.73 5.89
CA ASP A 109 -0.72 -14.14 5.71
C ASP A 109 0.13 -13.61 6.86
N ASP A 110 0.15 -12.31 6.99
CA ASP A 110 0.94 -11.62 8.00
C ASP A 110 0.04 -10.93 8.99
N LEU A 111 -1.26 -11.03 8.75
CA LEU A 111 -2.21 -10.21 9.44
C LEU A 111 -2.53 -10.78 10.80
N ASP A 112 -3.10 -9.95 11.63
CA ASP A 112 -3.31 -10.27 13.03
C ASP A 112 -4.64 -9.71 13.51
N TYR A 113 -5.12 -8.69 12.83
CA TYR A 113 -6.33 -8.02 13.22
C TYR A 113 -7.54 -8.95 13.13
N GLY A 1 15.93 15.94 4.82
CA GLY A 1 15.78 17.33 4.34
C GLY A 1 16.53 17.56 3.04
N HIS A 2 16.26 18.70 2.40
CA HIS A 2 16.87 19.08 1.13
C HIS A 2 16.68 17.99 0.07
N MET A 3 15.48 17.93 -0.49
CA MET A 3 15.12 16.94 -1.50
C MET A 3 15.40 15.53 -0.99
N SER A 4 14.71 15.17 0.07
CA SER A 4 14.87 13.86 0.69
C SER A 4 14.31 12.76 -0.22
N ARG A 5 14.83 11.55 -0.06
CA ARG A 5 14.28 10.39 -0.74
C ARG A 5 13.03 9.94 0.00
N SER A 6 12.03 10.82 0.05
CA SER A 6 10.81 10.56 0.78
C SER A 6 9.63 11.29 0.16
N GLU A 7 8.99 10.62 -0.77
CA GLU A 7 7.83 11.17 -1.45
C GLU A 7 6.54 10.68 -0.80
N VAL A 8 6.38 9.34 -0.73
CA VAL A 8 5.17 8.72 -0.21
C VAL A 8 3.93 9.17 -0.97
N ASN A 9 3.55 8.42 -1.98
CA ASN A 9 2.38 8.72 -2.77
C ASN A 9 1.82 7.45 -3.43
N MET A 10 0.85 7.61 -4.31
CA MET A 10 0.22 6.47 -5.00
C MET A 10 0.86 6.19 -6.34
N GLY A 11 1.68 7.14 -6.74
CA GLY A 11 2.55 7.09 -7.93
C GLY A 11 1.87 6.98 -9.28
N LEU A 12 0.79 6.24 -9.37
CA LEU A 12 -0.06 6.27 -10.54
C LEU A 12 -1.45 6.65 -10.12
N SER A 13 -2.30 6.85 -11.10
CA SER A 13 -3.68 7.13 -10.87
C SER A 13 -4.53 5.87 -10.97
N SER A 14 -5.17 5.50 -9.87
CA SER A 14 -6.05 4.34 -9.85
C SER A 14 -7.42 4.69 -10.41
N ALA A 15 -7.48 5.76 -11.19
CA ALA A 15 -8.70 6.20 -11.81
C ALA A 15 -8.90 5.51 -13.15
N GLY A 16 -9.86 4.60 -13.21
CA GLY A 16 -10.14 3.87 -14.44
C GLY A 16 -9.38 2.57 -14.52
N VAL A 17 -8.41 2.41 -13.64
CA VAL A 17 -7.58 1.22 -13.61
C VAL A 17 -8.37 0.00 -13.16
N ALA A 18 -7.98 -1.13 -13.70
CA ALA A 18 -8.59 -2.37 -13.30
C ALA A 18 -7.85 -2.94 -12.10
N VAL A 19 -8.09 -2.32 -10.97
CA VAL A 19 -7.39 -2.66 -9.74
C VAL A 19 -8.11 -3.76 -8.97
N GLN A 20 -7.33 -4.71 -8.48
CA GLN A 20 -7.87 -5.80 -7.71
C GLN A 20 -8.06 -5.38 -6.27
N ARG A 21 -9.29 -5.09 -5.90
CA ARG A 21 -9.59 -4.68 -4.54
C ARG A 21 -10.03 -5.87 -3.72
N SER A 22 -10.66 -6.84 -4.38
CA SER A 22 -11.15 -8.03 -3.71
C SER A 22 -9.99 -8.97 -3.36
N ALA A 23 -8.80 -8.59 -3.81
CA ALA A 23 -7.60 -9.36 -3.59
C ALA A 23 -6.85 -8.83 -2.37
N SER A 24 -7.40 -7.80 -1.76
CA SER A 24 -6.77 -7.11 -0.65
C SER A 24 -6.76 -7.98 0.61
N ARG A 25 -5.62 -7.95 1.30
CA ARG A 25 -5.46 -8.65 2.56
C ARG A 25 -6.18 -7.97 3.71
N VAL A 26 -6.44 -6.69 3.55
CA VAL A 26 -7.03 -5.91 4.63
C VAL A 26 -8.29 -5.19 4.13
N ALA A 27 -9.20 -4.89 5.03
CA ALA A 27 -10.49 -4.34 4.63
C ALA A 27 -10.40 -2.90 4.16
N TYR A 28 -11.05 -2.67 3.05
CA TYR A 28 -11.16 -1.40 2.37
C TYR A 28 -12.01 -0.37 3.10
N ASN A 29 -11.81 -0.21 4.40
CA ASN A 29 -12.84 0.41 5.25
C ASN A 29 -12.98 1.88 4.91
N GLN A 30 -13.97 2.18 4.08
CA GLN A 30 -14.12 3.52 3.52
C GLN A 30 -14.35 4.55 4.61
N SER A 31 -14.68 4.09 5.80
CA SER A 31 -14.85 4.96 6.94
C SER A 31 -13.49 5.39 7.49
N ALA A 32 -12.53 4.46 7.51
CA ALA A 32 -11.18 4.80 7.94
C ALA A 32 -10.47 5.46 6.78
N ILE A 33 -10.87 5.06 5.59
CA ILE A 33 -10.32 5.61 4.36
C ILE A 33 -10.71 7.07 4.23
N ASP A 34 -11.95 7.36 4.54
CA ASP A 34 -12.47 8.71 4.47
C ASP A 34 -12.02 9.46 5.71
N ASP A 35 -11.49 8.69 6.64
CA ASP A 35 -10.90 9.21 7.86
C ASP A 35 -9.43 9.50 7.63
N SER A 36 -9.06 9.57 6.33
CA SER A 36 -7.69 9.81 5.88
C SER A 36 -6.97 10.97 6.59
N ASN A 37 -7.69 11.72 7.42
CA ASN A 37 -7.05 12.72 8.26
C ASN A 37 -6.22 12.07 9.37
N ASN A 38 -6.43 10.77 9.58
CA ASN A 38 -5.72 10.04 10.60
C ASN A 38 -4.23 10.07 10.39
N SER A 39 -3.51 10.04 11.50
CA SER A 39 -2.08 9.84 11.45
C SER A 39 -1.79 8.37 11.19
N ALA A 40 -2.86 7.58 11.13
CA ALA A 40 -2.77 6.18 10.78
C ALA A 40 -2.39 6.04 9.32
N TRP A 41 -2.53 7.12 8.57
CA TRP A 41 -2.26 7.08 7.15
C TRP A 41 -0.88 7.66 6.81
N ASP A 42 -0.28 8.31 7.78
CA ASP A 42 1.05 8.89 7.61
C ASP A 42 2.08 7.82 7.89
N PHE A 43 2.68 7.32 6.81
CA PHE A 43 3.65 6.24 6.89
C PHE A 43 4.82 6.60 7.81
N ALA A 44 5.56 7.63 7.39
CA ALA A 44 6.74 8.14 8.08
C ALA A 44 7.56 9.02 7.12
N ASP A 45 8.75 8.56 6.74
CA ASP A 45 9.60 9.28 5.81
C ASP A 45 10.33 8.32 4.87
N GLY A 46 9.92 8.32 3.60
CA GLY A 46 10.50 7.41 2.60
C GLY A 46 10.25 5.97 2.94
N VAL A 47 9.30 5.75 3.82
CA VAL A 47 8.89 4.44 4.28
C VAL A 47 8.19 3.72 3.17
N LEU A 48 7.37 4.46 2.45
CA LEU A 48 6.68 3.94 1.31
C LEU A 48 7.64 3.72 0.17
N GLU A 49 8.51 4.69 0.04
CA GLU A 49 9.54 4.68 -0.99
C GLU A 49 10.49 3.54 -0.77
N GLN A 50 10.43 3.00 0.42
CA GLN A 50 11.20 1.85 0.83
C GLN A 50 10.57 0.60 0.32
N ILE A 51 9.32 0.48 0.67
CA ILE A 51 8.53 -0.65 0.30
C ILE A 51 8.41 -0.70 -1.19
N LEU A 52 8.32 0.47 -1.77
CA LEU A 52 8.23 0.64 -3.21
C LEU A 52 9.55 0.34 -3.87
N ALA A 53 10.62 0.84 -3.27
CA ALA A 53 11.97 0.55 -3.73
C ALA A 53 12.18 -0.95 -3.71
N THR A 54 11.56 -1.54 -2.71
CA THR A 54 11.54 -2.96 -2.56
C THR A 54 10.64 -3.59 -3.63
N SER A 55 9.39 -3.13 -3.74
CA SER A 55 8.43 -3.67 -4.69
C SER A 55 9.03 -3.85 -6.07
N ARG A 56 9.71 -2.81 -6.56
CA ARG A 56 10.35 -2.85 -7.87
C ARG A 56 11.45 -3.90 -7.89
N SER A 57 12.26 -3.92 -6.84
CA SER A 57 13.35 -4.87 -6.69
C SER A 57 12.82 -6.31 -6.65
N ARG A 58 11.64 -6.45 -6.07
CA ARG A 58 10.97 -7.74 -5.95
C ARG A 58 10.42 -8.18 -7.29
N GLY A 59 10.07 -7.19 -8.08
CA GLY A 59 9.49 -7.44 -9.39
C GLY A 59 8.00 -7.17 -9.40
N TYR A 60 7.53 -6.50 -8.36
CA TYR A 60 6.13 -6.15 -8.23
C TYR A 60 5.78 -5.06 -9.22
N ILE A 61 6.62 -4.03 -9.23
CA ILE A 61 6.39 -2.86 -10.04
C ILE A 61 7.67 -2.34 -10.65
N THR A 62 7.54 -1.17 -11.23
CA THR A 62 8.65 -0.41 -11.74
C THR A 62 8.53 1.04 -11.28
N GLY A 63 9.67 1.63 -10.94
CA GLY A 63 9.74 3.05 -10.57
C GLY A 63 8.56 3.53 -9.74
N ASP A 64 7.87 4.53 -10.26
CA ASP A 64 6.68 5.08 -9.61
C ASP A 64 5.43 4.59 -10.33
N GLN A 65 5.61 3.59 -11.17
CA GLN A 65 4.54 3.01 -11.94
C GLN A 65 3.70 2.07 -11.09
N TYR A 66 3.53 2.41 -9.86
CA TYR A 66 2.77 1.59 -8.94
C TYR A 66 1.45 2.25 -8.67
N ILE A 67 0.53 1.51 -8.10
CA ILE A 67 -0.73 2.08 -7.71
C ILE A 67 -1.02 1.71 -6.28
N LEU A 68 -0.79 2.64 -5.41
CA LEU A 68 -1.01 2.41 -4.01
C LEU A 68 -2.38 2.96 -3.63
N GLU A 69 -3.02 2.38 -2.62
CA GLU A 69 -4.35 2.85 -2.21
C GLU A 69 -4.54 2.71 -0.71
N ARG A 70 -5.25 3.67 -0.14
CA ARG A 70 -5.65 3.59 1.26
C ARG A 70 -6.72 2.55 1.42
N VAL A 71 -6.56 1.73 2.44
CA VAL A 71 -7.43 0.58 2.63
C VAL A 71 -8.05 0.56 4.01
N ASN A 72 -7.24 0.40 5.05
CA ASN A 72 -7.77 0.18 6.39
C ASN A 72 -6.92 0.83 7.45
N ILE A 73 -7.50 1.07 8.60
CA ILE A 73 -6.76 1.52 9.75
C ILE A 73 -6.84 0.50 10.88
N VAL A 74 -5.75 -0.21 11.09
CA VAL A 74 -5.67 -1.21 12.15
C VAL A 74 -4.77 -0.72 13.25
N ASN A 75 -5.36 -0.34 14.38
CA ASN A 75 -4.60 0.17 15.52
C ASN A 75 -3.98 1.54 15.18
N GLY A 76 -4.36 2.07 14.04
CA GLY A 76 -3.69 3.25 13.54
C GLY A 76 -2.50 2.91 12.66
N ASN A 77 -2.38 1.65 12.26
CA ASN A 77 -1.27 1.19 11.43
C ASN A 77 -1.62 1.27 9.96
N GLY A 78 -2.34 2.33 9.60
CA GLY A 78 -2.96 2.48 8.27
C GLY A 78 -2.35 1.64 7.17
N TYR A 79 -3.15 0.74 6.66
CA TYR A 79 -2.70 -0.22 5.66
C TYR A 79 -2.99 0.28 4.27
N TYR A 80 -2.01 0.11 3.43
CA TYR A 80 -2.07 0.55 2.05
C TYR A 80 -1.84 -0.63 1.14
N ASN A 81 -2.62 -0.72 0.08
CA ASN A 81 -2.38 -1.78 -0.89
C ASN A 81 -1.53 -1.24 -2.01
N LEU A 82 -0.64 -2.07 -2.48
CA LEU A 82 0.18 -1.72 -3.59
C LEU A 82 -0.31 -2.49 -4.80
N TYR A 83 -0.54 -1.77 -5.86
CA TYR A 83 -1.08 -2.33 -7.08
C TYR A 83 -0.14 -2.06 -8.23
N LYS A 84 -0.27 -2.85 -9.25
CA LYS A 84 0.43 -2.63 -10.49
C LYS A 84 -0.25 -1.51 -11.26
N PRO A 85 0.39 -0.94 -12.27
CA PRO A 85 -0.25 0.08 -13.12
C PRO A 85 -1.54 -0.42 -13.72
N ASP A 86 -1.68 -1.74 -13.75
CA ASP A 86 -2.84 -2.37 -14.30
C ASP A 86 -3.91 -2.54 -13.23
N GLY A 87 -3.52 -2.24 -12.00
CA GLY A 87 -4.42 -2.36 -10.87
C GLY A 87 -4.25 -3.68 -10.14
N THR A 88 -3.36 -4.53 -10.64
CA THR A 88 -3.14 -5.84 -10.04
C THR A 88 -2.60 -5.72 -8.62
N TYR A 89 -3.35 -6.28 -7.67
CA TYR A 89 -2.92 -6.38 -6.28
C TYR A 89 -1.57 -7.06 -6.14
N LEU A 90 -0.68 -6.35 -5.46
CA LEU A 90 0.63 -6.83 -5.15
C LEU A 90 0.70 -7.24 -3.68
N PHE A 91 0.41 -6.29 -2.79
CA PHE A 91 0.36 -6.57 -1.35
C PHE A 91 -0.32 -5.46 -0.57
N THR A 92 -0.48 -5.73 0.71
CA THR A 92 -0.98 -4.75 1.65
C THR A 92 0.15 -4.40 2.61
N LEU A 93 0.49 -3.14 2.69
CA LEU A 93 1.58 -2.71 3.52
C LEU A 93 1.09 -1.90 4.69
N ASN A 94 1.97 -1.73 5.64
CA ASN A 94 1.71 -0.93 6.81
C ASN A 94 2.47 0.37 6.64
N CYS A 95 1.80 1.48 6.76
CA CYS A 95 2.45 2.76 6.59
C CYS A 95 3.27 3.06 7.83
N LYS A 96 2.72 2.69 8.97
CA LYS A 96 3.27 3.07 10.26
C LYS A 96 4.53 2.29 10.57
N THR A 97 4.70 1.17 9.89
CA THR A 97 5.88 0.34 10.12
C THR A 97 6.62 0.08 8.82
N GLY A 98 5.94 0.30 7.70
CA GLY A 98 6.53 0.06 6.41
C GLY A 98 6.65 -1.42 6.11
N TYR A 99 5.93 -2.21 6.88
CA TYR A 99 5.83 -3.64 6.67
C TYR A 99 4.93 -3.90 5.48
N PHE A 100 4.96 -5.10 4.94
CA PHE A 100 4.05 -5.47 3.88
C PHE A 100 3.69 -6.94 3.93
N VAL A 101 2.43 -7.20 3.65
CA VAL A 101 1.86 -8.52 3.77
C VAL A 101 1.47 -9.05 2.39
N GLY A 102 1.73 -10.33 2.18
CA GLY A 102 1.34 -10.94 0.93
C GLY A 102 -0.02 -11.60 1.04
N ASN A 103 -0.42 -12.33 0.01
CA ASN A 103 -1.69 -13.04 0.04
C ASN A 103 -1.52 -14.46 -0.47
N GLY A 104 -0.30 -14.97 -0.36
CA GLY A 104 0.01 -16.31 -0.83
C GLY A 104 -0.69 -17.38 -0.01
N ALA A 105 -0.66 -17.23 1.31
CA ALA A 105 -1.33 -18.16 2.20
C ALA A 105 -2.83 -17.87 2.22
N GLY A 106 -3.18 -16.64 1.86
CA GLY A 106 -4.57 -16.23 1.81
C GLY A 106 -5.12 -15.89 3.18
N HIS A 107 -5.50 -16.90 3.94
CA HIS A 107 -6.13 -16.72 5.24
C HIS A 107 -5.13 -16.12 6.23
N ALA A 108 -5.14 -14.80 6.33
CA ALA A 108 -4.17 -14.05 7.13
C ALA A 108 -2.78 -14.53 6.87
N ASP A 109 -2.29 -14.21 5.70
CA ASP A 109 -0.95 -14.51 5.31
C ASP A 109 0.04 -14.02 6.37
N ASP A 110 -0.04 -12.74 6.66
CA ASP A 110 0.81 -12.11 7.67
C ASP A 110 -0.04 -11.56 8.79
N LEU A 111 -1.33 -11.50 8.54
CA LEU A 111 -2.22 -10.65 9.30
C LEU A 111 -2.48 -11.21 10.68
N ASP A 112 -2.96 -10.33 11.53
CA ASP A 112 -3.16 -10.61 12.93
C ASP A 112 -4.58 -10.24 13.36
N TYR A 113 -5.17 -9.31 12.62
CA TYR A 113 -6.48 -8.80 12.95
C TYR A 113 -7.55 -9.81 12.56
N GLY A 1 17.02 15.60 -0.35
CA GLY A 1 17.50 14.25 0.07
C GLY A 1 17.78 13.35 -1.11
N HIS A 2 19.06 13.10 -1.35
CA HIS A 2 19.48 12.25 -2.47
C HIS A 2 19.45 10.78 -2.05
N MET A 3 19.71 10.53 -0.77
CA MET A 3 19.72 9.17 -0.24
C MET A 3 18.40 8.86 0.45
N SER A 4 17.97 9.76 1.32
CA SER A 4 16.72 9.61 2.03
C SER A 4 15.57 10.15 1.18
N ARG A 5 15.18 9.38 0.18
CA ARG A 5 14.07 9.75 -0.68
C ARG A 5 12.75 9.52 0.03
N SER A 6 11.91 10.54 0.09
CA SER A 6 10.62 10.42 0.76
C SER A 6 9.55 11.19 0.04
N GLU A 7 8.94 10.53 -0.91
CA GLU A 7 7.81 11.08 -1.63
C GLU A 7 6.50 10.63 -1.01
N VAL A 8 6.40 9.32 -0.76
CA VAL A 8 5.18 8.71 -0.21
C VAL A 8 3.92 9.13 -0.97
N ASN A 9 3.59 8.39 -2.00
CA ASN A 9 2.42 8.70 -2.81
C ASN A 9 1.87 7.43 -3.44
N MET A 10 0.89 7.57 -4.33
CA MET A 10 0.28 6.43 -4.99
C MET A 10 0.88 6.18 -6.37
N GLY A 11 1.69 7.13 -6.77
CA GLY A 11 2.53 7.11 -7.97
C GLY A 11 1.81 7.01 -9.30
N LEU A 12 0.73 6.27 -9.37
CA LEU A 12 -0.14 6.29 -10.52
C LEU A 12 -1.54 6.65 -10.09
N SER A 13 -2.40 6.86 -11.06
CA SER A 13 -3.78 7.13 -10.83
C SER A 13 -4.61 5.85 -10.91
N SER A 14 -5.23 5.48 -9.79
CA SER A 14 -6.10 4.30 -9.75
C SER A 14 -7.49 4.63 -10.30
N ALA A 15 -7.56 5.70 -11.07
CA ALA A 15 -8.81 6.11 -11.69
C ALA A 15 -9.01 5.38 -13.02
N GLY A 16 -10.04 4.53 -13.07
CA GLY A 16 -10.34 3.81 -14.29
C GLY A 16 -9.51 2.54 -14.43
N VAL A 17 -8.62 2.31 -13.48
CA VAL A 17 -7.77 1.15 -13.49
C VAL A 17 -8.52 -0.08 -13.05
N ALA A 18 -8.13 -1.21 -13.63
CA ALA A 18 -8.69 -2.46 -13.23
C ALA A 18 -7.90 -3.02 -12.06
N VAL A 19 -8.14 -2.42 -10.93
CA VAL A 19 -7.43 -2.75 -9.71
C VAL A 19 -8.12 -3.84 -8.91
N GLN A 20 -7.32 -4.78 -8.43
CA GLN A 20 -7.83 -5.88 -7.65
C GLN A 20 -7.99 -5.47 -6.20
N ARG A 21 -9.20 -5.17 -5.81
CA ARG A 21 -9.47 -4.74 -4.45
C ARG A 21 -9.87 -5.92 -3.58
N SER A 22 -10.54 -6.90 -4.18
CA SER A 22 -10.97 -8.08 -3.46
C SER A 22 -9.77 -8.92 -3.06
N ALA A 23 -8.67 -8.73 -3.77
CA ALA A 23 -7.44 -9.47 -3.53
C ALA A 23 -6.68 -8.91 -2.33
N SER A 24 -7.21 -7.83 -1.76
CA SER A 24 -6.58 -7.16 -0.63
C SER A 24 -6.58 -8.05 0.61
N ARG A 25 -5.54 -7.90 1.42
CA ARG A 25 -5.40 -8.64 2.65
C ARG A 25 -6.08 -7.95 3.82
N VAL A 26 -6.39 -6.68 3.65
CA VAL A 26 -6.97 -5.88 4.69
C VAL A 26 -8.22 -5.17 4.16
N ALA A 27 -9.16 -4.83 5.06
CA ALA A 27 -10.45 -4.31 4.64
C ALA A 27 -10.37 -2.87 4.15
N TYR A 28 -11.03 -2.66 3.04
CA TYR A 28 -11.15 -1.40 2.34
C TYR A 28 -12.02 -0.38 3.06
N ASN A 29 -11.84 -0.21 4.37
CA ASN A 29 -12.86 0.41 5.21
C ASN A 29 -13.00 1.90 4.87
N GLN A 30 -13.95 2.20 4.00
CA GLN A 30 -14.11 3.54 3.46
C GLN A 30 -14.31 4.57 4.58
N SER A 31 -14.69 4.08 5.75
CA SER A 31 -14.87 4.95 6.90
C SER A 31 -13.52 5.38 7.48
N ALA A 32 -12.54 4.47 7.45
CA ALA A 32 -11.19 4.82 7.89
C ALA A 32 -10.48 5.46 6.74
N ILE A 33 -10.87 5.07 5.54
CA ILE A 33 -10.31 5.61 4.32
C ILE A 33 -10.67 7.07 4.18
N ASP A 34 -11.91 7.38 4.49
CA ASP A 34 -12.40 8.75 4.43
C ASP A 34 -11.97 9.50 5.66
N ASP A 35 -11.40 8.73 6.58
CA ASP A 35 -10.79 9.26 7.77
C ASP A 35 -9.30 9.47 7.51
N SER A 36 -8.93 9.48 6.23
CA SER A 36 -7.54 9.68 5.77
C SER A 36 -6.82 10.85 6.45
N ASN A 37 -7.53 11.64 7.24
CA ASN A 37 -6.93 12.67 8.06
C ASN A 37 -6.21 12.07 9.27
N ASN A 38 -6.39 10.77 9.49
CA ASN A 38 -5.74 10.07 10.55
C ASN A 38 -4.23 10.10 10.41
N SER A 39 -3.55 10.05 11.54
CA SER A 39 -2.13 9.82 11.55
C SER A 39 -1.84 8.38 11.17
N ALA A 40 -2.91 7.58 11.14
CA ALA A 40 -2.81 6.19 10.75
C ALA A 40 -2.42 6.06 9.30
N TRP A 41 -2.54 7.14 8.57
CA TRP A 41 -2.27 7.13 7.14
C TRP A 41 -0.91 7.74 6.81
N ASP A 42 -0.29 8.34 7.79
CA ASP A 42 1.04 8.92 7.63
C ASP A 42 2.08 7.86 7.91
N PHE A 43 2.70 7.37 6.85
CA PHE A 43 3.65 6.26 6.93
C PHE A 43 4.82 6.59 7.87
N ALA A 44 5.61 7.59 7.45
CA ALA A 44 6.83 8.03 8.15
C ALA A 44 7.71 8.87 7.22
N ASP A 45 8.91 8.36 6.92
CA ASP A 45 9.87 9.03 6.05
C ASP A 45 10.56 8.04 5.11
N GLY A 46 10.28 8.16 3.81
CA GLY A 46 10.80 7.22 2.80
C GLY A 46 10.46 5.78 3.13
N VAL A 47 9.41 5.63 3.92
CA VAL A 47 8.94 4.34 4.36
C VAL A 47 8.23 3.65 3.21
N LEU A 48 7.44 4.42 2.50
CA LEU A 48 6.75 3.92 1.34
C LEU A 48 7.72 3.71 0.22
N GLU A 49 8.63 4.65 0.11
CA GLU A 49 9.65 4.65 -0.92
C GLU A 49 10.61 3.50 -0.70
N GLN A 50 10.50 2.93 0.47
CA GLN A 50 11.24 1.75 0.84
C GLN A 50 10.57 0.54 0.29
N ILE A 51 9.34 0.40 0.70
CA ILE A 51 8.51 -0.70 0.31
C ILE A 51 8.39 -0.73 -1.19
N LEU A 52 8.31 0.45 -1.76
CA LEU A 52 8.21 0.64 -3.19
C LEU A 52 9.51 0.31 -3.87
N ALA A 53 10.59 0.79 -3.27
CA ALA A 53 11.93 0.50 -3.77
C ALA A 53 12.11 -1.00 -3.76
N THR A 54 11.55 -1.59 -2.73
CA THR A 54 11.53 -3.01 -2.55
C THR A 54 10.63 -3.67 -3.60
N SER A 55 9.40 -3.17 -3.73
CA SER A 55 8.42 -3.70 -4.70
C SER A 55 9.04 -3.86 -6.09
N ARG A 56 9.69 -2.79 -6.55
CA ARG A 56 10.33 -2.81 -7.86
C ARG A 56 11.44 -3.85 -7.91
N SER A 57 12.22 -3.90 -6.82
CA SER A 57 13.29 -4.88 -6.68
C SER A 57 12.73 -6.30 -6.75
N ARG A 58 11.61 -6.50 -6.07
CA ARG A 58 10.92 -7.79 -6.02
C ARG A 58 10.43 -8.17 -7.40
N GLY A 59 10.10 -7.16 -8.18
CA GLY A 59 9.51 -7.37 -9.48
C GLY A 59 8.01 -7.15 -9.46
N TYR A 60 7.56 -6.45 -8.43
CA TYR A 60 6.16 -6.11 -8.29
C TYR A 60 5.80 -5.00 -9.26
N ILE A 61 6.64 -3.98 -9.27
CA ILE A 61 6.43 -2.80 -10.07
C ILE A 61 7.72 -2.31 -10.67
N THR A 62 7.60 -1.15 -11.26
CA THR A 62 8.72 -0.41 -11.78
C THR A 62 8.60 1.07 -11.37
N GLY A 63 9.73 1.70 -11.09
CA GLY A 63 9.76 3.12 -10.78
C GLY A 63 8.63 3.59 -9.89
N ASP A 64 7.86 4.52 -10.40
CA ASP A 64 6.69 5.03 -9.71
C ASP A 64 5.43 4.56 -10.41
N GLN A 65 5.59 3.56 -11.25
CA GLN A 65 4.52 2.96 -12.01
C GLN A 65 3.68 2.05 -11.15
N TYR A 66 3.51 2.41 -9.92
CA TYR A 66 2.75 1.61 -8.99
C TYR A 66 1.43 2.28 -8.71
N ILE A 67 0.51 1.53 -8.15
CA ILE A 67 -0.74 2.09 -7.73
C ILE A 67 -1.02 1.73 -6.29
N LEU A 68 -0.79 2.66 -5.43
CA LEU A 68 -1.01 2.43 -4.03
C LEU A 68 -2.40 2.96 -3.66
N GLU A 69 -3.01 2.40 -2.63
CA GLU A 69 -4.35 2.83 -2.21
C GLU A 69 -4.54 2.70 -0.72
N ARG A 70 -5.26 3.66 -0.16
CA ARG A 70 -5.66 3.58 1.24
C ARG A 70 -6.72 2.53 1.40
N VAL A 71 -6.57 1.73 2.44
CA VAL A 71 -7.43 0.59 2.64
C VAL A 71 -8.06 0.58 4.01
N ASN A 72 -7.26 0.43 5.05
CA ASN A 72 -7.80 0.21 6.39
C ASN A 72 -6.96 0.87 7.45
N ILE A 73 -7.57 1.11 8.59
CA ILE A 73 -6.83 1.56 9.77
C ILE A 73 -6.94 0.54 10.88
N VAL A 74 -5.84 -0.16 11.12
CA VAL A 74 -5.78 -1.15 12.18
C VAL A 74 -4.88 -0.65 13.28
N ASN A 75 -5.47 -0.24 14.40
CA ASN A 75 -4.69 0.28 15.53
C ASN A 75 -4.04 1.62 15.14
N GLY A 76 -4.43 2.14 14.00
CA GLY A 76 -3.76 3.29 13.45
C GLY A 76 -2.56 2.91 12.60
N ASN A 77 -2.48 1.65 12.20
CA ASN A 77 -1.36 1.16 11.38
C ASN A 77 -1.70 1.28 9.90
N GLY A 78 -2.40 2.36 9.55
CA GLY A 78 -3.03 2.52 8.24
C GLY A 78 -2.41 1.71 7.12
N TYR A 79 -3.20 0.77 6.62
CA TYR A 79 -2.73 -0.18 5.62
C TYR A 79 -3.00 0.33 4.23
N TYR A 80 -2.02 0.15 3.39
CA TYR A 80 -2.09 0.59 2.02
C TYR A 80 -1.85 -0.58 1.10
N ASN A 81 -2.62 -0.68 0.05
CA ASN A 81 -2.40 -1.73 -0.93
C ASN A 81 -1.56 -1.21 -2.05
N LEU A 82 -0.65 -2.02 -2.50
CA LEU A 82 0.18 -1.67 -3.62
C LEU A 82 -0.31 -2.44 -4.82
N TYR A 83 -0.53 -1.73 -5.89
CA TYR A 83 -1.07 -2.29 -7.10
C TYR A 83 -0.15 -2.02 -8.26
N LYS A 84 -0.32 -2.80 -9.29
CA LYS A 84 0.38 -2.58 -10.54
C LYS A 84 -0.32 -1.46 -11.29
N PRO A 85 0.30 -0.88 -12.32
CA PRO A 85 -0.34 0.16 -13.14
C PRO A 85 -1.63 -0.33 -13.75
N ASP A 86 -1.78 -1.64 -13.79
CA ASP A 86 -2.93 -2.27 -14.34
C ASP A 86 -3.94 -2.57 -13.25
N GLY A 87 -3.57 -2.23 -12.01
CA GLY A 87 -4.45 -2.40 -10.88
C GLY A 87 -4.25 -3.72 -10.16
N THR A 88 -3.36 -4.56 -10.66
CA THR A 88 -3.13 -5.85 -10.06
C THR A 88 -2.58 -5.73 -8.64
N TYR A 89 -3.30 -6.35 -7.69
CA TYR A 89 -2.86 -6.40 -6.31
C TYR A 89 -1.50 -7.05 -6.16
N LEU A 90 -0.64 -6.32 -5.51
CA LEU A 90 0.69 -6.77 -5.18
C LEU A 90 0.76 -7.18 -3.71
N PHE A 91 0.46 -6.23 -2.83
CA PHE A 91 0.40 -6.51 -1.39
C PHE A 91 -0.29 -5.41 -0.61
N THR A 92 -0.47 -5.69 0.66
CA THR A 92 -0.97 -4.73 1.62
C THR A 92 0.14 -4.37 2.59
N LEU A 93 0.48 -3.12 2.66
CA LEU A 93 1.57 -2.68 3.50
C LEU A 93 1.06 -1.87 4.67
N ASN A 94 1.92 -1.69 5.63
CA ASN A 94 1.65 -0.89 6.80
C ASN A 94 2.41 0.40 6.63
N CYS A 95 1.74 1.52 6.76
CA CYS A 95 2.41 2.80 6.60
C CYS A 95 3.23 3.09 7.84
N LYS A 96 2.66 2.75 8.98
CA LYS A 96 3.22 3.12 10.26
C LYS A 96 4.50 2.36 10.54
N THR A 97 4.60 1.17 9.98
CA THR A 97 5.76 0.34 10.21
C THR A 97 6.52 0.10 8.92
N GLY A 98 5.83 0.29 7.78
CA GLY A 98 6.44 0.07 6.49
C GLY A 98 6.56 -1.40 6.18
N TYR A 99 5.84 -2.21 6.96
CA TYR A 99 5.76 -3.63 6.72
C TYR A 99 4.87 -3.88 5.52
N PHE A 100 4.94 -5.06 4.95
CA PHE A 100 4.07 -5.42 3.85
C PHE A 100 3.71 -6.88 3.89
N VAL A 101 2.45 -7.14 3.62
CA VAL A 101 1.89 -8.46 3.73
C VAL A 101 1.53 -8.99 2.35
N GLY A 102 1.79 -10.26 2.13
CA GLY A 102 1.47 -10.85 0.85
C GLY A 102 0.16 -11.61 0.90
N ASN A 103 -0.06 -12.47 -0.09
CA ASN A 103 -1.26 -13.30 -0.10
C ASN A 103 -0.95 -14.65 -0.74
N GLY A 104 0.26 -15.13 -0.48
CA GLY A 104 0.70 -16.39 -1.04
C GLY A 104 0.49 -17.55 -0.10
N ALA A 105 0.58 -17.28 1.19
CA ALA A 105 0.39 -18.31 2.20
C ALA A 105 -1.10 -18.58 2.45
N GLY A 106 -1.87 -17.50 2.53
CA GLY A 106 -3.29 -17.63 2.77
C GLY A 106 -3.91 -16.36 3.29
N HIS A 107 -5.04 -16.49 3.99
CA HIS A 107 -5.77 -15.33 4.51
C HIS A 107 -4.87 -14.42 5.34
N ALA A 108 -4.01 -15.01 6.16
CA ALA A 108 -3.05 -14.23 6.92
C ALA A 108 -1.65 -14.65 6.58
N ASP A 109 -1.23 -14.21 5.42
CA ASP A 109 0.13 -14.39 4.99
C ASP A 109 1.08 -13.81 6.04
N ASP A 110 0.89 -12.54 6.34
CA ASP A 110 1.64 -11.86 7.39
C ASP A 110 0.70 -11.35 8.46
N LEU A 111 -0.58 -11.53 8.24
CA LEU A 111 -1.59 -10.88 9.04
C LEU A 111 -1.73 -11.52 10.41
N ASP A 112 -2.43 -10.82 11.28
CA ASP A 112 -2.51 -11.21 12.69
C ASP A 112 -3.62 -10.43 13.38
N TYR A 113 -3.89 -9.24 12.85
CA TYR A 113 -4.85 -8.32 13.42
C TYR A 113 -6.25 -8.93 13.49
N GLY A 1 19.92 18.77 -8.19
CA GLY A 1 19.94 17.53 -7.37
C GLY A 1 18.91 17.60 -6.25
N HIS A 2 18.99 16.62 -5.34
CA HIS A 2 18.06 16.51 -4.22
C HIS A 2 16.62 16.41 -4.72
N MET A 3 16.26 15.25 -5.26
CA MET A 3 14.89 15.00 -5.65
C MET A 3 14.13 14.30 -4.53
N SER A 4 14.90 13.86 -3.53
CA SER A 4 14.37 13.23 -2.33
C SER A 4 13.73 11.86 -2.63
N ARG A 5 14.31 10.82 -2.05
CA ARG A 5 13.74 9.48 -2.16
C ARG A 5 12.77 9.24 -1.01
N SER A 6 12.02 10.28 -0.69
CA SER A 6 11.03 10.20 0.37
C SER A 6 9.78 10.96 -0.01
N GLU A 7 9.10 10.40 -0.98
CA GLU A 7 7.90 10.98 -1.54
C GLU A 7 6.64 10.48 -0.83
N VAL A 8 6.46 9.16 -0.79
CA VAL A 8 5.25 8.54 -0.27
C VAL A 8 3.99 9.04 -0.99
N ASN A 9 3.53 8.28 -1.96
CA ASN A 9 2.34 8.62 -2.71
C ASN A 9 1.78 7.37 -3.40
N MET A 10 0.85 7.54 -4.34
CA MET A 10 0.26 6.40 -5.03
C MET A 10 0.90 6.16 -6.40
N GLY A 11 1.72 7.11 -6.77
CA GLY A 11 2.59 7.10 -7.94
C GLY A 11 1.91 7.03 -9.30
N LEU A 12 0.83 6.30 -9.40
CA LEU A 12 -0.02 6.32 -10.57
C LEU A 12 -1.42 6.70 -10.17
N SER A 13 -2.25 6.90 -11.15
CA SER A 13 -3.65 7.21 -10.92
C SER A 13 -4.49 5.95 -11.07
N SER A 14 -5.13 5.55 -9.98
CA SER A 14 -5.99 4.38 -10.00
C SER A 14 -7.37 4.74 -10.57
N ALA A 15 -7.43 5.86 -11.25
CA ALA A 15 -8.65 6.31 -11.89
C ALA A 15 -8.78 5.70 -13.28
N GLY A 16 -9.64 4.71 -13.41
CA GLY A 16 -9.84 4.05 -14.69
C GLY A 16 -9.10 2.73 -14.76
N VAL A 17 -8.23 2.50 -13.79
CA VAL A 17 -7.46 1.28 -13.72
C VAL A 17 -8.30 0.12 -13.26
N ALA A 18 -7.91 -1.06 -13.69
CA ALA A 18 -8.55 -2.26 -13.25
C ALA A 18 -7.84 -2.82 -12.05
N VAL A 19 -8.05 -2.18 -10.92
CA VAL A 19 -7.37 -2.53 -9.68
C VAL A 19 -8.09 -3.64 -8.93
N GLN A 20 -7.31 -4.60 -8.42
CA GLN A 20 -7.86 -5.70 -7.70
C GLN A 20 -8.07 -5.34 -6.24
N ARG A 21 -9.30 -5.03 -5.89
CA ARG A 21 -9.63 -4.64 -4.54
C ARG A 21 -10.04 -5.86 -3.73
N SER A 22 -10.70 -6.81 -4.40
CA SER A 22 -11.14 -8.04 -3.75
C SER A 22 -9.95 -8.90 -3.35
N ALA A 23 -8.80 -8.57 -3.92
CA ALA A 23 -7.57 -9.32 -3.69
C ALA A 23 -6.82 -8.79 -2.48
N SER A 24 -7.41 -7.79 -1.82
CA SER A 24 -6.76 -7.14 -0.69
C SER A 24 -6.69 -8.04 0.55
N ARG A 25 -5.58 -7.92 1.26
CA ARG A 25 -5.36 -8.67 2.48
C ARG A 25 -6.03 -8.02 3.68
N VAL A 26 -6.32 -6.74 3.56
CA VAL A 26 -6.89 -5.99 4.65
C VAL A 26 -8.17 -5.29 4.19
N ALA A 27 -9.08 -5.03 5.13
CA ALA A 27 -10.38 -4.48 4.79
C ALA A 27 -10.31 -3.04 4.30
N TYR A 28 -11.00 -2.84 3.21
CA TYR A 28 -11.17 -1.58 2.53
C TYR A 28 -12.04 -0.58 3.29
N ASN A 29 -11.80 -0.41 4.60
CA ASN A 29 -12.81 0.18 5.47
C ASN A 29 -13.03 1.65 5.13
N GLN A 30 -14.05 1.90 4.34
CA GLN A 30 -14.29 3.21 3.78
C GLN A 30 -14.49 4.26 4.88
N SER A 31 -14.77 3.78 6.09
CA SER A 31 -14.93 4.66 7.23
C SER A 31 -13.56 5.15 7.72
N ALA A 32 -12.55 4.28 7.65
CA ALA A 32 -11.20 4.68 8.02
C ALA A 32 -10.55 5.34 6.82
N ILE A 33 -11.00 4.91 5.65
CA ILE A 33 -10.52 5.47 4.39
C ILE A 33 -10.95 6.92 4.26
N ASP A 34 -12.20 7.17 4.62
CA ASP A 34 -12.75 8.51 4.57
C ASP A 34 -12.18 9.32 5.72
N ASP A 35 -11.63 8.58 6.66
CA ASP A 35 -11.02 9.14 7.84
C ASP A 35 -9.56 9.44 7.55
N SER A 36 -9.24 9.50 6.26
CA SER A 36 -7.90 9.75 5.73
C SER A 36 -7.12 10.85 6.48
N ASN A 37 -7.82 11.66 7.27
CA ASN A 37 -7.17 12.67 8.09
C ASN A 37 -6.36 12.04 9.23
N ASN A 38 -6.55 10.75 9.47
CA ASN A 38 -5.81 10.04 10.48
C ASN A 38 -4.33 10.07 10.18
N SER A 39 -3.53 10.17 11.21
CA SER A 39 -2.11 10.00 11.05
C SER A 39 -1.82 8.52 10.87
N ALA A 40 -2.88 7.70 10.95
CA ALA A 40 -2.76 6.29 10.64
C ALA A 40 -2.42 6.11 9.19
N TRP A 41 -2.61 7.17 8.42
CA TRP A 41 -2.35 7.14 7.00
C TRP A 41 -0.99 7.74 6.67
N ASP A 42 -0.36 8.37 7.66
CA ASP A 42 0.95 8.94 7.48
C ASP A 42 2.01 7.90 7.79
N PHE A 43 2.62 7.39 6.71
CA PHE A 43 3.60 6.32 6.79
C PHE A 43 4.79 6.71 7.69
N ALA A 44 5.51 7.76 7.24
CA ALA A 44 6.71 8.31 7.90
C ALA A 44 7.54 9.06 6.86
N ASP A 45 8.79 8.64 6.67
CA ASP A 45 9.67 9.22 5.68
C ASP A 45 10.35 8.14 4.83
N GLY A 46 10.14 8.22 3.51
CA GLY A 46 10.70 7.24 2.59
C GLY A 46 10.35 5.81 2.97
N VAL A 47 9.33 5.70 3.79
CA VAL A 47 8.86 4.43 4.32
C VAL A 47 8.15 3.67 3.23
N LEU A 48 7.35 4.39 2.48
CA LEU A 48 6.67 3.84 1.34
C LEU A 48 7.64 3.59 0.24
N GLU A 49 8.55 4.54 0.10
CA GLU A 49 9.56 4.50 -0.92
C GLU A 49 10.55 3.39 -0.65
N GLN A 50 10.44 2.85 0.54
CA GLN A 50 11.18 1.68 0.96
C GLN A 50 10.54 0.45 0.41
N ILE A 51 9.29 0.33 0.75
CA ILE A 51 8.47 -0.78 0.36
C ILE A 51 8.35 -0.81 -1.14
N LEU A 52 8.33 0.38 -1.70
CA LEU A 52 8.29 0.57 -3.13
C LEU A 52 9.62 0.24 -3.74
N ALA A 53 10.68 0.73 -3.12
CA ALA A 53 12.03 0.44 -3.55
C ALA A 53 12.22 -1.07 -3.57
N THR A 54 11.55 -1.69 -2.62
CA THR A 54 11.51 -3.10 -2.50
C THR A 54 10.61 -3.71 -3.58
N SER A 55 9.35 -3.26 -3.67
CA SER A 55 8.39 -3.80 -4.64
C SER A 55 8.97 -3.84 -6.06
N ARG A 56 9.64 -2.77 -6.47
CA ARG A 56 10.25 -2.72 -7.80
C ARG A 56 11.37 -3.75 -7.91
N SER A 57 12.16 -3.85 -6.85
CA SER A 57 13.25 -4.81 -6.79
C SER A 57 12.73 -6.24 -6.88
N ARG A 58 11.61 -6.48 -6.20
CA ARG A 58 10.97 -7.78 -6.18
C ARG A 58 10.44 -8.15 -7.55
N GLY A 59 10.05 -7.13 -8.28
CA GLY A 59 9.44 -7.31 -9.58
C GLY A 59 7.95 -7.12 -9.51
N TYR A 60 7.50 -6.50 -8.42
CA TYR A 60 6.11 -6.17 -8.23
C TYR A 60 5.73 -5.05 -9.18
N ILE A 61 6.58 -4.03 -9.19
CA ILE A 61 6.37 -2.86 -10.00
C ILE A 61 7.66 -2.36 -10.60
N THR A 62 7.54 -1.18 -11.17
CA THR A 62 8.65 -0.41 -11.65
C THR A 62 8.50 1.03 -11.18
N GLY A 63 9.61 1.62 -10.74
CA GLY A 63 9.64 3.01 -10.34
C GLY A 63 8.39 3.47 -9.60
N ASP A 64 7.82 4.55 -10.09
CA ASP A 64 6.61 5.11 -9.51
C ASP A 64 5.38 4.62 -10.27
N GLN A 65 5.59 3.65 -11.14
CA GLN A 65 4.54 3.04 -11.92
C GLN A 65 3.70 2.09 -11.08
N TYR A 66 3.53 2.43 -9.84
CA TYR A 66 2.77 1.61 -8.93
C TYR A 66 1.44 2.26 -8.66
N ILE A 67 0.52 1.52 -8.10
CA ILE A 67 -0.73 2.08 -7.70
C ILE A 67 -1.02 1.72 -6.27
N LEU A 68 -0.81 2.64 -5.40
CA LEU A 68 -1.03 2.40 -4.01
C LEU A 68 -2.43 2.91 -3.64
N GLU A 69 -3.05 2.33 -2.63
CA GLU A 69 -4.38 2.75 -2.22
C GLU A 69 -4.59 2.62 -0.73
N ARG A 70 -5.32 3.57 -0.18
CA ARG A 70 -5.73 3.51 1.22
C ARG A 70 -6.77 2.43 1.40
N VAL A 71 -6.60 1.65 2.44
CA VAL A 71 -7.45 0.50 2.66
C VAL A 71 -8.04 0.49 4.05
N ASN A 72 -7.20 0.40 5.07
CA ASN A 72 -7.69 0.17 6.42
C ASN A 72 -6.85 0.87 7.47
N ILE A 73 -7.43 1.06 8.64
CA ILE A 73 -6.68 1.55 9.79
C ILE A 73 -6.78 0.56 10.93
N VAL A 74 -5.67 -0.12 11.20
CA VAL A 74 -5.60 -1.07 12.31
C VAL A 74 -4.64 -0.56 13.36
N ASN A 75 -5.18 -0.14 14.51
CA ASN A 75 -4.35 0.39 15.60
C ASN A 75 -3.74 1.74 15.18
N GLY A 76 -4.20 2.25 14.07
CA GLY A 76 -3.57 3.41 13.49
C GLY A 76 -2.39 3.06 12.61
N ASN A 77 -2.31 1.79 12.21
CA ASN A 77 -1.21 1.30 11.36
C ASN A 77 -1.59 1.37 9.90
N GLY A 78 -2.31 2.43 9.53
CA GLY A 78 -2.97 2.56 8.22
C GLY A 78 -2.37 1.71 7.11
N TYR A 79 -3.15 0.78 6.64
CA TYR A 79 -2.71 -0.19 5.64
C TYR A 79 -3.01 0.31 4.25
N TYR A 80 -2.04 0.13 3.40
CA TYR A 80 -2.12 0.57 2.03
C TYR A 80 -1.89 -0.62 1.11
N ASN A 81 -2.65 -0.71 0.06
CA ASN A 81 -2.42 -1.77 -0.92
C ASN A 81 -1.56 -1.24 -2.03
N LEU A 82 -0.65 -2.06 -2.48
CA LEU A 82 0.20 -1.71 -3.59
C LEU A 82 -0.28 -2.47 -4.80
N TYR A 83 -0.50 -1.75 -5.86
CA TYR A 83 -1.03 -2.31 -7.09
C TYR A 83 -0.09 -2.02 -8.23
N LYS A 84 -0.25 -2.81 -9.28
CA LYS A 84 0.45 -2.59 -10.51
C LYS A 84 -0.25 -1.47 -11.27
N PRO A 85 0.40 -0.88 -12.29
CA PRO A 85 -0.24 0.16 -13.11
C PRO A 85 -1.55 -0.30 -13.71
N ASP A 86 -1.73 -1.61 -13.76
CA ASP A 86 -2.91 -2.20 -14.34
C ASP A 86 -3.91 -2.50 -13.25
N GLY A 87 -3.53 -2.19 -12.02
CA GLY A 87 -4.40 -2.35 -10.89
C GLY A 87 -4.23 -3.69 -10.20
N THR A 88 -3.29 -4.50 -10.68
CA THR A 88 -3.07 -5.81 -10.09
C THR A 88 -2.56 -5.71 -8.66
N TYR A 89 -3.31 -6.30 -7.73
CA TYR A 89 -2.89 -6.38 -6.34
C TYR A 89 -1.54 -7.04 -6.18
N LEU A 90 -0.67 -6.34 -5.50
CA LEU A 90 0.65 -6.82 -5.16
C LEU A 90 0.70 -7.26 -3.70
N PHE A 91 0.41 -6.31 -2.80
CA PHE A 91 0.38 -6.59 -1.37
C PHE A 91 -0.29 -5.47 -0.60
N THR A 92 -0.49 -5.73 0.68
CA THR A 92 -0.97 -4.75 1.62
C THR A 92 0.15 -4.40 2.57
N LEU A 93 0.44 -3.13 2.70
CA LEU A 93 1.54 -2.70 3.52
C LEU A 93 1.04 -1.87 4.68
N ASN A 94 1.92 -1.68 5.63
CA ASN A 94 1.66 -0.87 6.80
C ASN A 94 2.42 0.42 6.61
N CYS A 95 1.75 1.55 6.75
CA CYS A 95 2.42 2.81 6.55
C CYS A 95 3.26 3.13 7.77
N LYS A 96 2.73 2.78 8.93
CA LYS A 96 3.31 3.17 10.19
C LYS A 96 4.58 2.40 10.49
N THR A 97 4.67 1.22 9.90
CA THR A 97 5.83 0.37 10.12
C THR A 97 6.56 0.12 8.81
N GLY A 98 5.88 0.32 7.70
CA GLY A 98 6.47 0.07 6.40
C GLY A 98 6.56 -1.40 6.09
N TYR A 99 5.84 -2.18 6.88
CA TYR A 99 5.73 -3.61 6.69
C TYR A 99 4.85 -3.88 5.48
N PHE A 100 4.91 -5.08 4.94
CA PHE A 100 4.03 -5.46 3.85
C PHE A 100 3.69 -6.93 3.88
N VAL A 101 2.43 -7.19 3.61
CA VAL A 101 1.85 -8.52 3.75
C VAL A 101 1.49 -9.08 2.39
N GLY A 102 1.76 -10.35 2.18
CA GLY A 102 1.42 -10.98 0.93
C GLY A 102 0.09 -11.70 1.03
N ASN A 103 -0.38 -12.27 -0.07
CA ASN A 103 -1.68 -12.92 -0.08
C ASN A 103 -1.63 -14.29 -0.72
N GLY A 104 -0.47 -14.65 -1.26
CA GLY A 104 -0.34 -15.91 -1.98
C GLY A 104 -0.28 -17.12 -1.07
N ALA A 105 -1.40 -17.42 -0.42
CA ALA A 105 -1.51 -18.55 0.49
C ALA A 105 -2.93 -18.68 1.02
N GLY A 106 -3.65 -17.56 1.01
CA GLY A 106 -4.99 -17.55 1.55
C GLY A 106 -4.99 -17.23 3.04
N HIS A 107 -6.17 -17.30 3.65
CA HIS A 107 -6.35 -17.09 5.09
C HIS A 107 -5.74 -15.77 5.56
N ALA A 108 -4.51 -15.84 6.07
CA ALA A 108 -3.79 -14.65 6.54
C ALA A 108 -2.31 -14.94 6.56
N ASP A 109 -1.59 -14.08 5.88
CA ASP A 109 -0.16 -14.18 5.81
C ASP A 109 0.50 -13.53 7.02
N ASP A 110 0.31 -12.23 7.14
CA ASP A 110 0.97 -11.46 8.20
C ASP A 110 -0.05 -10.85 9.14
N LEU A 111 -1.31 -11.02 8.79
CA LEU A 111 -2.37 -10.27 9.44
C LEU A 111 -2.66 -10.76 10.84
N ASP A 112 -3.35 -9.94 11.58
CA ASP A 112 -3.59 -10.16 12.99
C ASP A 112 -4.95 -9.62 13.40
N TYR A 113 -5.38 -8.56 12.72
CA TYR A 113 -6.62 -7.90 13.03
C TYR A 113 -7.80 -8.86 12.86
N GLY A 1 23.62 13.93 5.54
CA GLY A 1 23.14 13.46 4.22
C GLY A 1 21.64 13.50 4.10
N HIS A 2 21.11 13.08 2.96
CA HIS A 2 19.68 13.05 2.73
C HIS A 2 19.34 12.00 1.68
N MET A 3 19.53 10.74 2.06
CA MET A 3 19.33 9.62 1.14
C MET A 3 17.83 9.42 0.86
N SER A 4 17.02 9.69 1.85
CA SER A 4 15.58 9.53 1.72
C SER A 4 14.95 10.86 1.31
N ARG A 5 14.41 10.91 0.10
CA ARG A 5 13.73 12.10 -0.38
C ARG A 5 12.31 12.09 0.16
N SER A 6 11.73 10.89 0.20
CA SER A 6 10.41 10.66 0.78
C SER A 6 9.33 11.44 0.07
N GLU A 7 8.58 10.73 -0.75
CA GLU A 7 7.46 11.31 -1.45
C GLU A 7 6.14 10.79 -0.90
N VAL A 8 6.09 9.49 -0.62
CA VAL A 8 4.89 8.83 -0.11
C VAL A 8 3.63 9.22 -0.88
N ASN A 9 3.37 8.52 -1.96
CA ASN A 9 2.21 8.78 -2.79
C ASN A 9 1.77 7.50 -3.49
N MET A 10 0.77 7.60 -4.36
CA MET A 10 0.21 6.41 -5.02
C MET A 10 0.84 6.18 -6.39
N GLY A 11 1.63 7.16 -6.79
CA GLY A 11 2.49 7.14 -7.97
C GLY A 11 1.81 7.04 -9.32
N LEU A 12 0.73 6.30 -9.40
CA LEU A 12 -0.11 6.31 -10.56
C LEU A 12 -1.51 6.70 -10.18
N SER A 13 -2.32 6.91 -11.17
CA SER A 13 -3.70 7.22 -10.97
C SER A 13 -4.56 5.97 -11.17
N SER A 14 -5.20 5.53 -10.10
CA SER A 14 -6.05 4.35 -10.14
C SER A 14 -7.41 4.68 -10.76
N ALA A 15 -7.44 5.75 -11.53
CA ALA A 15 -8.63 6.16 -12.24
C ALA A 15 -8.72 5.43 -13.58
N GLY A 16 -9.70 4.56 -13.71
CA GLY A 16 -9.88 3.81 -14.93
C GLY A 16 -9.13 2.49 -14.92
N VAL A 17 -8.30 2.31 -13.91
CA VAL A 17 -7.48 1.12 -13.79
C VAL A 17 -8.30 -0.07 -13.32
N ALA A 18 -7.86 -1.23 -13.75
CA ALA A 18 -8.47 -2.45 -13.32
C ALA A 18 -7.74 -2.99 -12.11
N VAL A 19 -8.00 -2.34 -10.99
CA VAL A 19 -7.33 -2.66 -9.73
C VAL A 19 -8.04 -3.76 -8.98
N GLN A 20 -7.26 -4.70 -8.46
CA GLN A 20 -7.83 -5.80 -7.71
C GLN A 20 -8.02 -5.42 -6.26
N ARG A 21 -9.25 -5.10 -5.90
CA ARG A 21 -9.56 -4.72 -4.54
C ARG A 21 -9.94 -5.94 -3.71
N SER A 22 -10.53 -6.92 -4.38
CA SER A 22 -10.97 -8.14 -3.71
C SER A 22 -9.78 -8.99 -3.30
N ALA A 23 -8.62 -8.66 -3.85
CA ALA A 23 -7.40 -9.40 -3.57
C ALA A 23 -6.67 -8.82 -2.37
N SER A 24 -7.28 -7.82 -1.74
CA SER A 24 -6.66 -7.15 -0.60
C SER A 24 -6.61 -8.05 0.63
N ARG A 25 -5.62 -7.80 1.46
CA ARG A 25 -5.42 -8.56 2.69
C ARG A 25 -6.10 -7.91 3.87
N VAL A 26 -6.38 -6.63 3.73
CA VAL A 26 -6.94 -5.85 4.81
C VAL A 26 -8.20 -5.14 4.32
N ALA A 27 -9.13 -4.85 5.22
CA ALA A 27 -10.43 -4.32 4.81
C ALA A 27 -10.35 -2.89 4.30
N TYR A 28 -11.01 -2.70 3.19
CA TYR A 28 -11.15 -1.45 2.48
C TYR A 28 -12.01 -0.43 3.19
N ASN A 29 -11.81 -0.25 4.49
CA ASN A 29 -12.83 0.38 5.33
C ASN A 29 -13.01 1.85 4.98
N GLN A 30 -13.98 2.10 4.12
CA GLN A 30 -14.20 3.43 3.56
C GLN A 30 -14.41 4.47 4.65
N SER A 31 -14.75 4.01 5.85
CA SER A 31 -14.92 4.90 6.98
C SER A 31 -13.57 5.35 7.52
N ALA A 32 -12.59 4.44 7.54
CA ALA A 32 -11.24 4.81 7.98
C ALA A 32 -10.51 5.44 6.81
N ILE A 33 -10.92 5.03 5.61
CA ILE A 33 -10.37 5.57 4.39
C ILE A 33 -10.74 7.03 4.26
N ASP A 34 -11.99 7.32 4.57
CA ASP A 34 -12.49 8.68 4.52
C ASP A 34 -12.05 9.41 5.79
N ASP A 35 -11.58 8.62 6.74
CA ASP A 35 -11.02 9.10 7.98
C ASP A 35 -9.56 9.48 7.74
N SER A 36 -9.24 9.61 6.45
CA SER A 36 -7.91 9.95 5.95
C SER A 36 -7.19 11.05 6.73
N ASN A 37 -7.92 11.77 7.57
CA ASN A 37 -7.30 12.77 8.43
C ASN A 37 -6.40 12.13 9.48
N ASN A 38 -6.58 10.83 9.69
CA ASN A 38 -5.79 10.08 10.64
C ASN A 38 -4.32 10.14 10.30
N SER A 39 -3.49 10.19 11.32
CA SER A 39 -2.07 9.99 11.14
C SER A 39 -1.81 8.51 10.96
N ALA A 40 -2.89 7.70 11.02
CA ALA A 40 -2.80 6.28 10.74
C ALA A 40 -2.39 6.08 9.30
N TRP A 41 -2.54 7.13 8.52
CA TRP A 41 -2.24 7.08 7.11
C TRP A 41 -0.85 7.62 6.81
N ASP A 42 -0.25 8.27 7.78
CA ASP A 42 1.09 8.81 7.60
C ASP A 42 2.11 7.74 7.92
N PHE A 43 2.73 7.24 6.86
CA PHE A 43 3.68 6.13 6.95
C PHE A 43 4.85 6.48 7.89
N ALA A 44 5.61 7.50 7.49
CA ALA A 44 6.81 7.98 8.20
C ALA A 44 7.65 8.87 7.26
N ASP A 45 8.82 8.36 6.86
CA ASP A 45 9.71 9.05 5.95
C ASP A 45 10.37 8.06 5.01
N GLY A 46 10.14 8.24 3.74
CA GLY A 46 10.67 7.33 2.73
C GLY A 46 10.33 5.87 3.00
N VAL A 47 9.35 5.69 3.86
CA VAL A 47 8.92 4.38 4.30
C VAL A 47 8.19 3.68 3.18
N LEU A 48 7.36 4.44 2.50
CA LEU A 48 6.66 3.94 1.35
C LEU A 48 7.63 3.74 0.22
N GLU A 49 8.52 4.69 0.11
CA GLU A 49 9.53 4.70 -0.92
C GLU A 49 10.47 3.54 -0.73
N GLN A 50 10.43 2.98 0.47
CA GLN A 50 11.19 1.83 0.85
C GLN A 50 10.54 0.59 0.32
N ILE A 51 9.31 0.46 0.71
CA ILE A 51 8.49 -0.66 0.34
C ILE A 51 8.36 -0.71 -1.16
N LEU A 52 8.27 0.48 -1.73
CA LEU A 52 8.19 0.66 -3.16
C LEU A 52 9.50 0.32 -3.82
N ALA A 53 10.56 0.79 -3.21
CA ALA A 53 11.91 0.48 -3.66
C ALA A 53 12.08 -1.02 -3.67
N THR A 54 11.53 -1.62 -2.64
CA THR A 54 11.46 -3.03 -2.51
C THR A 54 10.58 -3.62 -3.61
N SER A 55 9.35 -3.11 -3.74
CA SER A 55 8.38 -3.62 -4.71
C SER A 55 9.01 -3.77 -6.10
N ARG A 56 9.70 -2.74 -6.56
CA ARG A 56 10.34 -2.76 -7.87
C ARG A 56 11.45 -3.82 -7.91
N SER A 57 12.21 -3.90 -6.83
CA SER A 57 13.27 -4.91 -6.68
C SER A 57 12.69 -6.31 -6.75
N ARG A 58 11.56 -6.48 -6.08
CA ARG A 58 10.85 -7.75 -6.00
C ARG A 58 10.31 -8.15 -7.36
N GLY A 59 9.98 -7.13 -8.15
CA GLY A 59 9.43 -7.35 -9.46
C GLY A 59 7.95 -7.08 -9.47
N TYR A 60 7.48 -6.43 -8.42
CA TYR A 60 6.08 -6.08 -8.29
C TYR A 60 5.74 -4.98 -9.27
N ILE A 61 6.59 -3.97 -9.28
CA ILE A 61 6.40 -2.80 -10.11
C ILE A 61 7.68 -2.33 -10.71
N THR A 62 7.58 -1.16 -11.31
CA THR A 62 8.70 -0.41 -11.80
C THR A 62 8.55 1.04 -11.38
N GLY A 63 9.66 1.67 -11.03
CA GLY A 63 9.68 3.09 -10.68
C GLY A 63 8.47 3.54 -9.88
N ASP A 64 7.79 4.54 -10.41
CA ASP A 64 6.60 5.08 -9.78
C ASP A 64 5.35 4.54 -10.46
N GLN A 65 5.54 3.53 -11.29
CA GLN A 65 4.46 2.89 -12.03
C GLN A 65 3.64 1.99 -11.14
N TYR A 66 3.48 2.36 -9.91
CA TYR A 66 2.73 1.58 -8.97
C TYR A 66 1.41 2.24 -8.69
N ILE A 67 0.49 1.50 -8.13
CA ILE A 67 -0.76 2.08 -7.73
C ILE A 67 -1.05 1.73 -6.30
N LEU A 68 -0.83 2.66 -5.43
CA LEU A 68 -1.04 2.43 -4.03
C LEU A 68 -2.43 2.94 -3.65
N GLU A 69 -3.03 2.39 -2.61
CA GLU A 69 -4.35 2.84 -2.17
C GLU A 69 -4.53 2.70 -0.68
N ARG A 70 -5.23 3.67 -0.09
CA ARG A 70 -5.63 3.58 1.31
C ARG A 70 -6.70 2.52 1.47
N VAL A 71 -6.55 1.73 2.50
CA VAL A 71 -7.42 0.59 2.70
C VAL A 71 -8.04 0.59 4.08
N ASN A 72 -7.24 0.46 5.12
CA ASN A 72 -7.77 0.25 6.45
C ASN A 72 -6.94 0.94 7.52
N ILE A 73 -7.55 1.16 8.67
CA ILE A 73 -6.80 1.63 9.83
C ILE A 73 -6.93 0.61 10.96
N VAL A 74 -5.84 -0.09 11.21
CA VAL A 74 -5.80 -1.06 12.31
C VAL A 74 -4.84 -0.56 13.37
N ASN A 75 -5.39 -0.12 14.51
CA ASN A 75 -4.58 0.42 15.61
C ASN A 75 -3.91 1.74 15.20
N GLY A 76 -4.32 2.25 14.05
CA GLY A 76 -3.64 3.39 13.50
C GLY A 76 -2.48 3.00 12.60
N ASN A 77 -2.43 1.72 12.21
CA ASN A 77 -1.37 1.21 11.36
C ASN A 77 -1.74 1.30 9.90
N GLY A 78 -2.42 2.39 9.54
CA GLY A 78 -3.08 2.53 8.24
C GLY A 78 -2.47 1.72 7.12
N TYR A 79 -3.24 0.77 6.64
CA TYR A 79 -2.78 -0.19 5.65
C TYR A 79 -3.04 0.31 4.25
N TYR A 80 -2.05 0.11 3.41
CA TYR A 80 -2.10 0.54 2.05
C TYR A 80 -1.87 -0.64 1.13
N ASN A 81 -2.65 -0.73 0.08
CA ASN A 81 -2.43 -1.77 -0.90
C ASN A 81 -1.58 -1.23 -2.02
N LEU A 82 -0.68 -2.04 -2.50
CA LEU A 82 0.15 -1.67 -3.62
C LEU A 82 -0.33 -2.45 -4.82
N TYR A 83 -0.55 -1.74 -5.88
CA TYR A 83 -1.08 -2.29 -7.10
C TYR A 83 -0.14 -2.02 -8.25
N LYS A 84 -0.27 -2.82 -9.28
CA LYS A 84 0.43 -2.61 -10.52
C LYS A 84 -0.24 -1.49 -11.28
N PRO A 85 0.41 -0.93 -12.31
CA PRO A 85 -0.20 0.11 -13.13
C PRO A 85 -1.49 -0.35 -13.76
N ASP A 86 -1.67 -1.66 -13.80
CA ASP A 86 -2.86 -2.25 -14.37
C ASP A 86 -3.88 -2.50 -13.29
N GLY A 87 -3.48 -2.25 -12.06
CA GLY A 87 -4.37 -2.40 -10.92
C GLY A 87 -4.20 -3.73 -10.22
N THR A 88 -3.33 -4.58 -10.73
CA THR A 88 -3.09 -5.88 -10.13
C THR A 88 -2.55 -5.75 -8.71
N TYR A 89 -3.28 -6.33 -7.76
CA TYR A 89 -2.85 -6.37 -6.36
C TYR A 89 -1.49 -7.03 -6.20
N LEU A 90 -0.64 -6.32 -5.49
CA LEU A 90 0.69 -6.77 -5.18
C LEU A 90 0.77 -7.18 -3.71
N PHE A 91 0.44 -6.25 -2.81
CA PHE A 91 0.41 -6.53 -1.38
C PHE A 91 -0.28 -5.44 -0.59
N THR A 92 -0.45 -5.71 0.70
CA THR A 92 -0.94 -4.75 1.66
C THR A 92 0.17 -4.41 2.62
N LEU A 93 0.50 -3.15 2.71
CA LEU A 93 1.57 -2.71 3.55
C LEU A 93 1.08 -1.91 4.72
N ASN A 94 1.95 -1.78 5.69
CA ASN A 94 1.71 -1.01 6.88
C ASN A 94 2.48 0.27 6.73
N CYS A 95 1.81 1.39 6.77
CA CYS A 95 2.47 2.66 6.58
C CYS A 95 3.32 2.98 7.80
N LYS A 96 2.74 2.70 8.96
CA LYS A 96 3.31 3.09 10.22
C LYS A 96 4.57 2.31 10.54
N THR A 97 4.71 1.15 9.92
CA THR A 97 5.87 0.33 10.16
C THR A 97 6.64 0.08 8.86
N GLY A 98 5.95 0.23 7.73
CA GLY A 98 6.55 -0.03 6.44
C GLY A 98 6.63 -1.52 6.16
N TYR A 99 5.93 -2.29 6.99
CA TYR A 99 5.77 -3.70 6.80
C TYR A 99 4.88 -3.95 5.60
N PHE A 100 4.94 -5.14 5.03
CA PHE A 100 4.03 -5.50 3.95
C PHE A 100 3.68 -6.96 3.99
N VAL A 101 2.43 -7.23 3.65
CA VAL A 101 1.87 -8.56 3.73
C VAL A 101 1.49 -9.03 2.34
N GLY A 102 1.71 -10.31 2.06
CA GLY A 102 1.38 -10.84 0.76
C GLY A 102 0.03 -11.51 0.73
N ASN A 103 -0.25 -12.23 -0.34
CA ASN A 103 -1.52 -12.93 -0.46
C ASN A 103 -1.30 -14.32 -1.05
N GLY A 104 -2.37 -15.07 -1.20
CA GLY A 104 -2.26 -16.42 -1.72
C GLY A 104 -2.61 -17.46 -0.68
N ALA A 105 -2.01 -17.33 0.51
CA ALA A 105 -2.26 -18.26 1.60
C ALA A 105 -3.52 -17.90 2.36
N GLY A 106 -4.65 -18.44 1.91
CA GLY A 106 -5.91 -18.21 2.59
C GLY A 106 -6.29 -16.75 2.60
N HIS A 107 -6.88 -16.31 3.71
CA HIS A 107 -7.23 -14.90 3.86
C HIS A 107 -6.13 -14.17 4.63
N ALA A 108 -5.73 -14.73 5.76
CA ALA A 108 -4.64 -14.16 6.52
C ALA A 108 -3.32 -14.78 6.12
N ASP A 109 -2.73 -14.21 5.10
CA ASP A 109 -1.42 -14.62 4.67
C ASP A 109 -0.39 -14.33 5.76
N ASP A 110 -0.39 -13.09 6.21
CA ASP A 110 0.56 -12.65 7.24
C ASP A 110 -0.20 -12.24 8.49
N LEU A 111 -1.49 -12.02 8.33
CA LEU A 111 -2.27 -11.28 9.30
C LEU A 111 -2.70 -12.14 10.46
N ASP A 112 -3.20 -11.46 11.47
CA ASP A 112 -3.82 -12.07 12.63
C ASP A 112 -5.20 -11.42 12.80
N TYR A 113 -5.49 -10.53 11.87
CA TYR A 113 -6.66 -9.68 11.90
C TYR A 113 -7.41 -9.77 10.59
N GLY A 1 14.04 16.50 -3.33
CA GLY A 1 14.36 16.40 -1.89
C GLY A 1 15.83 16.14 -1.64
N HIS A 2 16.37 16.79 -0.62
CA HIS A 2 17.78 16.62 -0.28
C HIS A 2 17.98 15.42 0.62
N MET A 3 18.63 14.39 0.09
CA MET A 3 18.92 13.14 0.81
C MET A 3 17.65 12.33 1.06
N SER A 4 17.72 11.05 0.69
CA SER A 4 16.61 10.12 0.88
C SER A 4 15.37 10.55 0.10
N ARG A 5 15.29 10.11 -1.15
CA ARG A 5 14.15 10.43 -2.01
C ARG A 5 12.88 9.82 -1.43
N SER A 6 12.01 10.69 -0.94
CA SER A 6 10.81 10.24 -0.28
C SER A 6 9.58 10.93 -0.86
N GLU A 7 8.99 10.26 -1.84
CA GLU A 7 7.78 10.73 -2.45
C GLU A 7 6.55 10.40 -1.61
N VAL A 8 6.47 9.12 -1.20
CA VAL A 8 5.28 8.60 -0.51
C VAL A 8 3.99 9.08 -1.16
N ASN A 9 3.62 8.44 -2.24
CA ASN A 9 2.35 8.71 -2.90
C ASN A 9 1.77 7.44 -3.52
N MET A 10 0.74 7.58 -4.33
CA MET A 10 0.14 6.42 -4.99
C MET A 10 0.81 6.13 -6.34
N GLY A 11 1.60 7.10 -6.73
CA GLY A 11 2.49 7.06 -7.91
C GLY A 11 1.81 6.94 -9.26
N LEU A 12 0.73 6.19 -9.36
CA LEU A 12 -0.11 6.20 -10.52
C LEU A 12 -1.51 6.59 -10.11
N SER A 13 -2.34 6.80 -11.09
CA SER A 13 -3.72 7.11 -10.88
C SER A 13 -4.59 5.88 -11.07
N SER A 14 -5.21 5.42 -9.99
CA SER A 14 -6.07 4.25 -10.03
C SER A 14 -7.44 4.59 -10.63
N ALA A 15 -7.47 5.58 -11.50
CA ALA A 15 -8.68 6.01 -12.15
C ALA A 15 -8.92 5.21 -13.42
N GLY A 16 -9.91 4.32 -13.37
CA GLY A 16 -10.25 3.53 -14.55
C GLY A 16 -9.43 2.26 -14.64
N VAL A 17 -8.45 2.14 -13.75
CA VAL A 17 -7.59 0.98 -13.70
C VAL A 17 -8.35 -0.24 -13.22
N ALA A 18 -7.97 -1.38 -13.74
CA ALA A 18 -8.56 -2.61 -13.31
C ALA A 18 -7.82 -3.14 -12.09
N VAL A 19 -8.06 -2.49 -10.98
CA VAL A 19 -7.38 -2.80 -9.74
C VAL A 19 -8.11 -3.87 -8.96
N GLN A 20 -7.32 -4.80 -8.42
CA GLN A 20 -7.88 -5.89 -7.68
C GLN A 20 -8.09 -5.48 -6.23
N ARG A 21 -9.32 -5.14 -5.90
CA ARG A 21 -9.65 -4.66 -4.58
C ARG A 21 -10.15 -5.80 -3.72
N SER A 22 -10.80 -6.74 -4.38
CA SER A 22 -11.29 -7.94 -3.71
C SER A 22 -10.12 -8.87 -3.42
N ALA A 23 -8.94 -8.41 -3.78
CA ALA A 23 -7.72 -9.18 -3.62
C ALA A 23 -6.92 -8.65 -2.45
N SER A 24 -7.45 -7.62 -1.81
CA SER A 24 -6.75 -6.95 -0.73
C SER A 24 -6.77 -7.79 0.55
N ARG A 25 -5.62 -7.85 1.20
CA ARG A 25 -5.47 -8.59 2.44
C ARG A 25 -6.06 -7.86 3.63
N VAL A 26 -6.41 -6.60 3.45
CA VAL A 26 -7.00 -5.82 4.54
C VAL A 26 -8.25 -5.11 4.03
N ALA A 27 -9.16 -4.78 4.95
CA ALA A 27 -10.46 -4.25 4.57
C ALA A 27 -10.38 -2.80 4.12
N TYR A 28 -11.04 -2.56 3.02
CA TYR A 28 -11.15 -1.28 2.35
C TYR A 28 -12.00 -0.25 3.09
N ASN A 29 -11.82 -0.10 4.39
CA ASN A 29 -12.83 0.54 5.24
C ASN A 29 -12.95 2.04 4.89
N GLN A 30 -13.91 2.35 4.03
CA GLN A 30 -14.02 3.69 3.46
C GLN A 30 -14.28 4.73 4.55
N SER A 31 -14.62 4.26 5.74
CA SER A 31 -14.80 5.13 6.88
C SER A 31 -13.45 5.53 7.45
N ALA A 32 -12.51 4.60 7.49
CA ALA A 32 -11.15 4.92 7.94
C ALA A 32 -10.41 5.57 6.80
N ILE A 33 -10.79 5.17 5.60
CA ILE A 33 -10.19 5.70 4.38
C ILE A 33 -10.53 7.17 4.24
N ASP A 34 -11.79 7.50 4.51
CA ASP A 34 -12.25 8.87 4.43
C ASP A 34 -11.73 9.62 5.64
N ASP A 35 -11.32 8.84 6.62
CA ASP A 35 -10.74 9.34 7.85
C ASP A 35 -9.24 9.55 7.65
N SER A 36 -8.84 9.58 6.37
CA SER A 36 -7.45 9.81 5.96
C SER A 36 -6.77 11.00 6.67
N ASN A 37 -7.51 11.72 7.50
CA ASN A 37 -6.91 12.74 8.35
C ASN A 37 -6.16 12.10 9.53
N ASN A 38 -6.35 10.80 9.71
CA ASN A 38 -5.68 10.06 10.74
C ASN A 38 -4.18 10.08 10.53
N SER A 39 -3.45 10.08 11.63
CA SER A 39 -2.03 9.87 11.57
C SER A 39 -1.76 8.41 11.25
N ALA A 40 -2.82 7.60 11.25
CA ALA A 40 -2.73 6.20 10.91
C ALA A 40 -2.31 6.05 9.47
N TRP A 41 -2.51 7.09 8.69
CA TRP A 41 -2.25 7.05 7.26
C TRP A 41 -0.86 7.57 6.92
N ASP A 42 -0.24 8.25 7.87
CA ASP A 42 1.08 8.78 7.68
C ASP A 42 2.11 7.70 7.95
N PHE A 43 2.69 7.21 6.86
CA PHE A 43 3.66 6.12 6.91
C PHE A 43 4.82 6.45 7.86
N ALA A 44 5.58 7.48 7.49
CA ALA A 44 6.76 7.95 8.23
C ALA A 44 7.61 8.87 7.35
N ASP A 45 8.75 8.35 6.86
CA ASP A 45 9.66 9.10 6.00
C ASP A 45 10.33 8.17 4.99
N GLY A 46 9.95 8.28 3.71
CA GLY A 46 10.46 7.41 2.66
C GLY A 46 10.21 5.94 2.96
N VAL A 47 9.25 5.71 3.84
CA VAL A 47 8.87 4.40 4.29
C VAL A 47 8.14 3.67 3.18
N LEU A 48 7.34 4.42 2.45
CA LEU A 48 6.63 3.87 1.33
C LEU A 48 7.58 3.63 0.21
N GLU A 49 8.46 4.57 0.05
CA GLU A 49 9.47 4.56 -0.98
C GLU A 49 10.46 3.45 -0.72
N GLN A 50 10.38 2.92 0.48
CA GLN A 50 11.14 1.77 0.89
C GLN A 50 10.51 0.52 0.37
N ILE A 51 9.27 0.40 0.73
CA ILE A 51 8.46 -0.73 0.36
C ILE A 51 8.36 -0.80 -1.13
N LEU A 52 8.28 0.37 -1.72
CA LEU A 52 8.22 0.53 -3.14
C LEU A 52 9.56 0.23 -3.77
N ALA A 53 10.61 0.73 -3.12
CA ALA A 53 11.96 0.45 -3.55
C ALA A 53 12.16 -1.05 -3.59
N THR A 54 11.55 -1.67 -2.60
CA THR A 54 11.47 -3.09 -2.51
C THR A 54 10.60 -3.65 -3.62
N SER A 55 9.37 -3.16 -3.74
CA SER A 55 8.43 -3.65 -4.74
C SER A 55 9.06 -3.75 -6.13
N ARG A 56 9.74 -2.68 -6.55
CA ARG A 56 10.37 -2.65 -7.86
C ARG A 56 11.49 -3.68 -7.95
N SER A 57 12.24 -3.82 -6.85
CA SER A 57 13.31 -4.79 -6.76
C SER A 57 12.75 -6.21 -6.84
N ARG A 58 11.68 -6.43 -6.10
CA ARG A 58 10.98 -7.71 -6.06
C ARG A 58 10.44 -8.07 -7.43
N GLY A 59 10.14 -7.03 -8.20
CA GLY A 59 9.61 -7.22 -9.53
C GLY A 59 8.13 -6.96 -9.58
N TYR A 60 7.62 -6.36 -8.50
CA TYR A 60 6.21 -6.01 -8.41
C TYR A 60 5.89 -4.90 -9.38
N ILE A 61 6.71 -3.87 -9.35
CA ILE A 61 6.50 -2.68 -10.13
C ILE A 61 7.79 -2.13 -10.70
N THR A 62 7.65 -0.96 -11.26
CA THR A 62 8.76 -0.16 -11.72
C THR A 62 8.56 1.27 -11.25
N GLY A 63 9.64 1.90 -10.80
CA GLY A 63 9.61 3.30 -10.41
C GLY A 63 8.37 3.69 -9.63
N ASP A 64 7.72 4.73 -10.11
CA ASP A 64 6.48 5.20 -9.51
C ASP A 64 5.27 4.69 -10.29
N GLN A 65 5.51 3.73 -11.17
CA GLN A 65 4.48 3.08 -11.95
C GLN A 65 3.69 2.08 -11.14
N TYR A 66 3.49 2.40 -9.89
CA TYR A 66 2.74 1.54 -9.01
C TYR A 66 1.41 2.19 -8.73
N ILE A 67 0.50 1.44 -8.17
CA ILE A 67 -0.77 1.98 -7.76
C ILE A 67 -1.03 1.62 -6.33
N LEU A 68 -0.80 2.54 -5.46
CA LEU A 68 -1.02 2.32 -4.06
C LEU A 68 -2.38 2.86 -3.70
N GLU A 69 -3.00 2.32 -2.66
CA GLU A 69 -4.30 2.81 -2.22
C GLU A 69 -4.45 2.69 -0.72
N ARG A 70 -5.25 3.59 -0.17
CA ARG A 70 -5.62 3.53 1.24
C ARG A 70 -6.66 2.47 1.42
N VAL A 71 -6.52 1.71 2.49
CA VAL A 71 -7.38 0.59 2.69
C VAL A 71 -8.02 0.62 4.06
N ASN A 72 -7.22 0.51 5.11
CA ASN A 72 -7.78 0.28 6.44
C ASN A 72 -6.93 0.93 7.51
N ILE A 73 -7.52 1.12 8.67
CA ILE A 73 -6.77 1.58 9.84
C ILE A 73 -6.87 0.56 10.96
N VAL A 74 -5.77 -0.10 11.23
CA VAL A 74 -5.69 -1.09 12.31
C VAL A 74 -4.71 -0.60 13.36
N ASN A 75 -5.23 -0.25 14.54
CA ASN A 75 -4.40 0.26 15.63
C ASN A 75 -3.78 1.61 15.25
N GLY A 76 -4.22 2.16 14.13
CA GLY A 76 -3.59 3.33 13.59
C GLY A 76 -2.39 2.99 12.71
N ASN A 77 -2.34 1.74 12.25
CA ASN A 77 -1.24 1.27 11.40
C ASN A 77 -1.61 1.36 9.93
N GLY A 78 -2.34 2.43 9.58
CA GLY A 78 -2.99 2.59 8.28
C GLY A 78 -2.39 1.76 7.16
N TYR A 79 -3.20 0.86 6.64
CA TYR A 79 -2.74 -0.08 5.64
C TYR A 79 -2.99 0.44 4.25
N TYR A 80 -1.99 0.27 3.43
CA TYR A 80 -2.03 0.67 2.05
C TYR A 80 -1.72 -0.52 1.19
N ASN A 81 -2.49 -0.73 0.16
CA ASN A 81 -2.18 -1.84 -0.73
C ASN A 81 -1.52 -1.34 -1.99
N LEU A 82 -0.61 -2.14 -2.49
CA LEU A 82 0.17 -1.79 -3.65
C LEU A 82 -0.34 -2.56 -4.84
N TYR A 83 -0.55 -1.86 -5.91
CA TYR A 83 -1.05 -2.42 -7.13
C TYR A 83 -0.11 -2.13 -8.28
N LYS A 84 -0.24 -2.91 -9.32
CA LYS A 84 0.45 -2.66 -10.55
C LYS A 84 -0.26 -1.56 -11.31
N PRO A 85 0.36 -0.96 -12.34
CA PRO A 85 -0.30 0.07 -13.16
C PRO A 85 -1.62 -0.43 -13.74
N ASP A 86 -1.76 -1.74 -13.80
CA ASP A 86 -2.92 -2.34 -14.36
C ASP A 86 -3.91 -2.69 -13.26
N GLY A 87 -3.53 -2.38 -12.02
CA GLY A 87 -4.41 -2.57 -10.89
C GLY A 87 -4.22 -3.91 -10.22
N THR A 88 -3.27 -4.70 -10.68
CA THR A 88 -3.02 -6.00 -10.07
C THR A 88 -2.53 -5.86 -8.63
N TYR A 89 -3.30 -6.47 -7.71
CA TYR A 89 -2.90 -6.54 -6.31
C TYR A 89 -1.55 -7.19 -6.13
N LEU A 90 -0.69 -6.46 -5.47
CA LEU A 90 0.64 -6.92 -5.14
C LEU A 90 0.74 -7.30 -3.67
N PHE A 91 0.43 -6.34 -2.80
CA PHE A 91 0.42 -6.59 -1.35
C PHE A 91 -0.30 -5.49 -0.59
N THR A 92 -0.43 -5.68 0.71
CA THR A 92 -0.95 -4.68 1.62
C THR A 92 0.10 -4.34 2.65
N LEU A 93 0.44 -3.09 2.75
CA LEU A 93 1.53 -2.66 3.60
C LEU A 93 1.02 -1.85 4.77
N ASN A 94 1.89 -1.74 5.75
CA ASN A 94 1.63 -0.99 6.94
C ASN A 94 2.43 0.28 6.83
N CYS A 95 1.77 1.39 6.70
CA CYS A 95 2.47 2.65 6.50
C CYS A 95 3.31 2.97 7.72
N LYS A 96 2.76 2.65 8.89
CA LYS A 96 3.33 3.07 10.14
C LYS A 96 4.61 2.32 10.45
N THR A 97 4.80 1.19 9.79
CA THR A 97 5.96 0.37 10.05
C THR A 97 6.72 0.08 8.76
N GLY A 98 6.04 0.29 7.63
CA GLY A 98 6.60 -0.02 6.34
C GLY A 98 6.68 -1.53 6.13
N TYR A 99 5.93 -2.26 6.94
CA TYR A 99 5.77 -3.68 6.77
C TYR A 99 4.84 -3.92 5.58
N PHE A 100 4.86 -5.12 5.04
CA PHE A 100 3.97 -5.44 3.95
C PHE A 100 3.58 -6.90 3.96
N VAL A 101 2.32 -7.13 3.66
CA VAL A 101 1.73 -8.45 3.74
C VAL A 101 1.45 -8.96 2.33
N GLY A 102 1.73 -10.22 2.08
CA GLY A 102 1.56 -10.75 0.75
C GLY A 102 0.12 -11.12 0.46
N ASN A 103 -0.13 -12.39 0.20
CA ASN A 103 -1.48 -12.87 -0.08
C ASN A 103 -1.57 -14.35 0.26
N GLY A 104 -0.88 -15.18 -0.52
CA GLY A 104 -0.85 -16.61 -0.27
C GLY A 104 -2.24 -17.22 -0.29
N ALA A 105 -2.45 -18.21 0.57
CA ALA A 105 -3.74 -18.88 0.67
C ALA A 105 -4.51 -18.38 1.90
N GLY A 106 -5.78 -18.74 1.98
CA GLY A 106 -6.59 -18.35 3.11
C GLY A 106 -6.89 -16.87 3.12
N HIS A 107 -6.88 -16.27 4.30
CA HIS A 107 -7.15 -14.84 4.42
C HIS A 107 -5.94 -14.10 4.99
N ALA A 108 -4.95 -14.85 5.45
CA ALA A 108 -3.79 -14.23 6.09
C ALA A 108 -2.48 -14.81 5.60
N ASP A 109 -1.68 -13.93 5.05
CA ASP A 109 -0.32 -14.23 4.67
C ASP A 109 0.62 -13.79 5.78
N ASP A 110 0.51 -12.52 6.15
CA ASP A 110 1.26 -11.94 7.26
C ASP A 110 0.29 -11.50 8.34
N LEU A 111 -0.98 -11.69 8.06
CA LEU A 111 -2.02 -11.06 8.84
C LEU A 111 -2.31 -11.82 10.12
N ASP A 112 -3.00 -11.15 11.02
CA ASP A 112 -3.31 -11.68 12.35
C ASP A 112 -4.39 -10.82 13.00
N TYR A 113 -4.89 -9.88 12.23
CA TYR A 113 -5.73 -8.82 12.74
C TYR A 113 -7.20 -9.16 12.58
N GLY A 1 25.96 7.34 0.10
CA GLY A 1 25.56 7.92 -1.19
C GLY A 1 24.25 7.34 -1.69
N HIS A 2 23.66 7.98 -2.70
CA HIS A 2 22.39 7.52 -3.29
C HIS A 2 21.30 7.50 -2.23
N MET A 3 20.92 8.67 -1.74
CA MET A 3 19.88 8.77 -0.73
C MET A 3 18.51 8.65 -1.39
N SER A 4 17.76 7.65 -0.98
CA SER A 4 16.43 7.44 -1.52
C SER A 4 15.49 8.56 -1.07
N ARG A 5 14.95 9.30 -2.04
CA ARG A 5 14.09 10.44 -1.74
C ARG A 5 12.80 9.98 -1.06
N SER A 6 12.35 10.76 -0.09
CA SER A 6 11.16 10.41 0.67
C SER A 6 9.94 11.10 0.10
N GLU A 7 9.33 10.44 -0.87
CA GLU A 7 8.17 10.95 -1.56
C GLU A 7 6.87 10.54 -0.88
N VAL A 8 6.62 9.23 -0.81
CA VAL A 8 5.37 8.70 -0.29
C VAL A 8 4.15 9.22 -1.05
N ASN A 9 3.78 8.49 -2.09
CA ASN A 9 2.59 8.84 -2.87
C ASN A 9 1.98 7.58 -3.50
N MET A 10 0.95 7.74 -4.31
CA MET A 10 0.26 6.58 -4.92
C MET A 10 0.87 6.21 -6.27
N GLY A 11 1.61 7.17 -6.75
CA GLY A 11 2.52 7.07 -7.91
C GLY A 11 1.86 6.95 -9.27
N LEU A 12 0.77 6.21 -9.37
CA LEU A 12 -0.06 6.23 -10.55
C LEU A 12 -1.47 6.61 -10.16
N SER A 13 -2.28 6.81 -11.16
CA SER A 13 -3.68 7.09 -10.96
C SER A 13 -4.50 5.82 -11.09
N SER A 14 -5.20 5.45 -10.03
CA SER A 14 -6.04 4.27 -10.03
C SER A 14 -7.43 4.62 -10.60
N ALA A 15 -7.48 5.71 -11.35
CA ALA A 15 -8.71 6.14 -11.97
C ALA A 15 -8.91 5.47 -13.31
N GLY A 16 -9.83 4.52 -13.36
CA GLY A 16 -10.10 3.81 -14.59
C GLY A 16 -9.34 2.50 -14.68
N VAL A 17 -8.37 2.34 -13.80
CA VAL A 17 -7.55 1.14 -13.76
C VAL A 17 -8.35 -0.05 -13.29
N ALA A 18 -7.98 -1.21 -13.81
CA ALA A 18 -8.59 -2.43 -13.40
C ALA A 18 -7.86 -3.00 -12.20
N VAL A 19 -8.09 -2.37 -11.07
CA VAL A 19 -7.39 -2.70 -9.84
C VAL A 19 -8.08 -3.79 -9.06
N GLN A 20 -7.29 -4.72 -8.55
CA GLN A 20 -7.83 -5.83 -7.81
C GLN A 20 -7.96 -5.45 -6.35
N ARG A 21 -9.17 -5.14 -5.96
CA ARG A 21 -9.44 -4.75 -4.59
C ARG A 21 -9.86 -5.97 -3.78
N SER A 22 -10.40 -6.95 -4.48
CA SER A 22 -10.87 -8.16 -3.84
C SER A 22 -9.70 -9.05 -3.42
N ALA A 23 -8.53 -8.74 -3.93
CA ALA A 23 -7.34 -9.53 -3.66
C ALA A 23 -6.61 -9.01 -2.42
N SER A 24 -7.12 -7.91 -1.88
CA SER A 24 -6.48 -7.26 -0.74
C SER A 24 -6.51 -8.16 0.49
N ARG A 25 -5.56 -7.92 1.38
CA ARG A 25 -5.44 -8.68 2.61
C ARG A 25 -6.13 -7.99 3.78
N VAL A 26 -6.41 -6.71 3.61
CA VAL A 26 -6.96 -5.91 4.70
C VAL A 26 -8.23 -5.20 4.23
N ALA A 27 -9.11 -4.84 5.15
CA ALA A 27 -10.41 -4.30 4.79
C ALA A 27 -10.32 -2.87 4.29
N TYR A 28 -10.99 -2.66 3.18
CA TYR A 28 -11.11 -1.40 2.47
C TYR A 28 -11.97 -0.37 3.21
N ASN A 29 -11.77 -0.21 4.51
CA ASN A 29 -12.79 0.40 5.35
C ASN A 29 -12.93 1.89 5.04
N GLN A 30 -13.92 2.20 4.21
CA GLN A 30 -14.08 3.55 3.68
C GLN A 30 -14.31 4.55 4.80
N SER A 31 -14.65 4.05 5.98
CA SER A 31 -14.87 4.90 7.14
C SER A 31 -13.56 5.26 7.81
N ALA A 32 -12.54 4.41 7.65
CA ALA A 32 -11.20 4.77 8.10
C ALA A 32 -10.48 5.45 6.96
N ILE A 33 -10.87 5.08 5.75
CA ILE A 33 -10.31 5.64 4.54
C ILE A 33 -10.71 7.10 4.42
N ASP A 34 -11.97 7.37 4.65
CA ASP A 34 -12.49 8.73 4.59
C ASP A 34 -12.04 9.48 5.81
N ASP A 35 -11.57 8.71 6.77
CA ASP A 35 -11.01 9.23 8.00
C ASP A 35 -9.53 9.52 7.78
N SER A 36 -9.14 9.59 6.51
CA SER A 36 -7.78 9.89 6.07
C SER A 36 -7.11 11.05 6.84
N ASN A 37 -7.88 11.79 7.62
CA ASN A 37 -7.32 12.81 8.50
C ASN A 37 -6.46 12.18 9.60
N ASN A 38 -6.59 10.86 9.76
CA ASN A 38 -5.83 10.13 10.74
C ASN A 38 -4.34 10.19 10.46
N SER A 39 -3.59 10.20 11.55
CA SER A 39 -2.16 10.02 11.47
C SER A 39 -1.86 8.56 11.20
N ALA A 40 -2.91 7.73 11.18
CA ALA A 40 -2.79 6.33 10.86
C ALA A 40 -2.37 6.15 9.42
N TRP A 41 -2.51 7.20 8.64
CA TRP A 41 -2.23 7.13 7.22
C TRP A 41 -0.83 7.65 6.90
N ASP A 42 -0.23 8.33 7.86
CA ASP A 42 1.12 8.86 7.69
C ASP A 42 2.13 7.75 7.96
N PHE A 43 2.73 7.27 6.87
CA PHE A 43 3.68 6.17 6.92
C PHE A 43 4.85 6.49 7.86
N ALA A 44 5.63 7.51 7.48
CA ALA A 44 6.81 7.97 8.21
C ALA A 44 7.66 8.89 7.31
N ASP A 45 8.79 8.37 6.81
CA ASP A 45 9.68 9.13 5.93
C ASP A 45 10.32 8.24 4.88
N GLY A 46 9.80 8.32 3.65
CA GLY A 46 10.28 7.45 2.56
C GLY A 46 10.09 5.98 2.89
N VAL A 47 9.21 5.73 3.84
CA VAL A 47 8.87 4.40 4.29
C VAL A 47 8.14 3.67 3.18
N LEU A 48 7.31 4.42 2.50
CA LEU A 48 6.59 3.89 1.37
C LEU A 48 7.52 3.66 0.24
N GLU A 49 8.41 4.60 0.08
CA GLU A 49 9.39 4.59 -0.99
C GLU A 49 10.40 3.49 -0.75
N GLN A 50 10.33 2.94 0.44
CA GLN A 50 11.10 1.80 0.83
C GLN A 50 10.46 0.54 0.31
N ILE A 51 9.21 0.44 0.65
CA ILE A 51 8.39 -0.68 0.28
C ILE A 51 8.23 -0.70 -1.22
N LEU A 52 8.22 0.50 -1.78
CA LEU A 52 8.17 0.71 -3.20
C LEU A 52 9.50 0.40 -3.84
N ALA A 53 10.56 0.84 -3.19
CA ALA A 53 11.90 0.53 -3.64
C ALA A 53 12.07 -0.97 -3.65
N THR A 54 11.44 -1.57 -2.66
CA THR A 54 11.40 -3.00 -2.52
C THR A 54 10.53 -3.62 -3.61
N SER A 55 9.26 -3.21 -3.71
CA SER A 55 8.32 -3.80 -4.66
C SER A 55 8.91 -3.85 -6.06
N ARG A 56 9.59 -2.79 -6.47
CA ARG A 56 10.25 -2.76 -7.78
C ARG A 56 11.36 -3.80 -7.85
N SER A 57 12.21 -3.83 -6.82
CA SER A 57 13.31 -4.78 -6.73
C SER A 57 12.79 -6.22 -6.76
N ARG A 58 11.68 -6.42 -6.07
CA ARG A 58 11.03 -7.72 -5.99
C ARG A 58 10.45 -8.12 -7.34
N GLY A 59 10.07 -7.12 -8.10
CA GLY A 59 9.50 -7.34 -9.41
C GLY A 59 8.00 -7.12 -9.41
N TYR A 60 7.52 -6.49 -8.35
CA TYR A 60 6.11 -6.16 -8.22
C TYR A 60 5.76 -5.05 -9.18
N ILE A 61 6.60 -4.02 -9.19
CA ILE A 61 6.41 -2.83 -10.00
C ILE A 61 7.70 -2.33 -10.56
N THR A 62 7.59 -1.15 -11.15
CA THR A 62 8.73 -0.39 -11.63
C THR A 62 8.58 1.08 -11.22
N GLY A 63 9.70 1.69 -10.85
CA GLY A 63 9.73 3.11 -10.51
C GLY A 63 8.55 3.55 -9.67
N ASP A 64 7.84 4.55 -10.18
CA ASP A 64 6.62 5.03 -9.55
C ASP A 64 5.40 4.57 -10.33
N GLN A 65 5.59 3.55 -11.15
CA GLN A 65 4.54 2.91 -11.91
C GLN A 65 3.71 1.98 -11.05
N TYR A 66 3.53 2.35 -9.83
CA TYR A 66 2.75 1.54 -8.93
C TYR A 66 1.44 2.22 -8.67
N ILE A 67 0.50 1.49 -8.14
CA ILE A 67 -0.76 2.06 -7.74
C ILE A 67 -1.03 1.71 -6.31
N LEU A 68 -0.80 2.65 -5.45
CA LEU A 68 -1.03 2.43 -4.05
C LEU A 68 -2.40 2.97 -3.69
N GLU A 69 -3.04 2.41 -2.67
CA GLU A 69 -4.36 2.87 -2.26
C GLU A 69 -4.55 2.74 -0.76
N ARG A 70 -5.31 3.67 -0.21
CA ARG A 70 -5.68 3.63 1.20
C ARG A 70 -6.75 2.58 1.41
N VAL A 71 -6.57 1.79 2.44
CA VAL A 71 -7.42 0.65 2.66
C VAL A 71 -8.01 0.63 4.06
N ASN A 72 -7.18 0.52 5.08
CA ASN A 72 -7.69 0.28 6.42
C ASN A 72 -6.86 0.98 7.47
N ILE A 73 -7.45 1.14 8.65
CA ILE A 73 -6.72 1.62 9.81
C ILE A 73 -6.82 0.60 10.93
N VAL A 74 -5.70 -0.05 11.24
CA VAL A 74 -5.66 -1.01 12.34
C VAL A 74 -4.69 -0.52 13.40
N ASN A 75 -5.21 -0.14 14.56
CA ASN A 75 -4.38 0.41 15.65
C ASN A 75 -3.78 1.76 15.23
N GLY A 76 -4.22 2.25 14.10
CA GLY A 76 -3.59 3.42 13.53
C GLY A 76 -2.41 3.06 12.64
N ASN A 77 -2.33 1.80 12.24
CA ASN A 77 -1.23 1.31 11.40
C ASN A 77 -1.61 1.36 9.93
N GLY A 78 -2.32 2.43 9.57
CA GLY A 78 -2.95 2.58 8.25
C GLY A 78 -2.35 1.73 7.15
N TYR A 79 -3.16 0.84 6.62
CA TYR A 79 -2.72 -0.13 5.65
C TYR A 79 -3.00 0.36 4.24
N TYR A 80 -2.03 0.16 3.40
CA TYR A 80 -2.09 0.59 2.02
C TYR A 80 -1.87 -0.59 1.10
N ASN A 81 -2.64 -0.66 0.05
CA ASN A 81 -2.43 -1.72 -0.92
C ASN A 81 -1.57 -1.20 -2.04
N LEU A 82 -0.68 -2.04 -2.50
CA LEU A 82 0.15 -1.70 -3.61
C LEU A 82 -0.33 -2.48 -4.81
N TYR A 83 -0.57 -1.75 -5.88
CA TYR A 83 -1.10 -2.32 -7.09
C TYR A 83 -0.15 -2.05 -8.24
N LYS A 84 -0.30 -2.83 -9.28
CA LYS A 84 0.42 -2.61 -10.51
C LYS A 84 -0.27 -1.49 -11.28
N PRO A 85 0.37 -0.92 -12.30
CA PRO A 85 -0.26 0.11 -13.14
C PRO A 85 -1.57 -0.38 -13.75
N ASP A 86 -1.72 -1.69 -13.80
CA ASP A 86 -2.89 -2.28 -14.37
C ASP A 86 -3.89 -2.59 -13.28
N GLY A 87 -3.52 -2.27 -12.06
CA GLY A 87 -4.41 -2.44 -10.94
C GLY A 87 -4.22 -3.77 -10.24
N THR A 88 -3.30 -4.59 -10.74
CA THR A 88 -3.06 -5.89 -10.13
C THR A 88 -2.54 -5.76 -8.70
N TYR A 89 -3.29 -6.32 -7.77
CA TYR A 89 -2.87 -6.36 -6.37
C TYR A 89 -1.51 -7.02 -6.20
N LEU A 90 -0.67 -6.32 -5.49
CA LEU A 90 0.65 -6.79 -5.16
C LEU A 90 0.71 -7.19 -3.69
N PHE A 91 0.39 -6.24 -2.81
CA PHE A 91 0.35 -6.52 -1.36
C PHE A 91 -0.33 -5.41 -0.59
N THR A 92 -0.53 -5.69 0.69
CA THR A 92 -1.03 -4.71 1.64
C THR A 92 0.09 -4.37 2.61
N LEU A 93 0.44 -3.12 2.66
CA LEU A 93 1.54 -2.71 3.50
C LEU A 93 1.04 -1.90 4.67
N ASN A 94 1.92 -1.75 5.63
CA ASN A 94 1.68 -0.96 6.80
C ASN A 94 2.44 0.33 6.62
N CYS A 95 1.78 1.45 6.75
CA CYS A 95 2.44 2.71 6.58
C CYS A 95 3.30 3.01 7.80
N LYS A 96 2.75 2.67 8.95
CA LYS A 96 3.33 3.04 10.22
C LYS A 96 4.57 2.22 10.54
N THR A 97 4.69 1.07 9.91
CA THR A 97 5.83 0.22 10.12
C THR A 97 6.59 -0.01 8.82
N GLY A 98 5.90 0.20 7.71
CA GLY A 98 6.49 0.00 6.41
C GLY A 98 6.63 -1.49 6.10
N TYR A 99 5.89 -2.30 6.85
CA TYR A 99 5.82 -3.72 6.59
C TYR A 99 4.88 -3.96 5.44
N PHE A 100 4.90 -5.15 4.88
CA PHE A 100 3.99 -5.49 3.81
C PHE A 100 3.61 -6.95 3.81
N VAL A 101 2.35 -7.19 3.56
CA VAL A 101 1.75 -8.50 3.68
C VAL A 101 1.40 -9.03 2.28
N GLY A 102 1.64 -10.30 2.06
CA GLY A 102 1.40 -10.86 0.75
C GLY A 102 0.15 -11.72 0.74
N ASN A 103 0.05 -12.61 -0.24
CA ASN A 103 -1.07 -13.53 -0.31
C ASN A 103 -0.67 -14.88 0.23
N GLY A 104 0.64 -15.13 0.23
CA GLY A 104 1.18 -16.37 0.76
C GLY A 104 0.65 -17.58 0.04
N ALA A 105 0.17 -18.55 0.80
CA ALA A 105 -0.45 -19.74 0.24
C ALA A 105 -1.95 -19.67 0.42
N GLY A 106 -2.45 -18.44 0.60
CA GLY A 106 -3.86 -18.23 0.81
C GLY A 106 -4.16 -17.76 2.21
N HIS A 107 -5.31 -17.13 2.39
CA HIS A 107 -5.77 -16.64 3.68
C HIS A 107 -4.82 -15.58 4.25
N ALA A 108 -4.54 -15.64 5.54
CA ALA A 108 -3.71 -14.62 6.19
C ALA A 108 -2.23 -14.93 6.04
N ASP A 109 -1.58 -14.15 5.20
CA ASP A 109 -0.13 -14.19 5.08
C ASP A 109 0.50 -13.66 6.37
N ASP A 110 0.26 -12.40 6.64
CA ASP A 110 0.75 -11.73 7.84
C ASP A 110 -0.44 -11.32 8.70
N LEU A 111 -1.62 -11.64 8.21
CA LEU A 111 -2.83 -11.02 8.70
C LEU A 111 -3.40 -11.73 9.92
N ASP A 112 -4.44 -11.12 10.44
CA ASP A 112 -5.14 -11.54 11.64
C ASP A 112 -6.30 -10.59 11.86
N TYR A 113 -6.04 -9.37 11.41
CA TYR A 113 -7.01 -8.29 11.37
C TYR A 113 -8.03 -8.53 10.26
N GLY A 1 22.74 6.71 -11.22
CA GLY A 1 21.81 7.60 -11.96
C GLY A 1 21.04 8.50 -11.03
N HIS A 2 19.75 8.68 -11.28
CA HIS A 2 18.92 9.53 -10.44
C HIS A 2 18.18 8.68 -9.41
N MET A 3 17.95 9.26 -8.24
CA MET A 3 17.18 8.60 -7.20
C MET A 3 15.98 9.46 -6.86
N SER A 4 14.93 8.84 -6.34
CA SER A 4 13.76 9.57 -5.90
C SER A 4 13.86 9.86 -4.41
N ARG A 5 13.38 11.02 -4.01
CA ARG A 5 13.41 11.41 -2.60
C ARG A 5 12.23 10.79 -1.85
N SER A 6 12.08 11.13 -0.58
CA SER A 6 10.99 10.59 0.22
C SER A 6 9.65 11.17 -0.23
N GLU A 7 9.07 10.52 -1.21
CA GLU A 7 7.85 10.99 -1.83
C GLU A 7 6.61 10.52 -1.07
N VAL A 8 6.46 9.19 -0.95
CA VAL A 8 5.26 8.59 -0.37
C VAL A 8 3.99 9.08 -1.06
N ASN A 9 3.55 8.35 -2.07
CA ASN A 9 2.33 8.66 -2.79
C ASN A 9 1.76 7.43 -3.47
N MET A 10 0.78 7.60 -4.35
CA MET A 10 0.16 6.48 -5.04
C MET A 10 0.86 6.19 -6.36
N GLY A 11 1.57 7.21 -6.80
CA GLY A 11 2.52 7.16 -7.91
C GLY A 11 1.90 7.04 -9.30
N LEU A 12 0.83 6.28 -9.41
CA LEU A 12 0.01 6.29 -10.60
C LEU A 12 -1.41 6.64 -10.22
N SER A 13 -2.22 6.85 -11.22
CA SER A 13 -3.62 7.12 -11.02
C SER A 13 -4.43 5.84 -11.07
N SER A 14 -5.15 5.56 -9.99
CA SER A 14 -6.04 4.40 -9.94
C SER A 14 -7.43 4.78 -10.46
N ALA A 15 -7.47 5.82 -11.27
CA ALA A 15 -8.71 6.28 -11.86
C ALA A 15 -8.97 5.53 -13.17
N GLY A 16 -9.94 4.63 -13.15
CA GLY A 16 -10.28 3.87 -14.33
C GLY A 16 -9.48 2.60 -14.45
N VAL A 17 -8.51 2.43 -13.57
CA VAL A 17 -7.67 1.25 -13.55
C VAL A 17 -8.43 0.03 -13.09
N ALA A 18 -8.04 -1.09 -13.64
CA ALA A 18 -8.63 -2.34 -13.23
C ALA A 18 -7.88 -2.88 -12.03
N VAL A 19 -8.14 -2.25 -10.90
CA VAL A 19 -7.45 -2.57 -9.67
C VAL A 19 -8.16 -3.66 -8.89
N GLN A 20 -7.37 -4.62 -8.42
CA GLN A 20 -7.90 -5.73 -7.66
C GLN A 20 -8.06 -5.35 -6.22
N ARG A 21 -9.29 -5.05 -5.83
CA ARG A 21 -9.58 -4.66 -4.47
C ARG A 21 -9.95 -5.88 -3.63
N SER A 22 -10.65 -6.83 -4.26
CA SER A 22 -11.06 -8.04 -3.59
C SER A 22 -9.85 -8.89 -3.20
N ALA A 23 -8.73 -8.61 -3.84
CA ALA A 23 -7.52 -9.38 -3.64
C ALA A 23 -6.73 -8.87 -2.43
N SER A 24 -7.23 -7.82 -1.80
CA SER A 24 -6.54 -7.17 -0.70
C SER A 24 -6.54 -8.05 0.55
N ARG A 25 -5.48 -7.92 1.33
CA ARG A 25 -5.32 -8.68 2.55
C ARG A 25 -5.95 -7.99 3.75
N VAL A 26 -6.29 -6.72 3.58
CA VAL A 26 -6.85 -5.93 4.65
C VAL A 26 -8.11 -5.23 4.18
N ALA A 27 -9.03 -4.97 5.11
CA ALA A 27 -10.34 -4.43 4.75
C ALA A 27 -10.27 -3.00 4.24
N TYR A 28 -10.96 -2.81 3.15
CA TYR A 28 -11.11 -1.55 2.45
C TYR A 28 -11.97 -0.54 3.18
N ASN A 29 -11.76 -0.37 4.49
CA ASN A 29 -12.78 0.21 5.36
C ASN A 29 -12.98 1.69 5.02
N GLN A 30 -13.98 1.95 4.19
CA GLN A 30 -14.18 3.27 3.64
C GLN A 30 -14.42 4.30 4.75
N SER A 31 -14.73 3.81 5.94
CA SER A 31 -14.94 4.65 7.09
C SER A 31 -13.61 5.10 7.69
N ALA A 32 -12.59 4.26 7.59
CA ALA A 32 -11.25 4.67 8.00
C ALA A 32 -10.56 5.35 6.84
N ILE A 33 -10.97 4.94 5.65
CA ILE A 33 -10.47 5.52 4.41
C ILE A 33 -10.91 6.97 4.29
N ASP A 34 -12.17 7.20 4.63
CA ASP A 34 -12.74 8.53 4.59
C ASP A 34 -12.26 9.31 5.81
N ASP A 35 -11.72 8.56 6.74
CA ASP A 35 -11.14 9.10 7.95
C ASP A 35 -9.67 9.41 7.70
N SER A 36 -9.32 9.48 6.42
CA SER A 36 -7.97 9.74 5.93
C SER A 36 -7.25 10.87 6.68
N ASN A 37 -8.00 11.67 7.43
CA ASN A 37 -7.42 12.69 8.28
C ASN A 37 -6.53 12.08 9.38
N ASN A 38 -6.70 10.78 9.61
CA ASN A 38 -5.89 10.07 10.56
C ASN A 38 -4.42 10.13 10.21
N SER A 39 -3.59 10.21 11.23
CA SER A 39 -2.17 10.03 11.04
C SER A 39 -1.88 8.56 10.85
N ALA A 40 -2.94 7.73 10.94
CA ALA A 40 -2.82 6.32 10.65
C ALA A 40 -2.42 6.11 9.22
N TRP A 41 -2.58 7.16 8.43
CA TRP A 41 -2.27 7.12 7.02
C TRP A 41 -0.90 7.71 6.73
N ASP A 42 -0.32 8.33 7.75
CA ASP A 42 1.04 8.87 7.65
C ASP A 42 2.05 7.78 7.88
N PHE A 43 2.63 7.30 6.77
CA PHE A 43 3.62 6.22 6.82
C PHE A 43 4.79 6.59 7.73
N ALA A 44 5.51 7.65 7.31
CA ALA A 44 6.69 8.18 8.02
C ALA A 44 7.51 9.07 7.08
N ASP A 45 8.66 8.56 6.62
CA ASP A 45 9.53 9.27 5.69
C ASP A 45 10.23 8.31 4.75
N GLY A 46 9.85 8.34 3.47
CA GLY A 46 10.42 7.40 2.48
C GLY A 46 10.18 5.95 2.86
N VAL A 47 9.23 5.76 3.76
CA VAL A 47 8.85 4.45 4.26
C VAL A 47 8.13 3.69 3.17
N LEU A 48 7.33 4.41 2.42
CA LEU A 48 6.61 3.85 1.31
C LEU A 48 7.57 3.58 0.19
N GLU A 49 8.43 4.54 -0.02
CA GLU A 49 9.44 4.47 -1.06
C GLU A 49 10.42 3.36 -0.79
N GLN A 50 10.37 2.89 0.43
CA GLN A 50 11.14 1.76 0.86
C GLN A 50 10.51 0.50 0.37
N ILE A 51 9.27 0.37 0.73
CA ILE A 51 8.46 -0.75 0.39
C ILE A 51 8.35 -0.83 -1.11
N LEU A 52 8.25 0.33 -1.71
CA LEU A 52 8.18 0.47 -3.15
C LEU A 52 9.50 0.15 -3.78
N ALA A 53 10.56 0.64 -3.16
CA ALA A 53 11.92 0.36 -3.59
C ALA A 53 12.10 -1.15 -3.60
N THR A 54 11.55 -1.74 -2.56
CA THR A 54 11.48 -3.15 -2.41
C THR A 54 10.58 -3.77 -3.49
N SER A 55 9.37 -3.23 -3.65
CA SER A 55 8.41 -3.72 -4.64
C SER A 55 9.06 -3.88 -6.01
N ARG A 56 9.73 -2.84 -6.48
CA ARG A 56 10.38 -2.86 -7.79
C ARG A 56 11.49 -3.92 -7.80
N SER A 57 12.21 -4.00 -6.70
CA SER A 57 13.27 -4.99 -6.52
C SER A 57 12.70 -6.41 -6.60
N ARG A 58 11.56 -6.60 -5.93
CA ARG A 58 10.87 -7.87 -5.89
C ARG A 58 10.41 -8.28 -7.28
N GLY A 59 10.11 -7.27 -8.07
CA GLY A 59 9.55 -7.49 -9.38
C GLY A 59 8.06 -7.26 -9.38
N TYR A 60 7.60 -6.51 -8.40
CA TYR A 60 6.19 -6.13 -8.28
C TYR A 60 5.88 -5.03 -9.28
N ILE A 61 6.73 -4.02 -9.27
CA ILE A 61 6.53 -2.84 -10.08
C ILE A 61 7.84 -2.32 -10.64
N THR A 62 7.72 -1.16 -11.22
CA THR A 62 8.84 -0.37 -11.68
C THR A 62 8.66 1.08 -11.23
N GLY A 63 9.74 1.71 -10.79
CA GLY A 63 9.73 3.11 -10.42
C GLY A 63 8.49 3.53 -9.66
N ASP A 64 7.86 4.59 -10.13
CA ASP A 64 6.63 5.10 -9.53
C ASP A 64 5.41 4.59 -10.28
N GLN A 65 5.64 3.59 -11.12
CA GLN A 65 4.58 2.95 -11.90
C GLN A 65 3.76 2.00 -11.05
N TYR A 66 3.56 2.37 -9.83
CA TYR A 66 2.77 1.58 -8.93
C TYR A 66 1.45 2.25 -8.67
N ILE A 67 0.51 1.53 -8.11
CA ILE A 67 -0.74 2.11 -7.71
C ILE A 67 -1.04 1.75 -6.28
N LEU A 68 -0.83 2.69 -5.43
CA LEU A 68 -1.04 2.47 -4.02
C LEU A 68 -2.40 3.03 -3.64
N GLU A 69 -3.03 2.48 -2.60
CA GLU A 69 -4.36 2.95 -2.18
C GLU A 69 -4.57 2.77 -0.69
N ARG A 70 -5.26 3.74 -0.09
CA ARG A 70 -5.67 3.62 1.29
C ARG A 70 -6.72 2.54 1.43
N VAL A 71 -6.56 1.74 2.46
CA VAL A 71 -7.40 0.58 2.66
C VAL A 71 -8.01 0.55 4.05
N ASN A 72 -7.19 0.42 5.09
CA ASN A 72 -7.70 0.18 6.42
C ASN A 72 -6.87 0.86 7.48
N ILE A 73 -7.45 1.06 8.65
CA ILE A 73 -6.70 1.55 9.79
C ILE A 73 -6.76 0.54 10.94
N VAL A 74 -5.67 -0.16 11.15
CA VAL A 74 -5.56 -1.13 12.24
C VAL A 74 -4.64 -0.59 13.30
N ASN A 75 -5.21 -0.21 14.44
CA ASN A 75 -4.43 0.37 15.56
C ASN A 75 -3.84 1.72 15.14
N GLY A 76 -4.26 2.20 13.99
CA GLY A 76 -3.64 3.38 13.43
C GLY A 76 -2.44 3.05 12.57
N ASN A 77 -2.29 1.79 12.18
CA ASN A 77 -1.19 1.35 11.34
C ASN A 77 -1.57 1.39 9.87
N GLY A 78 -2.34 2.41 9.52
CA GLY A 78 -3.00 2.53 8.22
C GLY A 78 -2.39 1.70 7.11
N TYR A 79 -3.17 0.74 6.64
CA TYR A 79 -2.71 -0.20 5.65
C TYR A 79 -3.01 0.29 4.26
N TYR A 80 -2.03 0.10 3.40
CA TYR A 80 -2.11 0.54 2.03
C TYR A 80 -1.90 -0.63 1.10
N ASN A 81 -2.66 -0.69 0.04
CA ASN A 81 -2.44 -1.75 -0.94
C ASN A 81 -1.57 -1.21 -2.05
N LEU A 82 -0.68 -2.04 -2.51
CA LEU A 82 0.17 -1.69 -3.62
C LEU A 82 -0.32 -2.45 -4.83
N TYR A 83 -0.52 -1.73 -5.89
CA TYR A 83 -1.05 -2.27 -7.12
C TYR A 83 -0.12 -2.00 -8.26
N LYS A 84 -0.28 -2.77 -9.31
CA LYS A 84 0.40 -2.54 -10.55
C LYS A 84 -0.30 -1.41 -11.29
N PRO A 85 0.34 -0.81 -12.32
CA PRO A 85 -0.31 0.22 -13.13
C PRO A 85 -1.62 -0.26 -13.73
N ASP A 86 -1.76 -1.56 -13.77
CA ASP A 86 -2.94 -2.20 -14.33
C ASP A 86 -3.98 -2.42 -13.24
N GLY A 87 -3.59 -2.10 -12.01
CA GLY A 87 -4.47 -2.27 -10.87
C GLY A 87 -4.29 -3.60 -10.18
N THR A 88 -3.39 -4.42 -10.68
CA THR A 88 -3.17 -5.73 -10.12
C THR A 88 -2.61 -5.66 -8.70
N TYR A 89 -3.34 -6.26 -7.76
CA TYR A 89 -2.90 -6.34 -6.37
C TYR A 89 -1.56 -7.01 -6.22
N LEU A 90 -0.69 -6.30 -5.52
CA LEU A 90 0.64 -6.78 -5.21
C LEU A 90 0.70 -7.22 -3.73
N PHE A 91 0.39 -6.28 -2.84
CA PHE A 91 0.33 -6.57 -1.40
C PHE A 91 -0.36 -5.46 -0.63
N THR A 92 -0.53 -5.72 0.66
CA THR A 92 -1.01 -4.73 1.60
C THR A 92 0.12 -4.40 2.56
N LEU A 93 0.46 -3.14 2.65
CA LEU A 93 1.56 -2.73 3.48
C LEU A 93 1.07 -1.92 4.67
N ASN A 94 1.95 -1.77 5.61
CA ASN A 94 1.72 -0.97 6.78
C ASN A 94 2.47 0.33 6.60
N CYS A 95 1.79 1.45 6.74
CA CYS A 95 2.44 2.72 6.54
C CYS A 95 3.27 3.04 7.78
N LYS A 96 2.72 2.70 8.93
CA LYS A 96 3.29 3.11 10.20
C LYS A 96 4.53 2.31 10.54
N THR A 97 4.66 1.14 9.94
CA THR A 97 5.81 0.31 10.17
C THR A 97 6.57 0.08 8.88
N GLY A 98 5.88 0.25 7.75
CA GLY A 98 6.49 0.04 6.46
C GLY A 98 6.57 -1.43 6.12
N TYR A 99 5.93 -2.26 6.94
CA TYR A 99 5.85 -3.67 6.67
C TYR A 99 4.93 -3.90 5.48
N PHE A 100 4.97 -5.09 4.91
CA PHE A 100 4.08 -5.44 3.84
C PHE A 100 3.68 -6.90 3.91
N VAL A 101 2.42 -7.13 3.66
CA VAL A 101 1.83 -8.45 3.81
C VAL A 101 1.48 -9.01 2.45
N GLY A 102 1.70 -10.29 2.27
CA GLY A 102 1.39 -10.91 1.00
C GLY A 102 0.09 -11.69 1.09
N ASN A 103 -0.31 -12.30 0.00
CA ASN A 103 -1.54 -13.09 -0.01
C ASN A 103 -1.29 -14.47 -0.59
N GLY A 104 -0.03 -14.85 -0.68
CA GLY A 104 0.32 -16.15 -1.25
C GLY A 104 0.15 -17.27 -0.26
N ALA A 105 0.38 -16.98 1.01
CA ALA A 105 0.27 -17.99 2.06
C ALA A 105 -1.20 -18.31 2.34
N GLY A 106 -2.07 -17.33 2.14
CA GLY A 106 -3.49 -17.52 2.36
C GLY A 106 -3.87 -17.26 3.81
N HIS A 107 -5.18 -17.28 4.08
CA HIS A 107 -5.73 -17.05 5.43
C HIS A 107 -5.29 -15.70 5.99
N ALA A 108 -4.15 -15.68 6.67
CA ALA A 108 -3.58 -14.46 7.18
C ALA A 108 -2.07 -14.55 7.16
N ASP A 109 -1.49 -14.00 6.12
CA ASP A 109 -0.04 -13.94 6.00
C ASP A 109 0.59 -13.24 7.19
N ASP A 110 0.21 -11.99 7.38
CA ASP A 110 0.73 -11.20 8.49
C ASP A 110 -0.38 -10.80 9.44
N LEU A 111 -1.60 -11.02 9.00
CA LEU A 111 -2.74 -10.37 9.60
C LEU A 111 -3.12 -11.01 10.93
N ASP A 112 -3.88 -10.24 11.68
CA ASP A 112 -4.23 -10.58 13.06
C ASP A 112 -5.57 -9.96 13.43
N TYR A 113 -5.86 -8.83 12.79
CA TYR A 113 -7.06 -8.07 13.09
C TYR A 113 -8.32 -8.91 12.82
N GLY A 1 15.53 -0.80 -11.51
CA GLY A 1 15.34 0.55 -10.92
C GLY A 1 15.84 0.62 -9.50
N HIS A 2 16.37 1.78 -9.12
CA HIS A 2 16.92 1.96 -7.77
C HIS A 2 16.30 3.18 -7.10
N MET A 3 15.05 3.47 -7.45
CA MET A 3 14.33 4.60 -6.88
C MET A 3 14.20 4.46 -5.36
N SER A 4 14.51 5.53 -4.66
CA SER A 4 14.41 5.54 -3.21
C SER A 4 13.80 6.86 -2.73
N ARG A 5 14.64 7.81 -2.30
CA ARG A 5 14.18 9.11 -1.80
C ARG A 5 13.18 8.96 -0.66
N SER A 6 12.53 10.06 -0.32
CA SER A 6 11.46 10.05 0.66
C SER A 6 10.31 10.89 0.14
N GLU A 7 9.40 10.23 -0.55
CA GLU A 7 8.31 10.89 -1.22
C GLU A 7 6.96 10.48 -0.65
N VAL A 8 6.66 9.18 -0.72
CA VAL A 8 5.38 8.64 -0.30
C VAL A 8 4.22 9.21 -1.13
N ASN A 9 3.69 8.39 -2.03
CA ASN A 9 2.56 8.76 -2.86
C ASN A 9 1.91 7.51 -3.43
N MET A 10 0.97 7.67 -4.36
CA MET A 10 0.28 6.52 -4.95
C MET A 10 0.88 6.19 -6.32
N GLY A 11 1.71 7.11 -6.75
CA GLY A 11 2.54 7.05 -7.96
C GLY A 11 1.81 6.95 -9.28
N LEU A 12 0.72 6.23 -9.34
CA LEU A 12 -0.17 6.27 -10.47
C LEU A 12 -1.57 6.62 -10.02
N SER A 13 -2.43 6.85 -10.97
CA SER A 13 -3.80 7.12 -10.71
C SER A 13 -4.63 5.85 -10.82
N SER A 14 -5.24 5.44 -9.72
CA SER A 14 -6.10 4.26 -9.71
C SER A 14 -7.49 4.61 -10.26
N ALA A 15 -7.58 5.75 -10.90
CA ALA A 15 -8.83 6.21 -11.47
C ALA A 15 -9.03 5.64 -12.86
N GLY A 16 -9.86 4.61 -12.97
CA GLY A 16 -10.14 3.99 -14.26
C GLY A 16 -9.33 2.73 -14.45
N VAL A 17 -8.47 2.43 -13.49
CA VAL A 17 -7.65 1.25 -13.53
C VAL A 17 -8.42 0.04 -13.09
N ALA A 18 -8.04 -1.10 -13.65
CA ALA A 18 -8.64 -2.34 -13.26
C ALA A 18 -7.89 -2.91 -12.08
N VAL A 19 -8.13 -2.31 -10.94
CA VAL A 19 -7.42 -2.67 -9.73
C VAL A 19 -8.12 -3.79 -8.96
N GLN A 20 -7.32 -4.72 -8.48
CA GLN A 20 -7.84 -5.82 -7.71
C GLN A 20 -8.03 -5.38 -6.25
N ARG A 21 -9.27 -5.10 -5.90
CA ARG A 21 -9.59 -4.62 -4.58
C ARG A 21 -9.98 -5.77 -3.66
N SER A 22 -10.60 -6.78 -4.25
CA SER A 22 -11.03 -7.95 -3.52
C SER A 22 -9.84 -8.83 -3.15
N ALA A 23 -8.73 -8.58 -3.82
CA ALA A 23 -7.52 -9.35 -3.63
C ALA A 23 -6.72 -8.85 -2.44
N SER A 24 -7.22 -7.79 -1.81
CA SER A 24 -6.54 -7.16 -0.69
C SER A 24 -6.54 -8.06 0.54
N ARG A 25 -5.53 -7.89 1.38
CA ARG A 25 -5.39 -8.64 2.60
C ARG A 25 -6.06 -7.96 3.78
N VAL A 26 -6.40 -6.69 3.62
CA VAL A 26 -6.97 -5.91 4.70
C VAL A 26 -8.23 -5.20 4.20
N ALA A 27 -9.15 -4.86 5.11
CA ALA A 27 -10.44 -4.32 4.72
C ALA A 27 -10.34 -2.90 4.19
N TYR A 28 -10.98 -2.71 3.06
CA TYR A 28 -11.08 -1.46 2.34
C TYR A 28 -11.94 -0.43 3.04
N ASN A 29 -11.78 -0.25 4.34
CA ASN A 29 -12.82 0.35 5.17
C ASN A 29 -13.00 1.82 4.82
N GLN A 30 -13.97 2.08 3.97
CA GLN A 30 -14.17 3.41 3.42
C GLN A 30 -14.49 4.42 4.52
N SER A 31 -14.73 3.93 5.72
CA SER A 31 -14.93 4.78 6.87
C SER A 31 -13.58 5.26 7.41
N ALA A 32 -12.60 4.36 7.48
CA ALA A 32 -11.26 4.75 7.91
C ALA A 32 -10.54 5.41 6.75
N ILE A 33 -10.92 5.01 5.56
CA ILE A 33 -10.39 5.57 4.34
C ILE A 33 -10.81 7.02 4.22
N ASP A 34 -12.06 7.27 4.55
CA ASP A 34 -12.62 8.61 4.49
C ASP A 34 -12.12 9.39 5.69
N ASP A 35 -11.61 8.65 6.64
CA ASP A 35 -11.01 9.19 7.83
C ASP A 35 -9.53 9.47 7.57
N SER A 36 -9.20 9.51 6.28
CA SER A 36 -7.83 9.78 5.79
C SER A 36 -7.11 10.94 6.52
N ASN A 37 -7.85 11.71 7.30
CA ASN A 37 -7.23 12.75 8.14
C ASN A 37 -6.41 12.13 9.26
N ASN A 38 -6.65 10.85 9.53
CA ASN A 38 -5.91 10.13 10.54
C ASN A 38 -4.43 10.16 10.28
N SER A 39 -3.66 10.27 11.34
CA SER A 39 -2.23 10.08 11.23
C SER A 39 -1.94 8.60 10.99
N ALA A 40 -3.00 7.78 11.02
CA ALA A 40 -2.87 6.36 10.77
C ALA A 40 -2.43 6.14 9.34
N TRP A 41 -2.57 7.17 8.53
CA TRP A 41 -2.25 7.09 7.12
C TRP A 41 -0.85 7.64 6.83
N ASP A 42 -0.26 8.31 7.80
CA ASP A 42 1.06 8.88 7.63
C ASP A 42 2.10 7.81 7.90
N PHE A 43 2.68 7.30 6.80
CA PHE A 43 3.66 6.23 6.87
C PHE A 43 4.84 6.60 7.78
N ALA A 44 5.57 7.64 7.36
CA ALA A 44 6.75 8.18 8.07
C ALA A 44 7.58 9.05 7.11
N ASP A 45 8.74 8.54 6.68
CA ASP A 45 9.61 9.24 5.73
C ASP A 45 10.29 8.24 4.79
N GLY A 46 9.89 8.27 3.51
CA GLY A 46 10.43 7.33 2.52
C GLY A 46 10.20 5.89 2.92
N VAL A 47 9.27 5.70 3.82
CA VAL A 47 8.89 4.39 4.32
C VAL A 47 8.18 3.62 3.24
N LEU A 48 7.38 4.35 2.50
CA LEU A 48 6.67 3.81 1.37
C LEU A 48 7.61 3.56 0.24
N GLU A 49 8.45 4.53 0.02
CA GLU A 49 9.43 4.51 -1.04
C GLU A 49 10.45 3.43 -0.78
N GLN A 50 10.42 2.92 0.42
CA GLN A 50 11.21 1.80 0.83
C GLN A 50 10.59 0.52 0.34
N ILE A 51 9.35 0.39 0.71
CA ILE A 51 8.56 -0.75 0.36
C ILE A 51 8.44 -0.82 -1.14
N LEU A 52 8.33 0.35 -1.72
CA LEU A 52 8.26 0.50 -3.16
C LEU A 52 9.61 0.21 -3.79
N ALA A 53 10.65 0.72 -3.16
CA ALA A 53 12.02 0.46 -3.59
C ALA A 53 12.24 -1.04 -3.60
N THR A 54 11.63 -1.65 -2.62
CA THR A 54 11.57 -3.07 -2.50
C THR A 54 10.70 -3.65 -3.61
N SER A 55 9.45 -3.18 -3.71
CA SER A 55 8.49 -3.69 -4.68
C SER A 55 9.11 -3.80 -6.08
N ARG A 56 9.76 -2.74 -6.52
CA ARG A 56 10.38 -2.71 -7.85
C ARG A 56 11.52 -3.73 -7.94
N SER A 57 12.29 -3.84 -6.86
CA SER A 57 13.39 -4.79 -6.80
C SER A 57 12.87 -6.22 -6.79
N ARG A 58 11.75 -6.42 -6.10
CA ARG A 58 11.09 -7.71 -5.98
C ARG A 58 10.52 -8.14 -7.32
N GLY A 59 10.14 -7.15 -8.09
CA GLY A 59 9.53 -7.40 -9.39
C GLY A 59 8.03 -7.22 -9.34
N TYR A 60 7.58 -6.48 -8.34
CA TYR A 60 6.18 -6.13 -8.20
C TYR A 60 5.84 -5.03 -9.19
N ILE A 61 6.68 -4.01 -9.22
CA ILE A 61 6.46 -2.84 -10.05
C ILE A 61 7.74 -2.32 -10.64
N THR A 62 7.61 -1.17 -11.24
CA THR A 62 8.70 -0.38 -11.72
C THR A 62 8.50 1.08 -11.30
N GLY A 63 9.60 1.74 -10.94
CA GLY A 63 9.57 3.15 -10.59
C GLY A 63 8.35 3.57 -9.81
N ASP A 64 7.73 4.64 -10.25
CA ASP A 64 6.51 5.12 -9.62
C ASP A 64 5.29 4.63 -10.39
N GLN A 65 5.52 3.64 -11.24
CA GLN A 65 4.48 3.01 -12.02
C GLN A 65 3.65 2.07 -11.16
N TYR A 66 3.49 2.42 -9.92
CA TYR A 66 2.74 1.61 -9.01
C TYR A 66 1.43 2.26 -8.70
N ILE A 67 0.52 1.50 -8.14
CA ILE A 67 -0.73 2.06 -7.72
C ILE A 67 -0.99 1.71 -6.29
N LEU A 68 -0.76 2.63 -5.42
CA LEU A 68 -0.98 2.41 -4.03
C LEU A 68 -2.37 2.95 -3.67
N GLU A 69 -2.98 2.41 -2.64
CA GLU A 69 -4.31 2.84 -2.23
C GLU A 69 -4.50 2.71 -0.73
N ARG A 70 -5.23 3.65 -0.16
CA ARG A 70 -5.63 3.58 1.23
C ARG A 70 -6.69 2.52 1.41
N VAL A 71 -6.52 1.72 2.44
CA VAL A 71 -7.38 0.58 2.64
C VAL A 71 -8.01 0.56 4.01
N ASN A 72 -7.20 0.45 5.06
CA ASN A 72 -7.75 0.23 6.40
C ASN A 72 -6.92 0.91 7.46
N ILE A 73 -7.53 1.13 8.61
CA ILE A 73 -6.79 1.62 9.78
C ILE A 73 -6.91 0.63 10.93
N VAL A 74 -5.80 -0.04 11.22
CA VAL A 74 -5.75 -0.98 12.33
C VAL A 74 -4.82 -0.45 13.41
N ASN A 75 -5.39 0.00 14.52
CA ASN A 75 -4.61 0.57 15.63
C ASN A 75 -3.96 1.90 15.20
N GLY A 76 -4.34 2.36 14.02
CA GLY A 76 -3.66 3.49 13.45
C GLY A 76 -2.46 3.08 12.61
N ASN A 77 -2.40 1.81 12.23
CA ASN A 77 -1.31 1.28 11.41
C ASN A 77 -1.67 1.33 9.94
N GLY A 78 -2.37 2.40 9.56
CA GLY A 78 -3.00 2.53 8.24
C GLY A 78 -2.38 1.68 7.15
N TYR A 79 -3.18 0.75 6.66
CA TYR A 79 -2.72 -0.21 5.67
C TYR A 79 -2.99 0.28 4.27
N TYR A 80 -2.01 0.08 3.43
CA TYR A 80 -2.05 0.52 2.05
C TYR A 80 -1.83 -0.65 1.13
N ASN A 81 -2.60 -0.73 0.06
CA ASN A 81 -2.37 -1.77 -0.91
C ASN A 81 -1.52 -1.23 -2.02
N LEU A 82 -0.62 -2.06 -2.48
CA LEU A 82 0.21 -1.71 -3.61
C LEU A 82 -0.28 -2.49 -4.80
N TYR A 83 -0.49 -1.78 -5.88
CA TYR A 83 -1.02 -2.33 -7.10
C TYR A 83 -0.08 -2.05 -8.25
N LYS A 84 -0.22 -2.85 -9.28
CA LYS A 84 0.47 -2.62 -10.52
C LYS A 84 -0.24 -1.50 -11.27
N PRO A 85 0.38 -0.92 -12.30
CA PRO A 85 -0.27 0.11 -13.11
C PRO A 85 -1.56 -0.38 -13.73
N ASP A 86 -1.71 -1.69 -13.75
CA ASP A 86 -2.87 -2.33 -14.32
C ASP A 86 -3.92 -2.51 -13.24
N GLY A 87 -3.54 -2.19 -12.01
CA GLY A 87 -4.42 -2.32 -10.87
C GLY A 87 -4.24 -3.65 -10.16
N THR A 88 -3.31 -4.46 -10.64
CA THR A 88 -3.09 -5.77 -10.07
C THR A 88 -2.54 -5.69 -8.65
N TYR A 89 -3.29 -6.29 -7.72
CA TYR A 89 -2.86 -6.37 -6.32
C TYR A 89 -1.51 -7.03 -6.17
N LEU A 90 -0.65 -6.32 -5.47
CA LEU A 90 0.67 -6.80 -5.14
C LEU A 90 0.74 -7.19 -3.67
N PHE A 91 0.42 -6.26 -2.79
CA PHE A 91 0.37 -6.54 -1.35
C PHE A 91 -0.32 -5.44 -0.57
N THR A 92 -0.50 -5.71 0.72
CA THR A 92 -1.00 -4.75 1.67
C THR A 92 0.11 -4.41 2.64
N LEU A 93 0.49 -3.16 2.68
CA LEU A 93 1.59 -2.73 3.51
C LEU A 93 1.07 -1.93 4.69
N ASN A 94 1.94 -1.77 5.65
CA ASN A 94 1.68 -0.96 6.82
C ASN A 94 2.46 0.31 6.65
N CYS A 95 1.80 1.44 6.73
CA CYS A 95 2.46 2.71 6.55
C CYS A 95 3.29 3.03 7.77
N LYS A 96 2.75 2.68 8.93
CA LYS A 96 3.30 3.06 10.20
C LYS A 96 4.54 2.25 10.54
N THR A 97 4.66 1.09 9.93
CA THR A 97 5.79 0.23 10.17
C THR A 97 6.55 -0.03 8.88
N GLY A 98 5.89 0.20 7.75
CA GLY A 98 6.50 -0.01 6.47
C GLY A 98 6.60 -1.49 6.14
N TYR A 99 5.87 -2.30 6.89
CA TYR A 99 5.78 -3.72 6.64
C TYR A 99 4.88 -3.96 5.44
N PHE A 100 4.92 -5.15 4.88
CA PHE A 100 4.02 -5.50 3.79
C PHE A 100 3.64 -6.96 3.84
N VAL A 101 2.38 -7.22 3.54
CA VAL A 101 1.80 -8.54 3.66
C VAL A 101 1.39 -9.06 2.28
N GLY A 102 1.60 -10.34 2.05
CA GLY A 102 1.25 -10.93 0.79
C GLY A 102 -0.08 -11.65 0.85
N ASN A 103 -0.44 -12.35 -0.22
CA ASN A 103 -1.68 -13.12 -0.24
C ASN A 103 -1.45 -14.48 -0.87
N GLY A 104 -2.34 -15.42 -0.59
CA GLY A 104 -2.21 -16.76 -1.15
C GLY A 104 -3.45 -17.58 -0.93
N ALA A 105 -3.26 -18.86 -0.63
CA ALA A 105 -4.38 -19.78 -0.44
C ALA A 105 -4.95 -19.68 0.96
N GLY A 106 -4.22 -19.04 1.86
CA GLY A 106 -4.67 -18.86 3.22
C GLY A 106 -5.32 -17.50 3.44
N HIS A 107 -5.36 -17.08 4.69
CA HIS A 107 -5.96 -15.79 5.02
C HIS A 107 -4.89 -14.80 5.48
N ALA A 108 -4.16 -15.14 6.53
CA ALA A 108 -3.16 -14.26 7.08
C ALA A 108 -1.77 -14.69 6.71
N ASP A 109 -1.30 -14.14 5.60
CA ASP A 109 0.08 -14.30 5.19
C ASP A 109 1.00 -13.71 6.25
N ASP A 110 0.84 -12.41 6.49
CA ASP A 110 1.57 -11.71 7.53
C ASP A 110 0.62 -11.15 8.56
N LEU A 111 -0.67 -11.30 8.28
CA LEU A 111 -1.69 -10.60 9.02
C LEU A 111 -1.82 -11.12 10.44
N ASP A 112 -2.49 -10.35 11.26
CA ASP A 112 -2.59 -10.61 12.69
C ASP A 112 -3.87 -10.01 13.25
N TYR A 113 -4.30 -8.92 12.65
CA TYR A 113 -5.47 -8.18 13.11
C TYR A 113 -6.72 -9.07 13.10
N GLY A 1 13.58 17.26 -9.97
CA GLY A 1 12.86 16.26 -10.80
C GLY A 1 11.61 15.77 -10.11
N HIS A 2 11.14 14.59 -10.50
CA HIS A 2 9.98 13.99 -9.85
C HIS A 2 10.41 13.37 -8.53
N MET A 3 11.35 12.44 -8.59
CA MET A 3 11.87 11.81 -7.38
C MET A 3 12.66 12.83 -6.57
N SER A 4 12.12 13.20 -5.42
CA SER A 4 12.72 14.25 -4.60
C SER A 4 13.53 13.64 -3.45
N ARG A 5 12.86 13.35 -2.34
CA ARG A 5 13.50 12.72 -1.19
C ARG A 5 12.46 12.37 -0.14
N SER A 6 12.19 11.07 0.00
CA SER A 6 11.22 10.58 0.98
C SER A 6 9.86 11.21 0.77
N GLU A 7 9.13 10.66 -0.18
CA GLU A 7 7.89 11.25 -0.64
C GLU A 7 6.65 10.56 -0.08
N VAL A 8 6.47 9.27 -0.38
CA VAL A 8 5.22 8.58 -0.07
C VAL A 8 4.09 9.09 -0.95
N ASN A 9 3.72 8.30 -1.95
CA ASN A 9 2.68 8.68 -2.90
C ASN A 9 2.04 7.43 -3.51
N MET A 10 1.07 7.62 -4.41
CA MET A 10 0.37 6.49 -5.05
C MET A 10 0.98 6.18 -6.41
N GLY A 11 1.78 7.13 -6.84
CA GLY A 11 2.62 7.07 -8.04
C GLY A 11 1.90 6.97 -9.37
N LEU A 12 0.79 6.27 -9.43
CA LEU A 12 -0.09 6.29 -10.58
C LEU A 12 -1.46 6.70 -10.17
N SER A 13 -2.30 6.91 -11.14
CA SER A 13 -3.69 7.21 -10.90
C SER A 13 -4.53 5.95 -11.01
N SER A 14 -5.17 5.59 -9.91
CA SER A 14 -6.05 4.44 -9.88
C SER A 14 -7.42 4.80 -10.43
N ALA A 15 -7.50 5.93 -11.11
CA ALA A 15 -8.73 6.40 -11.69
C ALA A 15 -8.93 5.80 -13.07
N GLY A 16 -9.75 4.76 -13.14
CA GLY A 16 -10.01 4.08 -14.39
C GLY A 16 -9.27 2.77 -14.49
N VAL A 17 -8.39 2.53 -13.54
CA VAL A 17 -7.61 1.31 -13.49
C VAL A 17 -8.42 0.14 -13.02
N ALA A 18 -8.08 -1.02 -13.53
CA ALA A 18 -8.73 -2.23 -13.11
C ALA A 18 -7.98 -2.83 -11.94
N VAL A 19 -8.17 -2.20 -10.80
CA VAL A 19 -7.45 -2.58 -9.59
C VAL A 19 -8.15 -3.69 -8.83
N GLN A 20 -7.36 -4.66 -8.38
CA GLN A 20 -7.88 -5.77 -7.64
C GLN A 20 -8.05 -5.38 -6.18
N ARG A 21 -9.28 -5.10 -5.81
CA ARG A 21 -9.58 -4.65 -4.46
C ARG A 21 -9.98 -5.81 -3.57
N SER A 22 -10.64 -6.79 -4.17
CA SER A 22 -11.09 -7.96 -3.43
C SER A 22 -9.93 -8.90 -3.16
N ALA A 23 -8.80 -8.61 -3.80
CA ALA A 23 -7.60 -9.39 -3.64
C ALA A 23 -6.80 -8.89 -2.43
N SER A 24 -7.29 -7.82 -1.83
CA SER A 24 -6.63 -7.17 -0.71
C SER A 24 -6.58 -8.07 0.53
N ARG A 25 -5.51 -7.92 1.30
CA ARG A 25 -5.34 -8.66 2.52
C ARG A 25 -5.99 -7.97 3.69
N VAL A 26 -6.30 -6.69 3.53
CA VAL A 26 -6.89 -5.90 4.59
C VAL A 26 -8.14 -5.19 4.08
N ALA A 27 -9.08 -4.91 4.97
CA ALA A 27 -10.38 -4.38 4.56
C ALA A 27 -10.30 -2.94 4.07
N TYR A 28 -10.95 -2.73 2.96
CA TYR A 28 -11.09 -1.46 2.27
C TYR A 28 -11.97 -0.46 3.01
N ASN A 29 -11.78 -0.31 4.32
CA ASN A 29 -12.82 0.27 5.17
C ASN A 29 -13.01 1.75 4.84
N GLN A 30 -14.02 2.01 4.01
CA GLN A 30 -14.22 3.34 3.49
C GLN A 30 -14.46 4.34 4.60
N SER A 31 -14.76 3.85 5.79
CA SER A 31 -14.94 4.68 6.95
C SER A 31 -13.59 5.18 7.45
N ALA A 32 -12.59 4.30 7.47
CA ALA A 32 -11.24 4.70 7.87
C ALA A 32 -10.56 5.37 6.70
N ILE A 33 -10.96 4.95 5.51
CA ILE A 33 -10.46 5.54 4.28
C ILE A 33 -10.88 7.00 4.17
N ASP A 34 -12.14 7.23 4.52
CA ASP A 34 -12.71 8.55 4.47
C ASP A 34 -12.24 9.35 5.67
N ASP A 35 -11.69 8.62 6.61
CA ASP A 35 -11.12 9.16 7.82
C ASP A 35 -9.65 9.48 7.59
N SER A 36 -9.30 9.55 6.30
CA SER A 36 -7.95 9.81 5.80
C SER A 36 -7.18 10.88 6.59
N ASN A 37 -7.89 11.71 7.35
CA ASN A 37 -7.24 12.70 8.19
C ASN A 37 -6.43 12.05 9.31
N ASN A 38 -6.62 10.74 9.50
CA ASN A 38 -5.92 10.00 10.51
C ASN A 38 -4.44 10.04 10.31
N SER A 39 -3.71 10.10 11.41
CA SER A 39 -2.27 9.92 11.39
C SER A 39 -1.96 8.47 11.08
N ALA A 40 -3.01 7.64 11.06
CA ALA A 40 -2.87 6.23 10.72
C ALA A 40 -2.47 6.09 9.27
N TRP A 41 -2.65 7.15 8.50
CA TRP A 41 -2.37 7.11 7.08
C TRP A 41 -1.00 7.68 6.76
N ASP A 42 -0.37 8.28 7.75
CA ASP A 42 0.97 8.80 7.60
C ASP A 42 1.98 7.70 7.89
N PHE A 43 2.63 7.25 6.83
CA PHE A 43 3.59 6.16 6.93
C PHE A 43 4.74 6.54 7.87
N ALA A 44 5.49 7.56 7.44
CA ALA A 44 6.68 8.07 8.16
C ALA A 44 7.50 8.98 7.23
N ASP A 45 8.66 8.48 6.79
CA ASP A 45 9.52 9.20 5.86
C ASP A 45 10.26 8.24 4.94
N GLY A 46 9.93 8.30 3.64
CA GLY A 46 10.53 7.39 2.65
C GLY A 46 10.29 5.93 2.99
N VAL A 47 9.31 5.73 3.85
CA VAL A 47 8.92 4.41 4.32
C VAL A 47 8.24 3.66 3.21
N LEU A 48 7.40 4.39 2.50
CA LEU A 48 6.72 3.86 1.35
C LEU A 48 7.69 3.66 0.23
N GLU A 49 8.54 4.63 0.09
CA GLU A 49 9.54 4.65 -0.94
C GLU A 49 10.49 3.48 -0.77
N GLN A 50 10.48 2.96 0.44
CA GLN A 50 11.26 1.80 0.80
C GLN A 50 10.62 0.56 0.30
N ILE A 51 9.39 0.41 0.70
CA ILE A 51 8.57 -0.71 0.34
C ILE A 51 8.45 -0.76 -1.16
N LEU A 52 8.36 0.42 -1.74
CA LEU A 52 8.27 0.57 -3.16
C LEU A 52 9.60 0.26 -3.83
N ALA A 53 10.66 0.76 -3.22
CA ALA A 53 12.01 0.47 -3.68
C ALA A 53 12.20 -1.03 -3.69
N THR A 54 11.63 -1.64 -2.66
CA THR A 54 11.58 -3.06 -2.52
C THR A 54 10.69 -3.67 -3.60
N SER A 55 9.46 -3.17 -3.73
CA SER A 55 8.49 -3.68 -4.69
C SER A 55 9.10 -3.84 -6.09
N ARG A 56 9.78 -2.80 -6.55
CA ARG A 56 10.39 -2.81 -7.87
C ARG A 56 11.53 -3.82 -7.94
N SER A 57 12.27 -3.95 -6.83
CA SER A 57 13.35 -4.91 -6.73
C SER A 57 12.81 -6.34 -6.72
N ARG A 58 11.69 -6.51 -6.03
CA ARG A 58 11.01 -7.79 -5.93
C ARG A 58 10.46 -8.22 -7.27
N GLY A 59 10.10 -7.22 -8.06
CA GLY A 59 9.53 -7.46 -9.37
C GLY A 59 8.04 -7.24 -9.35
N TYR A 60 7.57 -6.53 -8.34
CA TYR A 60 6.18 -6.18 -8.20
C TYR A 60 5.82 -5.09 -9.21
N ILE A 61 6.67 -4.07 -9.25
CA ILE A 61 6.43 -2.90 -10.07
C ILE A 61 7.72 -2.39 -10.67
N THR A 62 7.58 -1.22 -11.27
CA THR A 62 8.69 -0.43 -11.75
C THR A 62 8.47 1.02 -11.32
N GLY A 63 9.56 1.69 -10.95
CA GLY A 63 9.53 3.10 -10.58
C GLY A 63 8.28 3.51 -9.81
N ASP A 64 7.67 4.59 -10.26
CA ASP A 64 6.43 5.05 -9.66
C ASP A 64 5.24 4.56 -10.47
N GLN A 65 5.48 3.55 -11.30
CA GLN A 65 4.44 2.89 -12.08
C GLN A 65 3.63 1.97 -11.20
N TYR A 66 3.47 2.34 -9.96
CA TYR A 66 2.71 1.54 -9.03
C TYR A 66 1.40 2.23 -8.73
N ILE A 67 0.50 1.51 -8.14
CA ILE A 67 -0.74 2.09 -7.72
C ILE A 67 -1.01 1.74 -6.28
N LEU A 68 -0.84 2.69 -5.43
CA LEU A 68 -1.04 2.47 -4.02
C LEU A 68 -2.39 3.05 -3.61
N GLU A 69 -3.04 2.45 -2.62
CA GLU A 69 -4.34 2.94 -2.16
C GLU A 69 -4.50 2.81 -0.66
N ARG A 70 -5.17 3.79 -0.07
CA ARG A 70 -5.59 3.69 1.31
C ARG A 70 -6.68 2.65 1.44
N VAL A 71 -6.51 1.77 2.41
CA VAL A 71 -7.38 0.64 2.55
C VAL A 71 -8.01 0.58 3.93
N ASN A 72 -7.20 0.44 4.98
CA ASN A 72 -7.75 0.19 6.30
C ASN A 72 -6.92 0.87 7.39
N ILE A 73 -7.54 1.07 8.54
CA ILE A 73 -6.80 1.53 9.70
C ILE A 73 -6.92 0.51 10.83
N VAL A 74 -5.82 -0.17 11.09
CA VAL A 74 -5.77 -1.15 12.18
C VAL A 74 -4.86 -0.62 13.27
N ASN A 75 -5.46 -0.20 14.38
CA ASN A 75 -4.71 0.36 15.52
C ASN A 75 -4.07 1.70 15.13
N GLY A 76 -4.41 2.19 13.96
CA GLY A 76 -3.73 3.34 13.43
C GLY A 76 -2.52 2.96 12.60
N ASN A 77 -2.44 1.70 12.21
CA ASN A 77 -1.34 1.20 11.39
C ASN A 77 -1.68 1.29 9.92
N GLY A 78 -2.37 2.37 9.56
CA GLY A 78 -3.02 2.53 8.25
C GLY A 78 -2.41 1.69 7.14
N TYR A 79 -3.19 0.75 6.66
CA TYR A 79 -2.73 -0.20 5.66
C TYR A 79 -3.01 0.31 4.27
N TYR A 80 -2.01 0.14 3.44
CA TYR A 80 -2.06 0.59 2.07
C TYR A 80 -1.82 -0.58 1.14
N ASN A 81 -2.58 -0.67 0.08
CA ASN A 81 -2.35 -1.72 -0.88
C ASN A 81 -1.50 -1.20 -2.00
N LEU A 82 -0.61 -2.04 -2.47
CA LEU A 82 0.21 -1.70 -3.60
C LEU A 82 -0.29 -2.48 -4.80
N TYR A 83 -0.52 -1.76 -5.85
CA TYR A 83 -1.06 -2.32 -7.07
C TYR A 83 -0.14 -2.06 -8.23
N LYS A 84 -0.29 -2.85 -9.24
CA LYS A 84 0.38 -2.64 -10.50
C LYS A 84 -0.30 -1.53 -11.26
N PRO A 85 0.31 -0.96 -12.30
CA PRO A 85 -0.33 0.07 -13.11
C PRO A 85 -1.64 -0.41 -13.71
N ASP A 86 -1.81 -1.72 -13.72
CA ASP A 86 -3.01 -2.33 -14.25
C ASP A 86 -4.04 -2.51 -13.15
N GLY A 87 -3.60 -2.18 -11.94
CA GLY A 87 -4.46 -2.30 -10.78
C GLY A 87 -4.29 -3.63 -10.08
N THR A 88 -3.38 -4.46 -10.57
CA THR A 88 -3.17 -5.78 -10.00
C THR A 88 -2.61 -5.70 -8.59
N TYR A 89 -3.34 -6.29 -7.65
CA TYR A 89 -2.90 -6.37 -6.26
C TYR A 89 -1.55 -7.05 -6.13
N LEU A 90 -0.68 -6.35 -5.44
CA LEU A 90 0.64 -6.82 -5.13
C LEU A 90 0.72 -7.23 -3.66
N PHE A 91 0.43 -6.27 -2.78
CA PHE A 91 0.40 -6.54 -1.33
C PHE A 91 -0.30 -5.43 -0.57
N THR A 92 -0.46 -5.69 0.72
CA THR A 92 -0.95 -4.71 1.65
C THR A 92 0.17 -4.37 2.62
N LEU A 93 0.48 -3.10 2.73
CA LEU A 93 1.59 -2.69 3.55
C LEU A 93 1.10 -1.88 4.74
N ASN A 94 1.97 -1.77 5.70
CA ASN A 94 1.73 -1.01 6.91
C ASN A 94 2.49 0.28 6.76
N CYS A 95 1.80 1.38 6.77
CA CYS A 95 2.45 2.67 6.58
C CYS A 95 3.31 2.99 7.80
N LYS A 96 2.75 2.70 8.96
CA LYS A 96 3.32 3.09 10.22
C LYS A 96 4.58 2.31 10.54
N THR A 97 4.73 1.15 9.92
CA THR A 97 5.90 0.34 10.16
C THR A 97 6.67 0.11 8.87
N GLY A 98 5.99 0.32 7.75
CA GLY A 98 6.58 0.10 6.45
C GLY A 98 6.69 -1.38 6.14
N TYR A 99 5.96 -2.18 6.91
CA TYR A 99 5.85 -3.60 6.67
C TYR A 99 4.94 -3.84 5.48
N PHE A 100 4.96 -5.06 4.96
CA PHE A 100 4.06 -5.42 3.88
C PHE A 100 3.71 -6.89 3.94
N VAL A 101 2.44 -7.16 3.70
CA VAL A 101 1.88 -8.49 3.82
C VAL A 101 1.55 -9.03 2.43
N GLY A 102 1.69 -10.33 2.25
CA GLY A 102 1.47 -10.90 0.93
C GLY A 102 0.18 -11.68 0.83
N ASN A 103 -0.10 -12.16 -0.36
CA ASN A 103 -1.29 -12.96 -0.62
C ASN A 103 -0.95 -14.07 -1.61
N GLY A 104 0.16 -14.75 -1.33
CA GLY A 104 0.67 -15.75 -2.26
C GLY A 104 -0.14 -17.03 -2.28
N ALA A 105 -0.88 -17.30 -1.23
CA ALA A 105 -1.64 -18.54 -1.12
C ALA A 105 -3.10 -18.28 -0.79
N GLY A 106 -3.49 -17.01 -0.76
CA GLY A 106 -4.87 -16.67 -0.42
C GLY A 106 -5.15 -16.82 1.05
N HIS A 107 -4.09 -16.79 1.85
CA HIS A 107 -4.18 -16.98 3.29
C HIS A 107 -3.68 -15.73 4.00
N ALA A 108 -4.08 -15.53 5.24
CA ALA A 108 -3.54 -14.45 6.06
C ALA A 108 -2.07 -14.66 6.29
N ASP A 109 -1.29 -14.08 5.40
CA ASP A 109 0.13 -14.12 5.49
C ASP A 109 0.62 -13.51 6.80
N ASP A 110 0.32 -12.24 6.98
CA ASP A 110 0.76 -11.50 8.15
C ASP A 110 -0.42 -11.02 8.96
N LEU A 111 -1.61 -11.34 8.49
CA LEU A 111 -2.81 -10.73 9.00
C LEU A 111 -3.27 -11.39 10.28
N ASP A 112 -4.11 -10.67 10.99
CA ASP A 112 -4.52 -11.03 12.33
C ASP A 112 -5.93 -10.55 12.62
N TYR A 113 -6.26 -9.41 12.03
CA TYR A 113 -7.52 -8.73 12.28
C TYR A 113 -8.71 -9.63 11.94
N GLY A 1 21.69 18.97 -4.33
CA GLY A 1 21.75 18.20 -5.60
C GLY A 1 20.41 18.14 -6.31
N HIS A 2 19.41 18.87 -5.79
CA HIS A 2 18.07 18.91 -6.37
C HIS A 2 17.42 17.53 -6.36
N MET A 3 17.55 16.81 -5.25
CA MET A 3 16.95 15.51 -5.12
C MET A 3 16.15 15.42 -3.82
N SER A 4 14.89 15.82 -3.88
CA SER A 4 14.00 15.73 -2.72
C SER A 4 13.59 14.28 -2.51
N ARG A 5 14.05 13.70 -1.42
CA ARG A 5 13.80 12.29 -1.15
C ARG A 5 12.64 12.11 -0.19
N SER A 6 12.16 10.88 -0.10
CA SER A 6 11.04 10.52 0.76
C SER A 6 9.76 11.18 0.27
N GLU A 7 9.21 10.60 -0.77
CA GLU A 7 8.02 11.10 -1.43
C GLU A 7 6.74 10.60 -0.75
N VAL A 8 6.55 9.28 -0.74
CA VAL A 8 5.30 8.67 -0.27
C VAL A 8 4.09 9.17 -1.05
N ASN A 9 3.64 8.37 -2.00
CA ASN A 9 2.47 8.71 -2.81
C ASN A 9 1.89 7.45 -3.45
N MET A 10 0.94 7.61 -4.37
CA MET A 10 0.32 6.46 -5.03
C MET A 10 0.95 6.19 -6.38
N GLY A 11 1.76 7.14 -6.79
CA GLY A 11 2.62 7.09 -7.99
C GLY A 11 1.91 6.97 -9.33
N LEU A 12 0.83 6.24 -9.39
CA LEU A 12 -0.03 6.24 -10.55
C LEU A 12 -1.42 6.64 -10.12
N SER A 13 -2.27 6.83 -11.09
CA SER A 13 -3.65 7.15 -10.84
C SER A 13 -4.51 5.89 -10.99
N SER A 14 -5.15 5.48 -9.90
CA SER A 14 -6.04 4.33 -9.92
C SER A 14 -7.42 4.71 -10.44
N ALA A 15 -7.46 5.82 -11.16
CA ALA A 15 -8.70 6.29 -11.73
C ALA A 15 -8.93 5.67 -13.10
N GLY A 16 -9.78 4.65 -13.14
CA GLY A 16 -10.08 3.98 -14.39
C GLY A 16 -9.27 2.72 -14.57
N VAL A 17 -8.42 2.44 -13.59
CA VAL A 17 -7.61 1.26 -13.60
C VAL A 17 -8.40 0.05 -13.15
N ALA A 18 -8.02 -1.10 -13.68
CA ALA A 18 -8.64 -2.33 -13.27
C ALA A 18 -7.90 -2.91 -12.09
N VAL A 19 -8.12 -2.30 -10.95
CA VAL A 19 -7.42 -2.63 -9.73
C VAL A 19 -8.13 -3.72 -8.94
N GLN A 20 -7.35 -4.68 -8.46
CA GLN A 20 -7.88 -5.78 -7.69
C GLN A 20 -8.05 -5.35 -6.23
N ARG A 21 -9.27 -5.02 -5.87
CA ARG A 21 -9.56 -4.56 -4.52
C ARG A 21 -9.97 -5.72 -3.64
N SER A 22 -10.69 -6.66 -4.22
CA SER A 22 -11.16 -7.84 -3.50
C SER A 22 -9.98 -8.77 -3.19
N ALA A 23 -8.86 -8.49 -3.84
CA ALA A 23 -7.66 -9.30 -3.70
C ALA A 23 -6.84 -8.84 -2.50
N SER A 24 -7.35 -7.84 -1.79
CA SER A 24 -6.64 -7.25 -0.67
C SER A 24 -6.62 -8.17 0.55
N ARG A 25 -5.54 -8.07 1.31
CA ARG A 25 -5.36 -8.84 2.52
C ARG A 25 -5.86 -8.09 3.74
N VAL A 26 -6.14 -6.81 3.58
CA VAL A 26 -6.68 -6.01 4.67
C VAL A 26 -7.92 -5.26 4.18
N ALA A 27 -8.87 -5.03 5.09
CA ALA A 27 -10.17 -4.50 4.71
C ALA A 27 -10.11 -3.07 4.20
N TYR A 28 -10.79 -2.88 3.10
CA TYR A 28 -10.95 -1.62 2.40
C TYR A 28 -11.84 -0.64 3.15
N ASN A 29 -11.64 -0.49 4.45
CA ASN A 29 -12.69 0.06 5.32
C ASN A 29 -12.92 1.54 5.02
N GLN A 30 -13.94 1.78 4.20
CA GLN A 30 -14.18 3.11 3.68
C GLN A 30 -14.46 4.11 4.80
N SER A 31 -14.72 3.59 5.99
CA SER A 31 -14.93 4.42 7.16
C SER A 31 -13.58 4.93 7.68
N ALA A 32 -12.56 4.06 7.66
CA ALA A 32 -11.22 4.47 8.07
C ALA A 32 -10.56 5.18 6.92
N ILE A 33 -10.96 4.79 5.72
CA ILE A 33 -10.47 5.41 4.51
C ILE A 33 -10.94 6.85 4.43
N ASP A 34 -12.19 7.05 4.79
CA ASP A 34 -12.78 8.37 4.78
C ASP A 34 -12.32 9.11 6.01
N ASP A 35 -11.74 8.35 6.92
CA ASP A 35 -11.15 8.88 8.13
C ASP A 35 -9.70 9.27 7.86
N SER A 36 -9.38 9.38 6.56
CA SER A 36 -8.05 9.75 6.08
C SER A 36 -7.43 10.96 6.78
N ASN A 37 -8.18 11.63 7.65
CA ASN A 37 -7.63 12.67 8.50
C ASN A 37 -6.67 12.08 9.53
N ASN A 38 -6.77 10.77 9.73
CA ASN A 38 -5.93 10.06 10.65
C ASN A 38 -4.46 10.17 10.28
N SER A 39 -3.62 10.21 11.30
CA SER A 39 -2.21 10.06 11.08
C SER A 39 -1.89 8.58 10.92
N ALA A 40 -2.94 7.75 10.98
CA ALA A 40 -2.79 6.34 10.71
C ALA A 40 -2.38 6.15 9.26
N TRP A 41 -2.58 7.19 8.48
CA TRP A 41 -2.30 7.15 7.07
C TRP A 41 -0.93 7.76 6.73
N ASP A 42 -0.34 8.43 7.69
CA ASP A 42 0.93 9.11 7.47
C ASP A 42 2.10 8.17 7.77
N PHE A 43 2.61 7.53 6.72
CA PHE A 43 3.54 6.40 6.85
C PHE A 43 4.69 6.70 7.82
N ALA A 44 5.53 7.65 7.42
CA ALA A 44 6.74 8.07 8.17
C ALA A 44 7.64 8.94 7.28
N ASP A 45 8.78 8.37 6.85
CA ASP A 45 9.73 9.08 5.98
C ASP A 45 10.39 8.14 5.00
N GLY A 46 10.02 8.26 3.73
CA GLY A 46 10.52 7.36 2.68
C GLY A 46 10.25 5.90 3.01
N VAL A 47 9.27 5.71 3.87
CA VAL A 47 8.86 4.40 4.33
C VAL A 47 8.15 3.67 3.22
N LEU A 48 7.35 4.41 2.49
CA LEU A 48 6.66 3.88 1.35
C LEU A 48 7.63 3.65 0.23
N GLU A 49 8.52 4.59 0.12
CA GLU A 49 9.55 4.57 -0.90
C GLU A 49 10.48 3.40 -0.69
N GLN A 50 10.39 2.84 0.50
CA GLN A 50 11.14 1.68 0.87
C GLN A 50 10.49 0.45 0.31
N ILE A 51 9.22 0.35 0.65
CA ILE A 51 8.39 -0.75 0.26
C ILE A 51 8.25 -0.75 -1.23
N LEU A 52 8.26 0.44 -1.78
CA LEU A 52 8.23 0.66 -3.22
C LEU A 52 9.55 0.32 -3.84
N ALA A 53 10.61 0.76 -3.20
CA ALA A 53 11.96 0.45 -3.65
C ALA A 53 12.12 -1.06 -3.64
N THR A 54 11.44 -1.66 -2.69
CA THR A 54 11.41 -3.07 -2.52
C THR A 54 10.51 -3.73 -3.58
N SER A 55 9.25 -3.30 -3.68
CA SER A 55 8.30 -3.87 -4.65
C SER A 55 8.90 -3.94 -6.05
N ARG A 56 9.55 -2.87 -6.48
CA ARG A 56 10.23 -2.85 -7.78
C ARG A 56 11.32 -3.91 -7.84
N SER A 57 12.14 -3.94 -6.80
CA SER A 57 13.23 -4.90 -6.69
C SER A 57 12.71 -6.34 -6.72
N ARG A 58 11.57 -6.54 -6.07
CA ARG A 58 10.90 -7.84 -6.02
C ARG A 58 10.40 -8.23 -7.40
N GLY A 59 10.03 -7.23 -8.16
CA GLY A 59 9.47 -7.43 -9.47
C GLY A 59 7.98 -7.20 -9.47
N TYR A 60 7.51 -6.52 -8.44
CA TYR A 60 6.11 -6.17 -8.31
C TYR A 60 5.78 -5.05 -9.27
N ILE A 61 6.62 -4.02 -9.24
CA ILE A 61 6.41 -2.83 -10.04
C ILE A 61 7.72 -2.30 -10.59
N THR A 62 7.62 -1.12 -11.17
CA THR A 62 8.75 -0.36 -11.63
C THR A 62 8.61 1.09 -11.21
N GLY A 63 9.73 1.72 -10.86
CA GLY A 63 9.77 3.14 -10.52
C GLY A 63 8.60 3.61 -9.69
N ASP A 64 7.85 4.55 -10.25
CA ASP A 64 6.64 5.05 -9.61
C ASP A 64 5.41 4.55 -10.35
N GLN A 65 5.61 3.54 -11.17
CA GLN A 65 4.54 2.92 -11.94
C GLN A 65 3.71 2.00 -11.08
N TYR A 66 3.55 2.36 -9.84
CA TYR A 66 2.77 1.57 -8.93
C TYR A 66 1.46 2.25 -8.66
N ILE A 67 0.53 1.51 -8.12
CA ILE A 67 -0.73 2.09 -7.72
C ILE A 67 -1.00 1.74 -6.28
N LEU A 68 -0.77 2.67 -5.43
CA LEU A 68 -0.99 2.46 -4.03
C LEU A 68 -2.38 2.99 -3.67
N GLU A 69 -3.01 2.42 -2.66
CA GLU A 69 -4.33 2.86 -2.25
C GLU A 69 -4.53 2.74 -0.76
N ARG A 70 -5.27 3.68 -0.19
CA ARG A 70 -5.66 3.60 1.20
C ARG A 70 -6.70 2.52 1.37
N VAL A 71 -6.51 1.71 2.39
CA VAL A 71 -7.33 0.55 2.58
C VAL A 71 -7.94 0.51 3.97
N ASN A 72 -7.09 0.42 4.99
CA ASN A 72 -7.58 0.17 6.34
C ASN A 72 -6.78 0.90 7.38
N ILE A 73 -7.38 1.05 8.56
CA ILE A 73 -6.64 1.55 9.71
C ILE A 73 -6.72 0.53 10.83
N VAL A 74 -5.61 -0.14 11.07
CA VAL A 74 -5.55 -1.14 12.13
C VAL A 74 -4.74 -0.58 13.28
N ASN A 75 -5.43 -0.16 14.35
CA ASN A 75 -4.77 0.41 15.52
C ASN A 75 -4.11 1.76 15.17
N GLY A 76 -4.39 2.24 13.97
CA GLY A 76 -3.69 3.40 13.49
C GLY A 76 -2.49 3.05 12.64
N ASN A 77 -2.38 1.79 12.24
CA ASN A 77 -1.26 1.31 11.43
C ASN A 77 -1.57 1.39 9.95
N GLY A 78 -2.29 2.45 9.57
CA GLY A 78 -2.90 2.60 8.23
C GLY A 78 -2.29 1.74 7.15
N TYR A 79 -3.11 0.83 6.63
CA TYR A 79 -2.67 -0.13 5.64
C TYR A 79 -2.99 0.36 4.24
N TYR A 80 -2.01 0.20 3.39
CA TYR A 80 -2.09 0.62 2.03
C TYR A 80 -1.87 -0.56 1.12
N ASN A 81 -2.63 -0.64 0.05
CA ASN A 81 -2.40 -1.70 -0.92
C ASN A 81 -1.54 -1.17 -2.03
N LEU A 82 -0.65 -2.01 -2.49
CA LEU A 82 0.20 -1.68 -3.60
C LEU A 82 -0.29 -2.45 -4.81
N TYR A 83 -0.50 -1.73 -5.87
CA TYR A 83 -1.04 -2.28 -7.08
C TYR A 83 -0.11 -2.00 -8.24
N LYS A 84 -0.28 -2.78 -9.28
CA LYS A 84 0.41 -2.56 -10.52
C LYS A 84 -0.29 -1.46 -11.29
N PRO A 85 0.34 -0.88 -12.32
CA PRO A 85 -0.30 0.14 -13.16
C PRO A 85 -1.60 -0.35 -13.76
N ASP A 86 -1.75 -1.66 -13.78
CA ASP A 86 -2.93 -2.29 -14.33
C ASP A 86 -3.97 -2.50 -13.24
N GLY A 87 -3.56 -2.19 -12.01
CA GLY A 87 -4.43 -2.32 -10.87
C GLY A 87 -4.25 -3.63 -10.15
N THR A 88 -3.34 -4.46 -10.63
CA THR A 88 -3.13 -5.77 -10.04
C THR A 88 -2.59 -5.66 -8.61
N TYR A 89 -3.32 -6.24 -7.67
CA TYR A 89 -2.89 -6.31 -6.28
C TYR A 89 -1.55 -6.99 -6.14
N LEU A 90 -0.66 -6.28 -5.49
CA LEU A 90 0.65 -6.77 -5.16
C LEU A 90 0.69 -7.21 -3.70
N PHE A 91 0.42 -6.26 -2.81
CA PHE A 91 0.34 -6.55 -1.37
C PHE A 91 -0.32 -5.42 -0.60
N THR A 92 -0.53 -5.70 0.67
CA THR A 92 -0.99 -4.71 1.63
C THR A 92 0.14 -4.37 2.55
N LEU A 93 0.42 -3.10 2.70
CA LEU A 93 1.53 -2.66 3.52
C LEU A 93 1.04 -1.81 4.68
N ASN A 94 1.92 -1.64 5.63
CA ASN A 94 1.66 -0.82 6.80
C ASN A 94 2.43 0.47 6.59
N CYS A 95 1.77 1.59 6.76
CA CYS A 95 2.43 2.86 6.56
C CYS A 95 3.27 3.18 7.78
N LYS A 96 2.74 2.83 8.94
CA LYS A 96 3.32 3.22 10.20
C LYS A 96 4.58 2.43 10.49
N THR A 97 4.67 1.25 9.90
CA THR A 97 5.82 0.39 10.11
C THR A 97 6.56 0.13 8.81
N GLY A 98 5.85 0.31 7.69
CA GLY A 98 6.43 0.04 6.39
C GLY A 98 6.49 -1.45 6.11
N TYR A 99 5.78 -2.21 6.94
CA TYR A 99 5.64 -3.63 6.76
C TYR A 99 4.77 -3.90 5.56
N PHE A 100 4.78 -5.13 5.06
CA PHE A 100 3.90 -5.49 3.97
C PHE A 100 3.54 -6.97 4.03
N VAL A 101 2.30 -7.24 3.67
CA VAL A 101 1.71 -8.55 3.76
C VAL A 101 1.28 -9.02 2.38
N GLY A 102 1.48 -10.29 2.10
CA GLY A 102 1.02 -10.84 0.85
C GLY A 102 -0.25 -11.63 1.02
N ASN A 103 -0.82 -12.14 -0.07
CA ASN A 103 -1.99 -12.98 0.03
C ASN A 103 -1.65 -14.40 -0.42
N GLY A 104 -2.62 -15.30 -0.34
CA GLY A 104 -2.38 -16.68 -0.74
C GLY A 104 -2.98 -17.66 0.24
N ALA A 105 -2.94 -17.31 1.52
CA ALA A 105 -3.49 -18.17 2.56
C ALA A 105 -5.01 -18.07 2.60
N GLY A 106 -5.62 -18.59 3.66
CA GLY A 106 -7.06 -18.50 3.78
C GLY A 106 -7.51 -17.28 4.56
N HIS A 107 -7.64 -17.45 5.87
CA HIS A 107 -8.09 -16.37 6.74
C HIS A 107 -7.15 -15.17 6.68
N ALA A 108 -5.87 -15.42 6.87
CA ALA A 108 -4.89 -14.35 6.93
C ALA A 108 -3.49 -14.89 6.74
N ASP A 109 -2.77 -14.29 5.81
CA ASP A 109 -1.37 -14.60 5.59
C ASP A 109 -0.52 -14.13 6.76
N ASP A 110 -0.53 -12.82 6.99
CA ASP A 110 0.28 -12.23 8.03
C ASP A 110 -0.59 -11.68 9.14
N LEU A 111 -1.84 -11.47 8.80
CA LEU A 111 -2.75 -10.69 9.62
C LEU A 111 -3.30 -11.50 10.78
N ASP A 112 -3.89 -10.78 11.71
CA ASP A 112 -4.57 -11.37 12.85
C ASP A 112 -5.92 -10.70 12.99
N TYR A 113 -6.19 -9.83 12.04
CA TYR A 113 -7.38 -9.00 12.03
C TYR A 113 -8.24 -9.30 10.81
N GLY A 1 20.87 12.42 -3.64
CA GLY A 1 21.03 13.06 -2.32
C GLY A 1 21.15 12.04 -1.22
N HIS A 2 20.40 12.22 -0.15
CA HIS A 2 20.35 11.25 0.93
C HIS A 2 19.79 9.93 0.41
N MET A 3 20.58 8.88 0.51
CA MET A 3 20.21 7.58 -0.07
C MET A 3 19.07 6.93 0.70
N SER A 4 17.86 7.40 0.41
CA SER A 4 16.64 6.86 1.01
C SER A 4 15.45 7.28 0.14
N ARG A 5 15.34 8.60 -0.08
CA ARG A 5 14.28 9.18 -0.89
C ARG A 5 12.94 9.10 -0.16
N SER A 6 12.34 10.24 0.12
CA SER A 6 11.13 10.29 0.91
C SER A 6 10.06 11.16 0.27
N GLU A 7 8.99 10.52 -0.19
CA GLU A 7 7.90 11.21 -0.86
C GLU A 7 6.54 10.66 -0.43
N VAL A 8 6.39 9.33 -0.48
CA VAL A 8 5.12 8.68 -0.13
C VAL A 8 3.95 9.17 -0.98
N ASN A 9 3.59 8.37 -1.97
CA ASN A 9 2.47 8.69 -2.86
C ASN A 9 1.91 7.42 -3.48
N MET A 10 0.92 7.55 -4.36
CA MET A 10 0.31 6.39 -5.00
C MET A 10 0.92 6.12 -6.38
N GLY A 11 1.65 7.11 -6.80
CA GLY A 11 2.52 7.08 -7.99
C GLY A 11 1.81 6.98 -9.34
N LEU A 12 0.73 6.23 -9.40
CA LEU A 12 -0.14 6.26 -10.55
C LEU A 12 -1.54 6.61 -10.11
N SER A 13 -2.39 6.83 -11.09
CA SER A 13 -3.77 7.12 -10.84
C SER A 13 -4.61 5.85 -10.98
N SER A 14 -5.26 5.45 -9.90
CA SER A 14 -6.12 4.27 -9.90
C SER A 14 -7.49 4.60 -10.51
N ALA A 15 -7.55 5.72 -11.22
CA ALA A 15 -8.76 6.13 -11.91
C ALA A 15 -8.81 5.49 -13.30
N GLY A 16 -9.75 4.57 -13.48
CA GLY A 16 -9.89 3.90 -14.76
C GLY A 16 -9.13 2.59 -14.82
N VAL A 17 -8.30 2.35 -13.80
CA VAL A 17 -7.51 1.14 -13.72
C VAL A 17 -8.34 -0.03 -13.27
N ALA A 18 -7.93 -1.20 -13.71
CA ALA A 18 -8.59 -2.40 -13.30
C ALA A 18 -7.87 -2.98 -12.09
N VAL A 19 -8.10 -2.34 -10.97
CA VAL A 19 -7.41 -2.68 -9.73
C VAL A 19 -8.12 -3.79 -8.96
N GLN A 20 -7.33 -4.73 -8.47
CA GLN A 20 -7.88 -5.85 -7.73
C GLN A 20 -8.08 -5.48 -6.26
N ARG A 21 -9.32 -5.15 -5.92
CA ARG A 21 -9.63 -4.77 -4.56
C ARG A 21 -10.02 -5.98 -3.72
N SER A 22 -10.61 -6.96 -4.36
CA SER A 22 -11.05 -8.17 -3.67
C SER A 22 -9.85 -9.03 -3.29
N ALA A 23 -8.69 -8.65 -3.81
CA ALA A 23 -7.46 -9.37 -3.56
C ALA A 23 -6.74 -8.78 -2.35
N SER A 24 -7.29 -7.72 -1.78
CA SER A 24 -6.67 -7.01 -0.67
C SER A 24 -6.71 -7.86 0.60
N ARG A 25 -5.58 -7.89 1.29
CA ARG A 25 -5.46 -8.60 2.53
C ARG A 25 -6.11 -7.87 3.70
N VAL A 26 -6.37 -6.58 3.51
CA VAL A 26 -6.94 -5.79 4.58
C VAL A 26 -8.20 -5.08 4.08
N ALA A 27 -9.13 -4.82 4.99
CA ALA A 27 -10.43 -4.28 4.61
C ALA A 27 -10.36 -2.83 4.16
N TYR A 28 -11.02 -2.62 3.06
CA TYR A 28 -11.16 -1.33 2.39
C TYR A 28 -12.03 -0.33 3.13
N ASN A 29 -11.83 -0.17 4.43
CA ASN A 29 -12.86 0.45 5.28
C ASN A 29 -13.00 1.93 4.94
N GLN A 30 -13.98 2.24 4.09
CA GLN A 30 -14.13 3.57 3.54
C GLN A 30 -14.33 4.60 4.63
N SER A 31 -14.68 4.12 5.81
CA SER A 31 -14.84 4.98 6.97
C SER A 31 -13.47 5.44 7.46
N ALA A 32 -12.52 4.51 7.53
CA ALA A 32 -11.17 4.86 7.95
C ALA A 32 -10.45 5.49 6.80
N ILE A 33 -10.85 5.09 5.60
CA ILE A 33 -10.30 5.63 4.37
C ILE A 33 -10.67 7.09 4.25
N ASP A 34 -11.91 7.39 4.56
CA ASP A 34 -12.42 8.75 4.49
C ASP A 34 -11.94 9.49 5.73
N ASP A 35 -11.44 8.72 6.66
CA ASP A 35 -10.86 9.25 7.89
C ASP A 35 -9.38 9.54 7.66
N SER A 36 -9.01 9.60 6.38
CA SER A 36 -7.63 9.83 5.93
C SER A 36 -6.93 11.03 6.59
N ASN A 37 -7.62 11.76 7.45
CA ASN A 37 -6.97 12.79 8.26
C ASN A 37 -6.18 12.14 9.41
N ASN A 38 -6.32 10.83 9.56
CA ASN A 38 -5.63 10.09 10.57
C ASN A 38 -4.14 10.10 10.38
N SER A 39 -3.42 10.08 11.48
CA SER A 39 -2.00 9.84 11.45
C SER A 39 -1.74 8.39 11.14
N ALA A 40 -2.82 7.59 11.12
CA ALA A 40 -2.74 6.20 10.74
C ALA A 40 -2.34 6.08 9.28
N TRP A 41 -2.48 7.17 8.54
CA TRP A 41 -2.22 7.16 7.12
C TRP A 41 -0.85 7.74 6.79
N ASP A 42 -0.21 8.30 7.80
CA ASP A 42 1.15 8.80 7.66
C ASP A 42 2.12 7.69 7.94
N PHE A 43 2.76 7.24 6.88
CA PHE A 43 3.72 6.13 6.95
C PHE A 43 4.88 6.48 7.89
N ALA A 44 5.63 7.50 7.48
CA ALA A 44 6.81 8.01 8.20
C ALA A 44 7.62 8.93 7.28
N ASP A 45 8.78 8.44 6.82
CA ASP A 45 9.62 9.17 5.87
C ASP A 45 10.31 8.20 4.91
N GLY A 46 9.89 8.25 3.63
CA GLY A 46 10.44 7.34 2.62
C GLY A 46 10.23 5.89 2.96
N VAL A 47 9.29 5.66 3.88
CA VAL A 47 8.93 4.34 4.34
C VAL A 47 8.20 3.62 3.23
N LEU A 48 7.38 4.36 2.53
CA LEU A 48 6.67 3.85 1.38
C LEU A 48 7.63 3.66 0.24
N GLU A 49 8.48 4.65 0.08
CA GLU A 49 9.47 4.66 -0.98
C GLU A 49 10.44 3.53 -0.78
N GLN A 50 10.43 2.99 0.41
CA GLN A 50 11.21 1.85 0.79
C GLN A 50 10.59 0.60 0.26
N ILE A 51 9.36 0.44 0.67
CA ILE A 51 8.56 -0.69 0.29
C ILE A 51 8.43 -0.73 -1.21
N LEU A 52 8.32 0.45 -1.77
CA LEU A 52 8.21 0.63 -3.20
C LEU A 52 9.54 0.35 -3.88
N ALA A 53 10.59 0.86 -3.28
CA ALA A 53 11.95 0.60 -3.76
C ALA A 53 12.15 -0.90 -3.79
N THR A 54 11.62 -1.51 -2.76
CA THR A 54 11.61 -2.94 -2.62
C THR A 54 10.70 -3.56 -3.68
N SER A 55 9.44 -3.11 -3.75
CA SER A 55 8.47 -3.63 -4.71
C SER A 55 9.06 -3.78 -6.11
N ARG A 56 9.72 -2.73 -6.58
CA ARG A 56 10.36 -2.75 -7.89
C ARG A 56 11.47 -3.80 -7.94
N SER A 57 12.32 -3.80 -6.91
CA SER A 57 13.41 -4.74 -6.79
C SER A 57 12.90 -6.19 -6.78
N ARG A 58 11.75 -6.36 -6.16
CA ARG A 58 11.09 -7.65 -6.05
C ARG A 58 10.54 -8.08 -7.40
N GLY A 59 10.17 -7.10 -8.18
CA GLY A 59 9.57 -7.34 -9.47
C GLY A 59 8.07 -7.17 -9.44
N TYR A 60 7.61 -6.44 -8.43
CA TYR A 60 6.21 -6.11 -8.29
C TYR A 60 5.85 -5.02 -9.28
N ILE A 61 6.67 -3.97 -9.26
CA ILE A 61 6.45 -2.79 -10.07
C ILE A 61 7.75 -2.26 -10.65
N THR A 62 7.61 -1.10 -11.24
CA THR A 62 8.72 -0.32 -11.74
C THR A 62 8.55 1.14 -11.33
N GLY A 63 9.67 1.81 -11.04
CA GLY A 63 9.65 3.24 -10.72
C GLY A 63 8.51 3.67 -9.83
N ASP A 64 7.73 4.61 -10.32
CA ASP A 64 6.51 5.04 -9.65
C ASP A 64 5.29 4.55 -10.41
N GLN A 65 5.51 3.55 -11.25
CA GLN A 65 4.46 2.91 -12.03
C GLN A 65 3.63 2.00 -11.15
N TYR A 66 3.45 2.37 -9.92
CA TYR A 66 2.70 1.55 -8.99
C TYR A 66 1.38 2.22 -8.71
N ILE A 67 0.47 1.48 -8.14
CA ILE A 67 -0.78 2.04 -7.74
C ILE A 67 -1.06 1.68 -6.31
N LEU A 68 -0.83 2.61 -5.44
CA LEU A 68 -1.05 2.38 -4.04
C LEU A 68 -2.42 2.93 -3.66
N GLU A 69 -3.04 2.37 -2.63
CA GLU A 69 -4.36 2.82 -2.23
C GLU A 69 -4.55 2.71 -0.73
N ARG A 70 -5.28 3.67 -0.18
CA ARG A 70 -5.68 3.60 1.21
C ARG A 70 -6.74 2.55 1.40
N VAL A 71 -6.58 1.77 2.45
CA VAL A 71 -7.42 0.63 2.66
C VAL A 71 -8.05 0.63 4.04
N ASN A 72 -7.24 0.51 5.07
CA ASN A 72 -7.77 0.28 6.41
C ASN A 72 -6.94 0.95 7.48
N ILE A 73 -7.54 1.16 8.62
CA ILE A 73 -6.80 1.62 9.78
C ILE A 73 -6.94 0.60 10.91
N VAL A 74 -5.83 -0.06 11.22
CA VAL A 74 -5.82 -1.03 12.31
C VAL A 74 -5.03 -0.48 13.47
N ASN A 75 -5.75 0.02 14.48
CA ASN A 75 -5.14 0.62 15.66
C ASN A 75 -4.38 1.90 15.27
N GLY A 76 -4.53 2.32 14.03
CA GLY A 76 -3.74 3.42 13.54
C GLY A 76 -2.54 2.97 12.72
N ASN A 77 -2.52 1.70 12.32
CA ASN A 77 -1.43 1.16 11.50
C ASN A 77 -1.75 1.29 10.02
N GLY A 78 -2.41 2.40 9.65
CA GLY A 78 -3.00 2.58 8.32
C GLY A 78 -2.38 1.75 7.22
N TYR A 79 -3.18 0.85 6.70
CA TYR A 79 -2.73 -0.10 5.70
C TYR A 79 -2.98 0.42 4.31
N TYR A 80 -1.99 0.24 3.48
CA TYR A 80 -2.03 0.66 2.11
C TYR A 80 -1.74 -0.52 1.23
N ASN A 81 -2.52 -0.73 0.21
CA ASN A 81 -2.23 -1.82 -0.69
C ASN A 81 -1.58 -1.31 -1.95
N LEU A 82 -0.65 -2.09 -2.45
CA LEU A 82 0.14 -1.72 -3.59
C LEU A 82 -0.35 -2.50 -4.79
N TYR A 83 -0.56 -1.79 -5.87
CA TYR A 83 -1.06 -2.36 -7.09
C TYR A 83 -0.11 -2.07 -8.22
N LYS A 84 -0.24 -2.85 -9.26
CA LYS A 84 0.45 -2.63 -10.50
C LYS A 84 -0.26 -1.51 -11.27
N PRO A 85 0.36 -0.95 -12.30
CA PRO A 85 -0.30 0.07 -13.13
C PRO A 85 -1.59 -0.46 -13.75
N ASP A 86 -1.70 -1.77 -13.75
CA ASP A 86 -2.85 -2.44 -14.31
C ASP A 86 -3.91 -2.61 -13.23
N GLY A 87 -3.53 -2.26 -12.00
CA GLY A 87 -4.41 -2.40 -10.87
C GLY A 87 -4.24 -3.74 -10.18
N THR A 88 -3.30 -4.53 -10.65
CA THR A 88 -3.08 -5.84 -10.09
C THR A 88 -2.53 -5.77 -8.67
N TYR A 89 -3.27 -6.38 -7.73
CA TYR A 89 -2.82 -6.47 -6.34
C TYR A 89 -1.46 -7.11 -6.20
N LEU A 90 -0.62 -6.40 -5.48
CA LEU A 90 0.71 -6.86 -5.15
C LEU A 90 0.78 -7.28 -3.68
N PHE A 91 0.46 -6.33 -2.79
CA PHE A 91 0.41 -6.61 -1.35
C PHE A 91 -0.30 -5.50 -0.59
N THR A 92 -0.46 -5.71 0.70
CA THR A 92 -0.95 -4.69 1.61
C THR A 92 0.13 -4.37 2.60
N LEU A 93 0.50 -3.12 2.69
CA LEU A 93 1.59 -2.72 3.51
C LEU A 93 1.09 -1.92 4.69
N ASN A 94 1.95 -1.78 5.66
CA ASN A 94 1.69 -0.99 6.84
C ASN A 94 2.46 0.30 6.67
N CYS A 95 1.80 1.43 6.79
CA CYS A 95 2.48 2.68 6.64
C CYS A 95 3.29 2.96 7.90
N LYS A 96 2.72 2.59 9.02
CA LYS A 96 3.26 2.95 10.32
C LYS A 96 4.50 2.14 10.63
N THR A 97 4.63 1.00 9.99
CA THR A 97 5.78 0.15 10.22
C THR A 97 6.56 -0.05 8.92
N GLY A 98 5.88 0.16 7.79
CA GLY A 98 6.51 -0.01 6.51
C GLY A 98 6.62 -1.48 6.15
N TYR A 99 5.92 -2.32 6.90
CA TYR A 99 5.86 -3.74 6.61
C TYR A 99 4.93 -3.97 5.45
N PHE A 100 4.98 -5.14 4.86
CA PHE A 100 4.06 -5.48 3.79
C PHE A 100 3.66 -6.94 3.83
N VAL A 101 2.39 -7.16 3.60
CA VAL A 101 1.78 -8.46 3.77
C VAL A 101 1.41 -9.05 2.42
N GLY A 102 1.63 -10.34 2.27
CA GLY A 102 1.28 -11.01 1.04
C GLY A 102 -0.11 -11.61 1.14
N ASN A 103 -0.52 -12.36 0.14
CA ASN A 103 -1.89 -12.86 0.12
C ASN A 103 -1.94 -14.31 -0.36
N GLY A 104 -3.16 -14.79 -0.61
CA GLY A 104 -3.36 -16.15 -1.05
C GLY A 104 -4.83 -16.47 -1.19
N ALA A 105 -5.28 -17.55 -0.57
CA ALA A 105 -6.69 -17.89 -0.56
C ALA A 105 -7.43 -16.99 0.43
N GLY A 106 -6.72 -16.57 1.47
CA GLY A 106 -7.30 -15.65 2.43
C GLY A 106 -6.65 -15.71 3.80
N HIS A 107 -5.62 -16.53 3.95
CA HIS A 107 -4.94 -16.67 5.24
C HIS A 107 -4.21 -15.38 5.60
N ALA A 108 -4.17 -15.07 6.90
CA ALA A 108 -3.44 -13.92 7.39
C ALA A 108 -1.95 -14.15 7.29
N ASP A 109 -1.39 -13.70 6.18
CA ASP A 109 0.04 -13.74 5.97
C ASP A 109 0.78 -13.08 7.13
N ASP A 110 0.53 -11.80 7.29
CA ASP A 110 1.15 -11.03 8.37
C ASP A 110 0.09 -10.52 9.33
N LEU A 111 -1.14 -10.63 8.88
CA LEU A 111 -2.24 -9.91 9.51
C LEU A 111 -2.53 -10.43 10.90
N ASP A 112 -3.19 -9.60 11.65
CA ASP A 112 -3.44 -9.83 13.06
C ASP A 112 -4.88 -9.49 13.40
N TYR A 113 -5.42 -8.53 12.68
CA TYR A 113 -6.75 -8.03 12.94
C TYR A 113 -7.81 -9.07 12.60
N GLY A 1 22.15 9.77 -1.05
CA GLY A 1 21.42 10.79 -1.84
C GLY A 1 21.56 12.17 -1.26
N HIS A 2 21.40 13.19 -2.09
CA HIS A 2 21.50 14.57 -1.64
C HIS A 2 20.15 15.27 -1.74
N MET A 3 19.25 14.73 -2.54
CA MET A 3 17.93 15.33 -2.71
C MET A 3 16.98 14.82 -1.61
N SER A 4 16.50 13.60 -1.80
CA SER A 4 15.61 12.94 -0.84
C SER A 4 15.06 11.66 -1.46
N ARG A 5 14.95 10.61 -0.67
CA ARG A 5 14.29 9.41 -1.13
C ARG A 5 12.99 9.23 -0.36
N SER A 6 12.37 10.36 -0.03
CA SER A 6 11.11 10.36 0.68
C SER A 6 10.08 11.17 -0.09
N GLU A 7 9.04 10.49 -0.54
CA GLU A 7 7.98 11.13 -1.28
C GLU A 7 6.60 10.66 -0.78
N VAL A 8 6.43 9.35 -0.67
CA VAL A 8 5.19 8.75 -0.18
C VAL A 8 3.97 9.22 -0.98
N ASN A 9 3.62 8.47 -2.01
CA ASN A 9 2.48 8.78 -2.85
C ASN A 9 1.91 7.52 -3.48
N MET A 10 0.86 7.66 -4.28
CA MET A 10 0.21 6.53 -4.94
C MET A 10 0.85 6.22 -6.29
N GLY A 11 1.59 7.20 -6.74
CA GLY A 11 2.49 7.12 -7.89
C GLY A 11 1.84 6.98 -9.25
N LEU A 12 0.76 6.26 -9.35
CA LEU A 12 -0.05 6.26 -10.55
C LEU A 12 -1.46 6.66 -10.22
N SER A 13 -2.25 6.87 -11.24
CA SER A 13 -3.63 7.14 -11.11
C SER A 13 -4.45 5.87 -11.19
N SER A 14 -5.14 5.54 -10.11
CA SER A 14 -6.01 4.37 -10.07
C SER A 14 -7.37 4.70 -10.71
N ALA A 15 -7.40 5.80 -11.44
CA ALA A 15 -8.59 6.21 -12.16
C ALA A 15 -8.69 5.49 -13.49
N GLY A 16 -9.62 4.55 -13.59
CA GLY A 16 -9.80 3.82 -14.82
C GLY A 16 -9.01 2.53 -14.86
N VAL A 17 -8.26 2.29 -13.79
CA VAL A 17 -7.44 1.11 -13.68
C VAL A 17 -8.24 -0.09 -13.22
N ALA A 18 -7.83 -1.25 -13.69
CA ALA A 18 -8.43 -2.47 -13.26
C ALA A 18 -7.70 -3.01 -12.05
N VAL A 19 -7.95 -2.35 -10.93
CA VAL A 19 -7.29 -2.66 -9.68
C VAL A 19 -7.99 -3.76 -8.92
N GLN A 20 -7.21 -4.71 -8.43
CA GLN A 20 -7.76 -5.83 -7.69
C GLN A 20 -7.94 -5.45 -6.23
N ARG A 21 -9.17 -5.14 -5.86
CA ARG A 21 -9.49 -4.72 -4.53
C ARG A 21 -9.93 -5.89 -3.67
N SER A 22 -10.55 -6.88 -4.30
CA SER A 22 -11.01 -8.07 -3.60
C SER A 22 -9.83 -8.95 -3.23
N ALA A 23 -8.69 -8.68 -3.85
CA ALA A 23 -7.47 -9.44 -3.62
C ALA A 23 -6.76 -8.94 -2.36
N SER A 24 -7.30 -7.89 -1.77
CA SER A 24 -6.68 -7.26 -0.62
C SER A 24 -6.65 -8.17 0.60
N ARG A 25 -5.61 -8.01 1.41
CA ARG A 25 -5.44 -8.76 2.62
C ARG A 25 -6.05 -8.05 3.83
N VAL A 26 -6.34 -6.77 3.65
CA VAL A 26 -6.91 -5.97 4.72
C VAL A 26 -8.15 -5.24 4.21
N ALA A 27 -9.09 -4.94 5.09
CA ALA A 27 -10.37 -4.39 4.69
C ALA A 27 -10.28 -2.95 4.20
N TYR A 28 -10.93 -2.74 3.09
CA TYR A 28 -11.06 -1.47 2.40
C TYR A 28 -11.93 -0.46 3.13
N ASN A 29 -11.75 -0.31 4.44
CA ASN A 29 -12.77 0.28 5.30
C ASN A 29 -12.95 1.75 4.97
N GLN A 30 -13.96 2.03 4.16
CA GLN A 30 -14.15 3.36 3.61
C GLN A 30 -14.39 4.37 4.72
N SER A 31 -14.72 3.87 5.90
CA SER A 31 -14.93 4.71 7.06
C SER A 31 -13.58 5.19 7.62
N ALA A 32 -12.58 4.30 7.60
CA ALA A 32 -11.24 4.69 8.03
C ALA A 32 -10.55 5.39 6.88
N ILE A 33 -10.94 4.99 5.68
CA ILE A 33 -10.42 5.57 4.46
C ILE A 33 -10.83 7.03 4.35
N ASP A 34 -12.08 7.29 4.70
CA ASP A 34 -12.63 8.63 4.65
C ASP A 34 -12.13 9.41 5.84
N ASP A 35 -11.63 8.66 6.81
CA ASP A 35 -11.02 9.22 8.00
C ASP A 35 -9.56 9.52 7.70
N SER A 36 -9.26 9.57 6.41
CA SER A 36 -7.92 9.83 5.85
C SER A 36 -7.12 10.90 6.60
N ASN A 37 -7.81 11.75 7.37
CA ASN A 37 -7.13 12.75 8.18
C ASN A 37 -6.31 12.12 9.30
N ASN A 38 -6.47 10.81 9.50
CA ASN A 38 -5.71 10.08 10.49
C ASN A 38 -4.24 10.12 10.20
N SER A 39 -3.44 10.18 11.25
CA SER A 39 -2.02 9.96 11.11
C SER A 39 -1.78 8.48 10.94
N ALA A 40 -2.86 7.68 11.01
CA ALA A 40 -2.76 6.27 10.72
C ALA A 40 -2.39 6.10 9.26
N TRP A 41 -2.60 7.14 8.50
CA TRP A 41 -2.33 7.13 7.08
C TRP A 41 -0.95 7.70 6.76
N ASP A 42 -0.34 8.34 7.75
CA ASP A 42 0.99 8.92 7.56
C ASP A 42 2.04 7.88 7.89
N PHE A 43 2.65 7.36 6.83
CA PHE A 43 3.61 6.27 6.93
C PHE A 43 4.78 6.63 7.85
N ALA A 44 5.54 7.65 7.43
CA ALA A 44 6.73 8.14 8.14
C ALA A 44 7.56 9.04 7.22
N ASP A 45 8.64 8.48 6.68
CA ASP A 45 9.52 9.17 5.76
C ASP A 45 10.26 8.17 4.90
N GLY A 46 10.07 8.27 3.60
CA GLY A 46 10.65 7.30 2.65
C GLY A 46 10.33 5.86 3.00
N VAL A 47 9.31 5.68 3.83
CA VAL A 47 8.90 4.39 4.31
C VAL A 47 8.18 3.65 3.20
N LEU A 48 7.36 4.39 2.50
CA LEU A 48 6.65 3.86 1.36
C LEU A 48 7.59 3.64 0.22
N GLU A 49 8.49 4.57 0.11
CA GLU A 49 9.51 4.58 -0.93
C GLU A 49 10.44 3.40 -0.76
N GLN A 50 10.38 2.83 0.42
CA GLN A 50 11.13 1.67 0.78
C GLN A 50 10.46 0.43 0.26
N ILE A 51 9.20 0.36 0.59
CA ILE A 51 8.37 -0.75 0.24
C ILE A 51 8.17 -0.77 -1.26
N LEU A 52 8.19 0.43 -1.81
CA LEU A 52 8.12 0.64 -3.24
C LEU A 52 9.43 0.29 -3.89
N ALA A 53 10.50 0.69 -3.25
CA ALA A 53 11.84 0.35 -3.70
C ALA A 53 11.95 -1.16 -3.72
N THR A 54 11.34 -1.76 -2.72
CA THR A 54 11.22 -3.18 -2.59
C THR A 54 10.32 -3.74 -3.69
N SER A 55 9.11 -3.19 -3.83
CA SER A 55 8.14 -3.67 -4.81
C SER A 55 8.79 -3.83 -6.21
N ARG A 56 9.53 -2.81 -6.64
CA ARG A 56 10.22 -2.86 -7.92
C ARG A 56 11.28 -3.96 -7.92
N SER A 57 12.02 -4.06 -6.82
CA SER A 57 13.04 -5.08 -6.63
C SER A 57 12.42 -6.48 -6.67
N ARG A 58 11.23 -6.58 -6.12
CA ARG A 58 10.46 -7.82 -6.09
C ARG A 58 10.01 -8.21 -7.49
N GLY A 59 9.87 -7.19 -8.32
CA GLY A 59 9.42 -7.38 -9.69
C GLY A 59 7.94 -7.08 -9.81
N TYR A 60 7.44 -6.39 -8.80
CA TYR A 60 6.05 -6.03 -8.71
C TYR A 60 5.75 -4.88 -9.64
N ILE A 61 6.57 -3.86 -9.53
CA ILE A 61 6.40 -2.65 -10.30
C ILE A 61 7.71 -2.15 -10.84
N THR A 62 7.63 -0.97 -11.39
CA THR A 62 8.78 -0.24 -11.84
C THR A 62 8.65 1.21 -11.42
N GLY A 63 9.76 1.83 -11.05
CA GLY A 63 9.80 3.24 -10.69
C GLY A 63 8.63 3.67 -9.82
N ASP A 64 7.87 4.63 -10.33
CA ASP A 64 6.68 5.12 -9.65
C ASP A 64 5.42 4.62 -10.35
N GLN A 65 5.60 3.62 -11.20
CA GLN A 65 4.52 2.99 -11.94
C GLN A 65 3.71 2.06 -11.06
N TYR A 66 3.54 2.43 -9.83
CA TYR A 66 2.78 1.62 -8.91
C TYR A 66 1.46 2.28 -8.65
N ILE A 67 0.54 1.54 -8.10
CA ILE A 67 -0.73 2.09 -7.72
C ILE A 67 -1.01 1.74 -6.28
N LEU A 68 -0.80 2.66 -5.41
CA LEU A 68 -1.01 2.43 -4.01
C LEU A 68 -2.38 2.98 -3.63
N GLU A 69 -3.06 2.36 -2.67
CA GLU A 69 -4.34 2.90 -2.22
C GLU A 69 -4.53 2.73 -0.72
N ARG A 70 -5.30 3.66 -0.16
CA ARG A 70 -5.69 3.59 1.23
C ARG A 70 -6.72 2.50 1.40
N VAL A 71 -6.55 1.70 2.42
CA VAL A 71 -7.40 0.56 2.62
C VAL A 71 -8.01 0.53 4.00
N ASN A 72 -7.17 0.46 5.03
CA ASN A 72 -7.69 0.22 6.38
C ASN A 72 -6.87 0.94 7.43
N ILE A 73 -7.46 1.12 8.59
CA ILE A 73 -6.72 1.60 9.75
C ILE A 73 -6.84 0.59 10.88
N VAL A 74 -5.76 -0.13 11.12
CA VAL A 74 -5.74 -1.12 12.19
C VAL A 74 -4.86 -0.59 13.32
N ASN A 75 -5.50 -0.15 14.41
CA ASN A 75 -4.79 0.38 15.57
C ASN A 75 -4.11 1.71 15.21
N GLY A 76 -4.40 2.21 14.02
CA GLY A 76 -3.69 3.37 13.54
C GLY A 76 -2.49 2.99 12.69
N ASN A 77 -2.41 1.72 12.30
CA ASN A 77 -1.29 1.24 11.48
C ASN A 77 -1.62 1.32 10.00
N GLY A 78 -2.32 2.41 9.63
CA GLY A 78 -2.93 2.58 8.30
C GLY A 78 -2.33 1.72 7.20
N TYR A 79 -3.15 0.85 6.67
CA TYR A 79 -2.71 -0.13 5.69
C TYR A 79 -2.99 0.37 4.29
N TYR A 80 -1.99 0.19 3.45
CA TYR A 80 -2.04 0.63 2.09
C TYR A 80 -1.81 -0.54 1.16
N ASN A 81 -2.60 -0.62 0.12
CA ASN A 81 -2.42 -1.68 -0.85
C ASN A 81 -1.59 -1.17 -1.99
N LEU A 82 -0.69 -1.99 -2.43
CA LEU A 82 0.14 -1.66 -3.56
C LEU A 82 -0.33 -2.45 -4.76
N TYR A 83 -0.54 -1.74 -5.82
CA TYR A 83 -1.04 -2.32 -7.04
C TYR A 83 -0.07 -2.04 -8.16
N LYS A 84 -0.16 -2.86 -9.19
CA LYS A 84 0.56 -2.65 -10.41
C LYS A 84 -0.12 -1.53 -11.18
N PRO A 85 0.52 -0.98 -12.23
CA PRO A 85 -0.11 0.04 -13.06
C PRO A 85 -1.40 -0.47 -13.68
N ASP A 86 -1.54 -1.77 -13.68
CA ASP A 86 -2.70 -2.42 -14.22
C ASP A 86 -3.76 -2.57 -13.16
N GLY A 87 -3.39 -2.22 -11.93
CA GLY A 87 -4.29 -2.34 -10.81
C GLY A 87 -4.12 -3.65 -10.08
N THR A 88 -3.22 -4.49 -10.56
CA THR A 88 -3.02 -5.80 -9.96
C THR A 88 -2.48 -5.69 -8.54
N TYR A 89 -3.24 -6.23 -7.60
CA TYR A 89 -2.83 -6.29 -6.20
C TYR A 89 -1.49 -6.99 -6.02
N LEU A 90 -0.61 -6.28 -5.37
CA LEU A 90 0.70 -6.78 -5.02
C LEU A 90 0.70 -7.19 -3.56
N PHE A 91 0.48 -6.22 -2.69
CA PHE A 91 0.38 -6.49 -1.26
C PHE A 91 -0.31 -5.36 -0.50
N THR A 92 -0.55 -5.64 0.77
CA THR A 92 -1.05 -4.65 1.71
C THR A 92 0.05 -4.32 2.70
N LEU A 93 0.44 -3.08 2.75
CA LEU A 93 1.54 -2.67 3.58
C LEU A 93 1.05 -1.86 4.76
N ASN A 94 1.93 -1.71 5.71
CA ASN A 94 1.69 -0.90 6.89
C ASN A 94 2.46 0.38 6.72
N CYS A 95 1.79 1.50 6.83
CA CYS A 95 2.46 2.77 6.65
C CYS A 95 3.30 3.05 7.88
N LYS A 96 2.76 2.67 9.03
CA LYS A 96 3.32 3.04 10.31
C LYS A 96 4.56 2.23 10.64
N THR A 97 4.73 1.12 9.95
CA THR A 97 5.89 0.28 10.17
C THR A 97 6.64 0.04 8.87
N GLY A 98 5.94 0.25 7.74
CA GLY A 98 6.52 0.03 6.45
C GLY A 98 6.63 -1.45 6.15
N TYR A 99 5.90 -2.25 6.91
CA TYR A 99 5.81 -3.67 6.68
C TYR A 99 4.86 -3.92 5.52
N PHE A 100 4.84 -5.13 5.02
CA PHE A 100 3.93 -5.47 3.94
C PHE A 100 3.54 -6.94 3.97
N VAL A 101 2.27 -7.16 3.71
CA VAL A 101 1.68 -8.48 3.80
C VAL A 101 1.33 -8.99 2.41
N GLY A 102 1.62 -10.25 2.17
CA GLY A 102 1.34 -10.83 0.88
C GLY A 102 0.02 -11.56 0.88
N ASN A 103 -0.32 -12.20 -0.23
CA ASN A 103 -1.56 -12.98 -0.29
C ASN A 103 -1.27 -14.36 -0.85
N GLY A 104 -0.02 -14.80 -0.73
CA GLY A 104 0.34 -16.14 -1.12
C GLY A 104 -0.31 -17.16 -0.22
N ALA A 105 -0.39 -16.83 1.06
CA ALA A 105 -1.09 -17.66 2.03
C ALA A 105 -2.59 -17.57 1.81
N GLY A 106 -3.27 -18.71 1.92
CA GLY A 106 -4.68 -18.79 1.62
C GLY A 106 -5.55 -18.00 2.58
N HIS A 107 -5.01 -17.67 3.74
CA HIS A 107 -5.75 -16.90 4.72
C HIS A 107 -4.89 -15.74 5.25
N ALA A 108 -3.96 -16.04 6.15
CA ALA A 108 -3.17 -15.00 6.77
C ALA A 108 -1.70 -15.15 6.44
N ASP A 109 -1.24 -14.24 5.59
CA ASP A 109 0.17 -14.10 5.31
C ASP A 109 0.90 -13.61 6.55
N ASP A 110 0.62 -12.36 6.92
CA ASP A 110 1.18 -11.73 8.11
C ASP A 110 0.02 -11.36 9.04
N LEU A 111 -1.17 -11.70 8.59
CA LEU A 111 -2.40 -11.21 9.17
C LEU A 111 -2.68 -11.81 10.54
N ASP A 112 -3.36 -11.02 11.34
CA ASP A 112 -3.76 -11.42 12.68
C ASP A 112 -5.12 -10.79 12.99
N TYR A 113 -5.62 -10.06 12.01
CA TYR A 113 -6.83 -9.28 12.15
C TYR A 113 -7.87 -9.73 11.14
N GLY A 1 18.65 -0.58 -8.06
CA GLY A 1 18.17 0.81 -7.86
C GLY A 1 18.73 1.42 -6.60
N HIS A 2 19.12 2.68 -6.67
CA HIS A 2 19.71 3.37 -5.54
C HIS A 2 18.92 4.64 -5.23
N MET A 3 17.74 4.47 -4.65
CA MET A 3 16.88 5.60 -4.33
C MET A 3 16.05 5.32 -3.09
N SER A 4 15.63 6.37 -2.42
CA SER A 4 14.79 6.26 -1.24
C SER A 4 14.01 7.56 -1.05
N ARG A 5 14.70 8.60 -0.58
CA ARG A 5 14.08 9.90 -0.28
C ARG A 5 12.85 9.72 0.60
N SER A 6 11.97 10.70 0.58
CA SER A 6 10.68 10.58 1.21
C SER A 6 9.65 11.35 0.40
N GLU A 7 8.82 10.61 -0.29
CA GLU A 7 7.82 11.21 -1.15
C GLU A 7 6.42 10.83 -0.72
N VAL A 8 6.22 9.55 -0.42
CA VAL A 8 4.90 9.01 -0.05
C VAL A 8 3.86 9.38 -1.10
N ASN A 9 3.71 8.50 -2.05
CA ASN A 9 3.01 8.80 -3.29
C ASN A 9 2.23 7.56 -3.73
N MET A 10 1.17 7.76 -4.53
CA MET A 10 0.37 6.64 -5.04
C MET A 10 0.91 6.20 -6.41
N GLY A 11 1.76 7.06 -6.91
CA GLY A 11 2.59 6.88 -8.10
C GLY A 11 1.88 6.78 -9.43
N LEU A 12 0.75 6.12 -9.47
CA LEU A 12 -0.10 6.15 -10.64
C LEU A 12 -1.48 6.60 -10.25
N SER A 13 -2.30 6.83 -11.24
CA SER A 13 -3.68 7.16 -11.03
C SER A 13 -4.55 5.91 -11.20
N SER A 14 -5.18 5.48 -10.10
CA SER A 14 -6.08 4.33 -10.13
C SER A 14 -7.43 4.70 -10.72
N ALA A 15 -7.45 5.79 -11.47
CA ALA A 15 -8.66 6.25 -12.12
C ALA A 15 -8.84 5.59 -13.47
N GLY A 16 -9.70 4.59 -13.53
CA GLY A 16 -9.93 3.87 -14.77
C GLY A 16 -9.16 2.56 -14.81
N VAL A 17 -8.36 2.34 -13.79
CA VAL A 17 -7.57 1.12 -13.69
C VAL A 17 -8.41 -0.04 -13.22
N ALA A 18 -8.01 -1.21 -13.64
CA ALA A 18 -8.65 -2.41 -13.18
C ALA A 18 -7.92 -2.99 -11.98
N VAL A 19 -8.13 -2.32 -10.86
CA VAL A 19 -7.42 -2.67 -9.63
C VAL A 19 -8.13 -3.74 -8.83
N GLN A 20 -7.34 -4.69 -8.33
CA GLN A 20 -7.87 -5.76 -7.53
C GLN A 20 -8.05 -5.31 -6.09
N ARG A 21 -9.27 -4.99 -5.73
CA ARG A 21 -9.59 -4.56 -4.39
C ARG A 21 -10.04 -5.73 -3.55
N SER A 22 -10.71 -6.68 -4.19
CA SER A 22 -11.19 -7.87 -3.51
C SER A 22 -10.02 -8.78 -3.15
N ALA A 23 -8.90 -8.51 -3.79
CA ALA A 23 -7.69 -9.29 -3.59
C ALA A 23 -6.88 -8.76 -2.41
N SER A 24 -7.42 -7.76 -1.73
CA SER A 24 -6.73 -7.09 -0.65
C SER A 24 -6.67 -7.97 0.61
N ARG A 25 -5.54 -7.91 1.29
CA ARG A 25 -5.34 -8.63 2.52
C ARG A 25 -5.95 -7.93 3.72
N VAL A 26 -6.28 -6.66 3.56
CA VAL A 26 -6.85 -5.88 4.64
C VAL A 26 -8.10 -5.17 4.13
N ALA A 27 -9.03 -4.86 5.02
CA ALA A 27 -10.32 -4.34 4.62
C ALA A 27 -10.25 -2.90 4.11
N TYR A 28 -10.89 -2.70 2.99
CA TYR A 28 -11.01 -1.45 2.30
C TYR A 28 -11.90 -0.44 3.01
N ASN A 29 -11.73 -0.28 4.31
CA ASN A 29 -12.78 0.31 5.16
C ASN A 29 -12.96 1.79 4.81
N GLN A 30 -13.95 2.05 3.97
CA GLN A 30 -14.15 3.39 3.44
C GLN A 30 -14.47 4.36 4.56
N SER A 31 -14.73 3.84 5.74
CA SER A 31 -14.94 4.65 6.93
C SER A 31 -13.60 5.18 7.44
N ALA A 32 -12.58 4.30 7.47
CA ALA A 32 -11.25 4.71 7.91
C ALA A 32 -10.55 5.40 6.76
N ILE A 33 -10.94 5.02 5.56
CA ILE A 33 -10.42 5.62 4.34
C ILE A 33 -10.90 7.06 4.24
N ASP A 34 -12.16 7.26 4.59
CA ASP A 34 -12.76 8.58 4.55
C ASP A 34 -12.35 9.33 5.81
N ASP A 35 -11.77 8.58 6.72
CA ASP A 35 -11.22 9.10 7.96
C ASP A 35 -9.74 9.44 7.74
N SER A 36 -9.38 9.53 6.46
CA SER A 36 -8.00 9.79 6.00
C SER A 36 -7.30 10.92 6.78
N ASN A 37 -8.06 11.70 7.53
CA ASN A 37 -7.49 12.72 8.40
C ASN A 37 -6.62 12.10 9.49
N ASN A 38 -6.75 10.80 9.69
CA ASN A 38 -5.96 10.07 10.65
C ASN A 38 -4.49 10.15 10.33
N SER A 39 -3.68 10.19 11.36
CA SER A 39 -2.26 10.03 11.18
C SER A 39 -1.95 8.55 11.08
N ALA A 40 -3.01 7.72 11.12
CA ALA A 40 -2.88 6.31 10.88
C ALA A 40 -2.42 6.09 9.45
N TRP A 41 -2.57 7.13 8.65
CA TRP A 41 -2.24 7.06 7.24
C TRP A 41 -0.83 7.62 6.97
N ASP A 42 -0.24 8.23 7.99
CA ASP A 42 1.12 8.72 7.87
C ASP A 42 2.09 7.59 8.07
N PHE A 43 2.71 7.17 6.98
CA PHE A 43 3.68 6.08 7.01
C PHE A 43 4.84 6.40 7.95
N ALA A 44 5.60 7.44 7.58
CA ALA A 44 6.78 7.91 8.31
C ALA A 44 7.62 8.83 7.42
N ASP A 45 8.77 8.34 6.99
CA ASP A 45 9.66 9.07 6.09
C ASP A 45 10.35 8.12 5.12
N GLY A 46 10.01 8.25 3.83
CA GLY A 46 10.53 7.35 2.79
C GLY A 46 10.28 5.89 3.10
N VAL A 47 9.30 5.66 3.96
CA VAL A 47 8.91 4.34 4.39
C VAL A 47 8.20 3.63 3.26
N LEU A 48 7.35 4.39 2.59
CA LEU A 48 6.64 3.91 1.44
C LEU A 48 7.58 3.73 0.29
N GLU A 49 8.43 4.69 0.15
CA GLU A 49 9.41 4.75 -0.91
C GLU A 49 10.45 3.67 -0.73
N GLN A 50 10.40 3.09 0.44
CA GLN A 50 11.20 1.93 0.77
C GLN A 50 10.55 0.70 0.23
N ILE A 51 9.32 0.54 0.63
CA ILE A 51 8.53 -0.59 0.25
C ILE A 51 8.39 -0.60 -1.25
N LEU A 52 8.26 0.59 -1.78
CA LEU A 52 8.15 0.81 -3.21
C LEU A 52 9.45 0.52 -3.90
N ALA A 53 10.52 1.01 -3.30
CA ALA A 53 11.86 0.75 -3.80
C ALA A 53 12.10 -0.74 -3.81
N THR A 54 11.54 -1.37 -2.80
CA THR A 54 11.57 -2.80 -2.64
C THR A 54 10.68 -3.46 -3.68
N SER A 55 9.42 -3.03 -3.79
CA SER A 55 8.45 -3.60 -4.71
C SER A 55 9.04 -3.77 -6.11
N ARG A 56 9.69 -2.73 -6.59
CA ARG A 56 10.33 -2.76 -7.90
C ARG A 56 11.45 -3.79 -7.94
N SER A 57 12.28 -3.79 -6.90
CA SER A 57 13.38 -4.74 -6.78
C SER A 57 12.87 -6.18 -6.72
N ARG A 58 11.73 -6.33 -6.07
CA ARG A 58 11.08 -7.63 -5.91
C ARG A 58 10.51 -8.11 -7.24
N GLY A 59 10.14 -7.14 -8.05
CA GLY A 59 9.54 -7.43 -9.34
C GLY A 59 8.05 -7.26 -9.30
N TYR A 60 7.58 -6.48 -8.34
CA TYR A 60 6.18 -6.14 -8.20
C TYR A 60 5.82 -5.06 -9.20
N ILE A 61 6.65 -4.02 -9.24
CA ILE A 61 6.41 -2.86 -10.07
C ILE A 61 7.70 -2.34 -10.69
N THR A 62 7.56 -1.18 -11.29
CA THR A 62 8.66 -0.42 -11.82
C THR A 62 8.53 1.04 -11.41
N GLY A 63 9.66 1.68 -11.10
CA GLY A 63 9.69 3.10 -10.78
C GLY A 63 8.54 3.56 -9.91
N ASP A 64 7.78 4.49 -10.43
CA ASP A 64 6.60 4.99 -9.76
C ASP A 64 5.34 4.49 -10.46
N GLN A 65 5.52 3.49 -11.31
CA GLN A 65 4.44 2.87 -12.05
C GLN A 65 3.62 1.95 -11.18
N TYR A 66 3.47 2.31 -9.95
CA TYR A 66 2.71 1.51 -9.02
C TYR A 66 1.41 2.20 -8.72
N ILE A 67 0.49 1.47 -8.17
CA ILE A 67 -0.76 2.06 -7.76
C ILE A 67 -1.03 1.74 -6.31
N LEU A 68 -0.77 2.69 -5.47
CA LEU A 68 -0.98 2.51 -4.06
C LEU A 68 -2.35 3.08 -3.69
N GLU A 69 -3.00 2.51 -2.68
CA GLU A 69 -4.32 3.00 -2.26
C GLU A 69 -4.49 2.82 -0.76
N ARG A 70 -5.20 3.77 -0.15
CA ARG A 70 -5.57 3.66 1.23
C ARG A 70 -6.64 2.61 1.40
N VAL A 71 -6.49 1.80 2.42
CA VAL A 71 -7.34 0.65 2.60
C VAL A 71 -7.97 0.61 3.98
N ASN A 72 -7.16 0.48 5.01
CA ASN A 72 -7.71 0.24 6.34
C ASN A 72 -6.90 0.92 7.43
N ILE A 73 -7.53 1.14 8.56
CA ILE A 73 -6.82 1.61 9.74
C ILE A 73 -6.96 0.60 10.86
N VAL A 74 -5.88 -0.11 11.14
CA VAL A 74 -5.86 -1.08 12.22
C VAL A 74 -5.02 -0.54 13.36
N ASN A 75 -5.68 -0.09 14.42
CA ASN A 75 -4.98 0.47 15.59
C ASN A 75 -4.27 1.78 15.22
N GLY A 76 -4.53 2.26 14.02
CA GLY A 76 -3.79 3.40 13.54
C GLY A 76 -2.57 3.00 12.73
N ASN A 77 -2.51 1.74 12.31
CA ASN A 77 -1.39 1.22 11.53
C ASN A 77 -1.68 1.29 10.04
N GLY A 78 -2.37 2.36 9.65
CA GLY A 78 -2.98 2.51 8.32
C GLY A 78 -2.35 1.66 7.23
N TYR A 79 -3.16 0.76 6.69
CA TYR A 79 -2.70 -0.19 5.69
C TYR A 79 -2.97 0.33 4.29
N TYR A 80 -1.98 0.15 3.45
CA TYR A 80 -2.03 0.60 2.08
C TYR A 80 -1.80 -0.57 1.15
N ASN A 81 -2.56 -0.65 0.09
CA ASN A 81 -2.34 -1.70 -0.88
C ASN A 81 -1.49 -1.17 -2.00
N LEU A 82 -0.59 -2.00 -2.47
CA LEU A 82 0.22 -1.65 -3.59
C LEU A 82 -0.27 -2.43 -4.79
N TYR A 83 -0.51 -1.73 -5.85
CA TYR A 83 -1.05 -2.30 -7.05
C TYR A 83 -0.13 -2.05 -8.22
N LYS A 84 -0.28 -2.86 -9.23
CA LYS A 84 0.40 -2.67 -10.48
C LYS A 84 -0.29 -1.56 -11.25
N PRO A 85 0.32 -1.02 -12.31
CA PRO A 85 -0.34 -0.03 -13.17
C PRO A 85 -1.64 -0.57 -13.73
N ASP A 86 -1.75 -1.88 -13.72
CA ASP A 86 -2.91 -2.55 -14.23
C ASP A 86 -3.94 -2.70 -13.14
N GLY A 87 -3.57 -2.26 -11.94
CA GLY A 87 -4.44 -2.37 -10.80
C GLY A 87 -4.27 -3.68 -10.07
N THR A 88 -3.38 -4.52 -10.57
CA THR A 88 -3.16 -5.83 -9.97
C THR A 88 -2.61 -5.72 -8.55
N TYR A 89 -3.34 -6.30 -7.61
CA TYR A 89 -2.92 -6.37 -6.22
C TYR A 89 -1.58 -7.05 -6.07
N LEU A 90 -0.68 -6.34 -5.42
CA LEU A 90 0.64 -6.82 -5.11
C LEU A 90 0.70 -7.24 -3.64
N PHE A 91 0.44 -6.29 -2.76
CA PHE A 91 0.39 -6.56 -1.32
C PHE A 91 -0.29 -5.45 -0.56
N THR A 92 -0.49 -5.71 0.72
CA THR A 92 -0.98 -4.72 1.66
C THR A 92 0.15 -4.38 2.61
N LEU A 93 0.51 -3.14 2.65
CA LEU A 93 1.60 -2.70 3.48
C LEU A 93 1.09 -1.92 4.66
N ASN A 94 1.94 -1.80 5.63
CA ASN A 94 1.69 -1.01 6.82
C ASN A 94 2.45 0.28 6.66
N CYS A 95 1.78 1.38 6.74
CA CYS A 95 2.45 2.65 6.59
C CYS A 95 3.27 2.93 7.82
N LYS A 96 2.72 2.58 8.98
CA LYS A 96 3.27 2.96 10.24
C LYS A 96 4.51 2.16 10.58
N THR A 97 4.67 1.05 9.91
CA THR A 97 5.83 0.20 10.14
C THR A 97 6.60 -0.03 8.85
N GLY A 98 5.91 0.15 7.73
CA GLY A 98 6.51 -0.08 6.44
C GLY A 98 6.60 -1.55 6.13
N TYR A 99 5.87 -2.35 6.90
CA TYR A 99 5.73 -3.75 6.68
C TYR A 99 4.87 -3.97 5.44
N PHE A 100 4.94 -5.15 4.86
CA PHE A 100 4.05 -5.48 3.77
C PHE A 100 3.67 -6.94 3.79
N VAL A 101 2.40 -7.18 3.57
CA VAL A 101 1.82 -8.49 3.72
C VAL A 101 1.45 -9.05 2.36
N GLY A 102 1.74 -10.31 2.17
CA GLY A 102 1.41 -10.95 0.92
C GLY A 102 0.07 -11.66 1.02
N ASN A 103 -0.32 -12.37 -0.02
CA ASN A 103 -1.56 -13.12 0.00
C ASN A 103 -1.37 -14.48 -0.68
N GLY A 104 -2.18 -15.44 -0.28
CA GLY A 104 -2.12 -16.75 -0.88
C GLY A 104 -2.01 -17.85 0.16
N ALA A 105 -1.56 -17.48 1.36
CA ALA A 105 -1.40 -18.46 2.43
C ALA A 105 -2.73 -18.79 3.09
N GLY A 106 -3.72 -17.95 2.84
CA GLY A 106 -5.06 -18.20 3.34
C GLY A 106 -5.28 -17.64 4.73
N HIS A 107 -6.51 -17.20 4.99
CA HIS A 107 -6.91 -16.62 6.28
C HIS A 107 -6.14 -15.33 6.56
N ALA A 108 -4.96 -15.48 7.12
CA ALA A 108 -4.10 -14.35 7.41
C ALA A 108 -2.66 -14.71 7.14
N ASP A 109 -2.17 -14.22 6.03
CA ASP A 109 -0.79 -14.37 5.65
C ASP A 109 0.14 -13.76 6.70
N ASP A 110 0.05 -12.45 6.86
CA ASP A 110 0.87 -11.73 7.83
C ASP A 110 0.00 -11.07 8.88
N LEU A 111 -1.30 -11.16 8.67
CA LEU A 111 -2.24 -10.37 9.44
C LEU A 111 -2.41 -10.92 10.85
N ASP A 112 -2.99 -10.07 11.68
CA ASP A 112 -3.14 -10.35 13.09
C ASP A 112 -4.52 -9.92 13.56
N TYR A 113 -5.01 -8.85 12.95
CA TYR A 113 -6.29 -8.28 13.34
C TYR A 113 -7.43 -9.26 13.09
N GLY A 1 14.36 20.92 0.17
CA GLY A 1 15.09 19.85 0.87
C GLY A 1 15.32 18.64 -0.01
N HIS A 2 16.32 18.71 -0.88
CA HIS A 2 16.60 17.63 -1.82
C HIS A 2 17.26 16.44 -1.11
N MET A 3 17.74 16.67 0.10
CA MET A 3 18.29 15.58 0.91
C MET A 3 17.18 14.66 1.37
N SER A 4 16.00 15.22 1.56
CA SER A 4 14.82 14.45 1.94
C SER A 4 14.20 13.80 0.71
N ARG A 5 14.86 12.77 0.20
CA ARG A 5 14.37 12.05 -0.98
C ARG A 5 13.32 11.03 -0.57
N SER A 6 12.25 11.52 0.02
CA SER A 6 11.20 10.67 0.54
C SER A 6 9.83 11.25 0.23
N GLU A 7 9.21 10.72 -0.81
CA GLU A 7 7.94 11.20 -1.29
C GLU A 7 6.75 10.59 -0.56
N VAL A 8 6.59 9.27 -0.67
CA VAL A 8 5.40 8.59 -0.18
C VAL A 8 4.14 9.11 -0.89
N ASN A 9 3.77 8.44 -1.96
CA ASN A 9 2.58 8.78 -2.72
C ASN A 9 2.00 7.55 -3.40
N MET A 10 0.99 7.73 -4.26
CA MET A 10 0.30 6.60 -4.89
C MET A 10 0.92 6.24 -6.25
N GLY A 11 1.73 7.17 -6.71
CA GLY A 11 2.60 7.05 -7.88
C GLY A 11 1.91 6.94 -9.23
N LEU A 12 0.80 6.24 -9.31
CA LEU A 12 -0.05 6.27 -10.47
C LEU A 12 -1.43 6.69 -10.10
N SER A 13 -2.24 6.90 -11.10
CA SER A 13 -3.63 7.21 -10.91
C SER A 13 -4.47 5.94 -11.05
N SER A 14 -5.17 5.57 -9.98
CA SER A 14 -6.04 4.41 -10.00
C SER A 14 -7.39 4.78 -10.62
N ALA A 15 -7.44 5.93 -11.26
CA ALA A 15 -8.64 6.39 -11.90
C ALA A 15 -8.75 5.81 -13.29
N GLY A 16 -9.61 4.81 -13.44
CA GLY A 16 -9.78 4.15 -14.72
C GLY A 16 -9.07 2.81 -14.78
N VAL A 17 -8.30 2.52 -13.74
CA VAL A 17 -7.56 1.29 -13.65
C VAL A 17 -8.42 0.14 -13.18
N ALA A 18 -8.00 -1.05 -13.55
CA ALA A 18 -8.66 -2.24 -13.11
C ALA A 18 -7.92 -2.83 -11.92
N VAL A 19 -8.11 -2.18 -10.78
CA VAL A 19 -7.41 -2.54 -9.57
C VAL A 19 -8.11 -3.64 -8.79
N GLN A 20 -7.31 -4.61 -8.35
CA GLN A 20 -7.84 -5.73 -7.61
C GLN A 20 -8.03 -5.34 -6.15
N ARG A 21 -9.26 -5.06 -5.79
CA ARG A 21 -9.60 -4.69 -4.43
C ARG A 21 -10.02 -5.90 -3.62
N SER A 22 -10.67 -6.84 -4.28
CA SER A 22 -11.11 -8.06 -3.63
C SER A 22 -9.91 -8.95 -3.29
N ALA A 23 -8.79 -8.62 -3.91
CA ALA A 23 -7.56 -9.38 -3.71
C ALA A 23 -6.78 -8.84 -2.51
N SER A 24 -7.35 -7.87 -1.83
CA SER A 24 -6.68 -7.21 -0.71
C SER A 24 -6.68 -8.08 0.54
N ARG A 25 -5.58 -8.00 1.28
CA ARG A 25 -5.42 -8.74 2.53
C ARG A 25 -6.10 -8.04 3.68
N VAL A 26 -6.34 -6.75 3.52
CA VAL A 26 -6.91 -5.95 4.59
C VAL A 26 -8.16 -5.23 4.11
N ALA A 27 -9.09 -4.96 5.02
CA ALA A 27 -10.39 -4.41 4.64
C ALA A 27 -10.30 -2.97 4.17
N TYR A 28 -10.96 -2.74 3.05
CA TYR A 28 -11.08 -1.47 2.38
C TYR A 28 -11.95 -0.47 3.12
N ASN A 29 -11.77 -0.33 4.44
CA ASN A 29 -12.81 0.22 5.30
C ASN A 29 -12.99 1.71 5.02
N GLN A 30 -14.00 2.01 4.22
CA GLN A 30 -14.18 3.36 3.71
C GLN A 30 -14.41 4.35 4.85
N SER A 31 -14.77 3.82 6.01
CA SER A 31 -14.96 4.66 7.19
C SER A 31 -13.62 5.08 7.79
N ALA A 32 -12.61 4.21 7.70
CA ALA A 32 -11.27 4.57 8.14
C ALA A 32 -10.58 5.28 7.01
N ILE A 33 -10.94 4.90 5.79
CA ILE A 33 -10.40 5.51 4.59
C ILE A 33 -10.78 6.97 4.53
N ASP A 34 -12.03 7.24 4.86
CA ASP A 34 -12.57 8.58 4.86
C ASP A 34 -12.19 9.28 6.15
N ASP A 35 -11.70 8.47 7.08
CA ASP A 35 -11.22 8.94 8.36
C ASP A 35 -9.77 9.36 8.22
N SER A 36 -9.36 9.50 6.95
CA SER A 36 -8.00 9.84 6.52
C SER A 36 -7.23 10.79 7.45
N ASN A 37 -7.94 11.65 8.16
CA ASN A 37 -7.30 12.60 9.07
C ASN A 37 -6.70 11.90 10.28
N ASN A 38 -6.87 10.59 10.35
CA ASN A 38 -6.39 9.77 11.46
C ASN A 38 -4.89 9.92 11.68
N SER A 39 -4.19 10.17 10.58
CA SER A 39 -2.74 10.12 10.54
C SER A 39 -2.25 8.69 10.76
N ALA A 40 -3.20 7.76 10.94
CA ALA A 40 -2.91 6.34 10.82
C ALA A 40 -2.41 6.08 9.42
N TRP A 41 -2.70 7.04 8.56
CA TRP A 41 -2.36 6.98 7.16
C TRP A 41 -0.98 7.55 6.87
N ASP A 42 -0.43 8.29 7.82
CA ASP A 42 0.89 8.88 7.65
C ASP A 42 1.96 7.83 7.90
N PHE A 43 2.51 7.31 6.80
CA PHE A 43 3.51 6.25 6.84
C PHE A 43 4.69 6.62 7.77
N ALA A 44 5.40 7.67 7.35
CA ALA A 44 6.60 8.18 8.03
C ALA A 44 7.43 9.03 7.06
N ASP A 45 8.63 8.56 6.75
CA ASP A 45 9.51 9.24 5.81
C ASP A 45 10.20 8.24 4.90
N GLY A 46 9.91 8.33 3.62
CA GLY A 46 10.48 7.40 2.61
C GLY A 46 10.19 5.95 2.94
N VAL A 47 9.24 5.76 3.83
CA VAL A 47 8.84 4.46 4.31
C VAL A 47 8.17 3.70 3.18
N LEU A 48 7.38 4.43 2.42
CA LEU A 48 6.69 3.89 1.29
C LEU A 48 7.66 3.65 0.17
N GLU A 49 8.52 4.62 0.01
CA GLU A 49 9.54 4.62 -1.02
C GLU A 49 10.47 3.45 -0.83
N GLN A 50 10.46 2.94 0.37
CA GLN A 50 11.24 1.79 0.76
C GLN A 50 10.60 0.53 0.28
N ILE A 51 9.35 0.42 0.65
CA ILE A 51 8.54 -0.71 0.31
C ILE A 51 8.42 -0.77 -1.19
N LEU A 52 8.32 0.40 -1.78
CA LEU A 52 8.24 0.56 -3.21
C LEU A 52 9.55 0.22 -3.86
N ALA A 53 10.62 0.69 -3.24
CA ALA A 53 11.97 0.39 -3.69
C ALA A 53 12.14 -1.12 -3.69
N THR A 54 11.58 -1.71 -2.66
CA THR A 54 11.51 -3.13 -2.52
C THR A 54 10.62 -3.73 -3.61
N SER A 55 9.38 -3.23 -3.73
CA SER A 55 8.41 -3.75 -4.68
C SER A 55 9.01 -3.91 -6.07
N ARG A 56 9.72 -2.90 -6.54
CA ARG A 56 10.34 -2.92 -7.85
C ARG A 56 11.44 -3.99 -7.90
N SER A 57 12.23 -4.04 -6.83
CA SER A 57 13.30 -5.03 -6.69
C SER A 57 12.71 -6.45 -6.69
N ARG A 58 11.59 -6.60 -6.00
CA ARG A 58 10.88 -7.86 -5.89
C ARG A 58 10.32 -8.28 -7.24
N GLY A 59 10.01 -7.28 -8.04
CA GLY A 59 9.45 -7.52 -9.36
C GLY A 59 7.97 -7.27 -9.37
N TYR A 60 7.49 -6.56 -8.35
CA TYR A 60 6.10 -6.19 -8.23
C TYR A 60 5.79 -5.09 -9.24
N ILE A 61 6.62 -4.06 -9.23
CA ILE A 61 6.42 -2.89 -10.04
C ILE A 61 7.73 -2.39 -10.63
N THR A 62 7.61 -1.23 -11.22
CA THR A 62 8.73 -0.48 -11.73
C THR A 62 8.60 0.98 -11.31
N GLY A 63 9.73 1.61 -10.99
CA GLY A 63 9.78 3.03 -10.68
C GLY A 63 8.63 3.50 -9.81
N ASP A 64 7.90 4.48 -10.33
CA ASP A 64 6.72 5.00 -9.66
C ASP A 64 5.48 4.54 -10.40
N GLN A 65 5.65 3.53 -11.23
CA GLN A 65 4.57 2.94 -12.01
C GLN A 65 3.72 2.02 -11.15
N TYR A 66 3.56 2.38 -9.91
CA TYR A 66 2.78 1.58 -8.99
C TYR A 66 1.48 2.27 -8.69
N ILE A 67 0.54 1.53 -8.16
CA ILE A 67 -0.70 2.11 -7.74
C ILE A 67 -0.98 1.76 -6.31
N LEU A 68 -0.74 2.69 -5.45
CA LEU A 68 -0.97 2.46 -4.05
C LEU A 68 -2.35 3.00 -3.70
N GLU A 69 -2.99 2.41 -2.69
CA GLU A 69 -4.29 2.88 -2.26
C GLU A 69 -4.48 2.73 -0.75
N ARG A 70 -5.33 3.59 -0.22
CA ARG A 70 -5.69 3.55 1.19
C ARG A 70 -6.74 2.49 1.40
N VAL A 71 -6.57 1.70 2.43
CA VAL A 71 -7.42 0.55 2.63
C VAL A 71 -8.03 0.54 4.02
N ASN A 72 -7.21 0.40 5.04
CA ASN A 72 -7.73 0.15 6.39
C ASN A 72 -6.90 0.84 7.45
N ILE A 73 -7.49 1.02 8.61
CA ILE A 73 -6.73 1.49 9.76
C ILE A 73 -6.77 0.45 10.87
N VAL A 74 -5.65 -0.20 11.10
CA VAL A 74 -5.54 -1.21 12.14
C VAL A 74 -4.67 -0.68 13.25
N ASN A 75 -5.28 -0.34 14.38
CA ASN A 75 -4.54 0.19 15.53
C ASN A 75 -3.94 1.57 15.21
N GLY A 76 -4.32 2.11 14.07
CA GLY A 76 -3.68 3.31 13.59
C GLY A 76 -2.46 3.02 12.74
N ASN A 77 -2.36 1.79 12.23
CA ASN A 77 -1.24 1.36 11.40
C ASN A 77 -1.60 1.43 9.92
N GLY A 78 -2.39 2.46 9.55
CA GLY A 78 -2.99 2.59 8.22
C GLY A 78 -2.39 1.72 7.13
N TYR A 79 -3.19 0.81 6.62
CA TYR A 79 -2.73 -0.16 5.65
C TYR A 79 -3.02 0.31 4.25
N TYR A 80 -2.03 0.14 3.40
CA TYR A 80 -2.09 0.58 2.03
C TYR A 80 -1.84 -0.58 1.11
N ASN A 81 -2.59 -0.67 0.05
CA ASN A 81 -2.34 -1.73 -0.91
C ASN A 81 -1.49 -1.20 -2.03
N LEU A 82 -0.60 -2.02 -2.49
CA LEU A 82 0.24 -1.67 -3.60
C LEU A 82 -0.24 -2.44 -4.81
N TYR A 83 -0.48 -1.71 -5.86
CA TYR A 83 -1.02 -2.26 -7.08
C TYR A 83 -0.09 -1.98 -8.23
N LYS A 84 -0.26 -2.77 -9.27
CA LYS A 84 0.42 -2.54 -10.52
C LYS A 84 -0.29 -1.43 -11.27
N PRO A 85 0.31 -0.86 -12.32
CA PRO A 85 -0.36 0.14 -13.16
C PRO A 85 -1.65 -0.39 -13.75
N ASP A 86 -1.78 -1.70 -13.73
CA ASP A 86 -2.95 -2.37 -14.25
C ASP A 86 -3.98 -2.51 -13.14
N GLY A 87 -3.57 -2.15 -11.94
CA GLY A 87 -4.43 -2.27 -10.79
C GLY A 87 -4.25 -3.60 -10.09
N THR A 88 -3.32 -4.41 -10.59
CA THR A 88 -3.09 -5.73 -10.03
C THR A 88 -2.55 -5.64 -8.61
N TYR A 89 -3.29 -6.23 -7.67
CA TYR A 89 -2.86 -6.32 -6.28
C TYR A 89 -1.51 -6.99 -6.14
N LEU A 90 -0.64 -6.29 -5.45
CA LEU A 90 0.69 -6.77 -5.15
C LEU A 90 0.76 -7.19 -3.69
N PHE A 91 0.43 -6.26 -2.79
CA PHE A 91 0.36 -6.55 -1.35
C PHE A 91 -0.33 -5.44 -0.58
N THR A 92 -0.51 -5.71 0.69
CA THR A 92 -0.99 -4.72 1.63
C THR A 92 0.15 -4.37 2.57
N LEU A 93 0.48 -3.11 2.66
CA LEU A 93 1.58 -2.69 3.49
C LEU A 93 1.09 -1.87 4.66
N ASN A 94 1.96 -1.74 5.63
CA ASN A 94 1.71 -0.95 6.80
C ASN A 94 2.46 0.34 6.62
N CYS A 95 1.77 1.45 6.67
CA CYS A 95 2.42 2.73 6.47
C CYS A 95 3.23 3.08 7.70
N LYS A 96 2.68 2.76 8.85
CA LYS A 96 3.23 3.19 10.11
C LYS A 96 4.50 2.43 10.46
N THR A 97 4.63 1.26 9.88
CA THR A 97 5.80 0.44 10.14
C THR A 97 6.60 0.22 8.85
N GLY A 98 5.90 0.34 7.73
CA GLY A 98 6.52 0.13 6.44
C GLY A 98 6.68 -1.33 6.12
N TYR A 99 5.94 -2.16 6.85
CA TYR A 99 5.88 -3.58 6.59
C TYR A 99 4.95 -3.84 5.42
N PHE A 100 4.94 -5.06 4.92
CA PHE A 100 4.01 -5.43 3.86
C PHE A 100 3.66 -6.90 3.93
N VAL A 101 2.40 -7.16 3.68
CA VAL A 101 1.81 -8.48 3.83
C VAL A 101 1.45 -9.03 2.46
N GLY A 102 1.69 -10.31 2.26
CA GLY A 102 1.32 -10.93 1.01
C GLY A 102 -0.04 -11.58 1.12
N ASN A 103 -0.52 -12.16 0.03
CA ASN A 103 -1.84 -12.78 0.04
C ASN A 103 -1.77 -14.23 -0.38
N GLY A 104 -2.90 -14.90 -0.33
CA GLY A 104 -2.98 -16.31 -0.66
C GLY A 104 -4.20 -16.95 -0.05
N ALA A 105 -4.83 -17.83 -0.80
CA ALA A 105 -6.04 -18.49 -0.33
C ALA A 105 -5.73 -19.55 0.71
N GLY A 106 -6.13 -19.30 1.94
CA GLY A 106 -5.95 -20.29 2.98
C GLY A 106 -5.62 -19.67 4.32
N HIS A 107 -4.39 -19.22 4.47
CA HIS A 107 -3.90 -18.72 5.75
C HIS A 107 -3.47 -17.26 5.64
N ALA A 108 -3.94 -16.43 6.56
CA ALA A 108 -3.55 -15.03 6.61
C ALA A 108 -2.08 -14.91 6.93
N ASP A 109 -1.35 -14.34 6.00
CA ASP A 109 0.08 -14.16 6.11
C ASP A 109 0.45 -13.38 7.36
N ASP A 110 -0.02 -12.15 7.46
CA ASP A 110 0.35 -11.28 8.57
C ASP A 110 -0.84 -10.93 9.43
N LEU A 111 -2.01 -11.25 8.94
CA LEU A 111 -3.21 -10.71 9.51
C LEU A 111 -3.72 -11.58 10.64
N ASP A 112 -4.51 -10.97 11.49
CA ASP A 112 -4.99 -11.57 12.72
C ASP A 112 -6.19 -10.81 13.25
N TYR A 113 -6.27 -9.54 12.88
CA TYR A 113 -7.29 -8.64 13.35
C TYR A 113 -8.70 -9.17 13.07
N GLY A 1 13.82 11.89 -11.41
CA GLY A 1 14.59 12.92 -10.68
C GLY A 1 16.02 12.50 -10.47
N HIS A 2 16.73 13.21 -9.60
CA HIS A 2 18.13 12.89 -9.32
C HIS A 2 18.23 11.92 -8.14
N MET A 3 17.43 12.16 -7.11
CA MET A 3 17.47 11.33 -5.92
C MET A 3 16.09 11.25 -5.26
N SER A 4 15.40 10.14 -5.48
CA SER A 4 14.14 9.87 -4.81
C SER A 4 14.40 8.95 -3.61
N ARG A 5 14.00 9.38 -2.44
CA ARG A 5 14.23 8.61 -1.23
C ARG A 5 13.06 8.70 -0.26
N SER A 6 12.40 9.85 -0.25
CA SER A 6 11.28 10.05 0.64
C SER A 6 10.20 10.90 -0.01
N GLU A 7 9.23 10.22 -0.59
CA GLU A 7 8.16 10.86 -1.32
C GLU A 7 6.80 10.48 -0.73
N VAL A 8 6.51 9.18 -0.74
CA VAL A 8 5.24 8.63 -0.27
C VAL A 8 4.04 9.17 -1.06
N ASN A 9 3.53 8.33 -1.96
CA ASN A 9 2.35 8.67 -2.74
C ASN A 9 1.78 7.41 -3.39
N MET A 10 0.87 7.56 -4.34
CA MET A 10 0.27 6.40 -5.00
C MET A 10 0.89 6.15 -6.38
N GLY A 11 1.71 7.10 -6.76
CA GLY A 11 2.55 7.06 -7.96
C GLY A 11 1.85 6.98 -9.31
N LEU A 12 0.76 6.24 -9.39
CA LEU A 12 -0.10 6.27 -10.55
C LEU A 12 -1.50 6.66 -10.15
N SER A 13 -2.31 6.88 -11.14
CA SER A 13 -3.70 7.17 -10.93
C SER A 13 -4.53 5.90 -11.06
N SER A 14 -5.23 5.54 -10.00
CA SER A 14 -6.08 4.36 -10.00
C SER A 14 -7.45 4.69 -10.61
N ALA A 15 -7.51 5.83 -11.28
CA ALA A 15 -8.72 6.26 -11.94
C ALA A 15 -8.78 5.67 -13.35
N GLY A 16 -9.62 4.65 -13.52
CA GLY A 16 -9.75 4.00 -14.82
C GLY A 16 -9.01 2.68 -14.87
N VAL A 17 -8.22 2.43 -13.85
CA VAL A 17 -7.44 1.21 -13.75
C VAL A 17 -8.27 0.04 -13.31
N ALA A 18 -7.84 -1.13 -13.71
CA ALA A 18 -8.49 -2.35 -13.29
C ALA A 18 -7.79 -2.91 -12.07
N VAL A 19 -8.06 -2.27 -10.96
CA VAL A 19 -7.39 -2.58 -9.70
C VAL A 19 -8.11 -3.68 -8.94
N GLN A 20 -7.32 -4.64 -8.43
CA GLN A 20 -7.87 -5.74 -7.70
C GLN A 20 -8.07 -5.37 -6.25
N ARG A 21 -9.30 -5.06 -5.88
CA ARG A 21 -9.62 -4.66 -4.53
C ARG A 21 -10.00 -5.88 -3.71
N SER A 22 -10.65 -6.83 -4.35
CA SER A 22 -11.08 -8.05 -3.69
C SER A 22 -9.88 -8.94 -3.33
N ALA A 23 -8.71 -8.52 -3.79
CA ALA A 23 -7.49 -9.25 -3.56
C ALA A 23 -6.71 -8.66 -2.39
N SER A 24 -7.29 -7.65 -1.75
CA SER A 24 -6.63 -6.98 -0.65
C SER A 24 -6.62 -7.84 0.61
N ARG A 25 -5.45 -7.91 1.24
CA ARG A 25 -5.27 -8.65 2.47
C ARG A 25 -5.88 -7.94 3.67
N VAL A 26 -6.23 -6.68 3.51
CA VAL A 26 -6.79 -5.92 4.61
C VAL A 26 -8.07 -5.21 4.13
N ALA A 27 -8.99 -4.95 5.04
CA ALA A 27 -10.31 -4.44 4.68
C ALA A 27 -10.28 -3.00 4.18
N TYR A 28 -10.96 -2.82 3.09
CA TYR A 28 -11.14 -1.56 2.41
C TYR A 28 -12.03 -0.57 3.15
N ASN A 29 -11.82 -0.39 4.44
CA ASN A 29 -12.86 0.20 5.29
C ASN A 29 -13.03 1.68 4.96
N GLN A 30 -14.02 1.95 4.12
CA GLN A 30 -14.20 3.29 3.57
C GLN A 30 -14.41 4.32 4.67
N SER A 31 -14.75 3.87 5.86
CA SER A 31 -14.93 4.75 7.00
C SER A 31 -13.57 5.19 7.55
N ALA A 32 -12.58 4.30 7.50
CA ALA A 32 -11.23 4.66 7.92
C ALA A 32 -10.54 5.31 6.74
N ILE A 33 -10.95 4.90 5.56
CA ILE A 33 -10.42 5.44 4.32
C ILE A 33 -10.80 6.90 4.19
N ASP A 34 -12.05 7.19 4.51
CA ASP A 34 -12.57 8.54 4.45
C ASP A 34 -12.09 9.30 5.67
N ASP A 35 -11.60 8.52 6.63
CA ASP A 35 -11.00 9.05 7.84
C ASP A 35 -9.54 9.38 7.54
N SER A 36 -9.24 9.46 6.24
CA SER A 36 -7.92 9.76 5.69
C SER A 36 -7.15 10.85 6.45
N ASN A 37 -7.84 11.62 7.27
CA ASN A 37 -7.20 12.63 8.08
C ASN A 37 -6.40 12.02 9.23
N ASN A 38 -6.59 10.72 9.45
CA ASN A 38 -5.88 10.01 10.49
C ASN A 38 -4.39 10.05 10.29
N SER A 39 -3.67 10.12 11.39
CA SER A 39 -2.25 9.95 11.38
C SER A 39 -1.94 8.49 11.08
N ALA A 40 -2.97 7.66 11.09
CA ALA A 40 -2.85 6.26 10.75
C ALA A 40 -2.43 6.10 9.30
N TRP A 41 -2.64 7.16 8.52
CA TRP A 41 -2.37 7.11 7.10
C TRP A 41 -0.99 7.66 6.77
N ASP A 42 -0.36 8.29 7.75
CA ASP A 42 0.97 8.83 7.59
C ASP A 42 2.00 7.75 7.85
N PHE A 43 2.66 7.32 6.79
CA PHE A 43 3.64 6.25 6.86
C PHE A 43 4.82 6.62 7.77
N ALA A 44 5.56 7.65 7.32
CA ALA A 44 6.77 8.17 7.99
C ALA A 44 7.60 9.01 7.01
N ASP A 45 8.78 8.51 6.63
CA ASP A 45 9.67 9.19 5.70
C ASP A 45 10.36 8.19 4.76
N GLY A 46 9.99 8.22 3.48
CA GLY A 46 10.53 7.27 2.50
C GLY A 46 10.28 5.83 2.90
N VAL A 47 9.31 5.66 3.77
CA VAL A 47 8.90 4.37 4.28
C VAL A 47 8.20 3.61 3.18
N LEU A 48 7.37 4.33 2.45
CA LEU A 48 6.65 3.78 1.33
C LEU A 48 7.60 3.54 0.19
N GLU A 49 8.48 4.48 0.02
CA GLU A 49 9.49 4.44 -1.02
C GLU A 49 10.41 3.27 -0.83
N GLN A 50 10.37 2.74 0.37
CA GLN A 50 11.13 1.58 0.77
C GLN A 50 10.45 0.34 0.29
N ILE A 51 9.20 0.27 0.62
CA ILE A 51 8.37 -0.85 0.29
C ILE A 51 8.16 -0.89 -1.21
N LEU A 52 8.17 0.30 -1.78
CA LEU A 52 8.11 0.48 -3.21
C LEU A 52 9.41 0.09 -3.86
N ALA A 53 10.50 0.52 -3.21
CA ALA A 53 11.84 0.15 -3.65
C ALA A 53 11.94 -1.37 -3.64
N THR A 54 11.33 -1.95 -2.64
CA THR A 54 11.17 -3.36 -2.52
C THR A 54 10.30 -3.89 -3.65
N SER A 55 9.08 -3.34 -3.80
CA SER A 55 8.14 -3.78 -4.81
C SER A 55 8.81 -3.89 -6.18
N ARG A 56 9.54 -2.86 -6.57
CA ARG A 56 10.24 -2.83 -7.85
C ARG A 56 11.33 -3.90 -7.89
N SER A 57 12.01 -4.08 -6.76
CA SER A 57 13.04 -5.11 -6.61
C SER A 57 12.42 -6.51 -6.73
N ARG A 58 11.25 -6.65 -6.12
CA ARG A 58 10.49 -7.89 -6.14
C ARG A 58 10.07 -8.23 -7.56
N GLY A 59 9.92 -7.18 -8.35
CA GLY A 59 9.47 -7.32 -9.72
C GLY A 59 7.99 -7.06 -9.83
N TYR A 60 7.47 -6.38 -8.83
CA TYR A 60 6.07 -6.03 -8.75
C TYR A 60 5.78 -4.85 -9.66
N ILE A 61 6.61 -3.84 -9.53
CA ILE A 61 6.44 -2.61 -10.26
C ILE A 61 7.77 -2.09 -10.75
N THR A 62 7.69 -0.90 -11.28
CA THR A 62 8.83 -0.14 -11.71
C THR A 62 8.69 1.30 -11.23
N GLY A 63 9.81 1.92 -10.88
CA GLY A 63 9.85 3.33 -10.51
C GLY A 63 8.68 3.76 -9.66
N ASP A 64 7.91 4.70 -10.18
CA ASP A 64 6.70 5.17 -9.51
C ASP A 64 5.47 4.71 -10.28
N GLN A 65 5.67 3.71 -11.12
CA GLN A 65 4.62 3.11 -11.92
C GLN A 65 3.76 2.17 -11.10
N TYR A 66 3.55 2.52 -9.86
CA TYR A 66 2.79 1.68 -8.97
C TYR A 66 1.45 2.31 -8.69
N ILE A 67 0.54 1.55 -8.12
CA ILE A 67 -0.73 2.09 -7.74
C ILE A 67 -1.02 1.72 -6.32
N LEU A 68 -0.85 2.64 -5.44
CA LEU A 68 -1.06 2.40 -4.04
C LEU A 68 -2.45 2.92 -3.67
N GLU A 69 -3.06 2.35 -2.64
CA GLU A 69 -4.38 2.79 -2.21
C GLU A 69 -4.56 2.67 -0.72
N ARG A 70 -5.29 3.63 -0.16
CA ARG A 70 -5.69 3.54 1.24
C ARG A 70 -6.74 2.48 1.39
N VAL A 71 -6.59 1.69 2.43
CA VAL A 71 -7.43 0.54 2.64
C VAL A 71 -8.06 0.53 4.02
N ASN A 72 -7.23 0.44 5.04
CA ASN A 72 -7.75 0.18 6.38
C ASN A 72 -6.93 0.88 7.45
N ILE A 73 -7.53 1.04 8.61
CA ILE A 73 -6.79 1.52 9.78
C ILE A 73 -6.90 0.50 10.90
N VAL A 74 -5.79 -0.16 11.18
CA VAL A 74 -5.73 -1.11 12.28
C VAL A 74 -4.76 -0.60 13.33
N ASN A 75 -5.27 -0.23 14.50
CA ASN A 75 -4.43 0.29 15.58
C ASN A 75 -3.84 1.65 15.19
N GLY A 76 -4.31 2.20 14.10
CA GLY A 76 -3.69 3.37 13.54
C GLY A 76 -2.48 3.03 12.68
N ASN A 77 -2.39 1.77 12.26
CA ASN A 77 -1.30 1.28 11.43
C ASN A 77 -1.66 1.37 9.96
N GLY A 78 -2.38 2.45 9.62
CA GLY A 78 -3.04 2.59 8.31
C GLY A 78 -2.43 1.77 7.20
N TYR A 79 -3.22 0.84 6.71
CA TYR A 79 -2.76 -0.10 5.71
C TYR A 79 -3.05 0.39 4.32
N TYR A 80 -2.03 0.28 3.51
CA TYR A 80 -2.07 0.68 2.13
C TYR A 80 -1.76 -0.51 1.28
N ASN A 81 -2.53 -0.73 0.24
CA ASN A 81 -2.20 -1.82 -0.65
C ASN A 81 -1.58 -1.30 -1.92
N LEU A 82 -0.65 -2.07 -2.43
CA LEU A 82 0.12 -1.69 -3.59
C LEU A 82 -0.38 -2.48 -4.79
N TYR A 83 -0.55 -1.78 -5.87
CA TYR A 83 -1.06 -2.35 -7.08
C TYR A 83 -0.09 -2.08 -8.21
N LYS A 84 -0.18 -2.90 -9.22
CA LYS A 84 0.51 -2.69 -10.47
C LYS A 84 -0.17 -1.57 -11.23
N PRO A 85 0.47 -0.98 -12.25
CA PRO A 85 -0.16 0.04 -13.09
C PRO A 85 -1.46 -0.46 -13.71
N ASP A 86 -1.61 -1.77 -13.72
CA ASP A 86 -2.79 -2.41 -14.27
C ASP A 86 -3.87 -2.52 -13.21
N GLY A 87 -3.48 -2.24 -11.98
CA GLY A 87 -4.38 -2.36 -10.86
C GLY A 87 -4.22 -3.69 -10.14
N THR A 88 -3.30 -4.51 -10.62
CA THR A 88 -3.10 -5.82 -10.03
C THR A 88 -2.54 -5.72 -8.60
N TYR A 89 -3.30 -6.26 -7.65
CA TYR A 89 -2.84 -6.35 -6.26
C TYR A 89 -1.49 -7.02 -6.14
N LEU A 90 -0.62 -6.33 -5.41
CA LEU A 90 0.70 -6.82 -5.09
C LEU A 90 0.76 -7.24 -3.62
N PHE A 91 0.52 -6.27 -2.74
CA PHE A 91 0.45 -6.53 -1.30
C PHE A 91 -0.26 -5.42 -0.55
N THR A 92 -0.43 -5.66 0.74
CA THR A 92 -0.93 -4.65 1.67
C THR A 92 0.15 -4.33 2.67
N LEU A 93 0.47 -3.07 2.80
CA LEU A 93 1.57 -2.67 3.63
C LEU A 93 1.08 -1.85 4.81
N ASN A 94 1.96 -1.70 5.76
CA ASN A 94 1.73 -0.93 6.95
C ASN A 94 2.49 0.36 6.77
N CYS A 95 1.81 1.48 6.80
CA CYS A 95 2.46 2.76 6.59
C CYS A 95 3.31 3.09 7.80
N LYS A 96 2.75 2.83 8.97
CA LYS A 96 3.33 3.23 10.21
C LYS A 96 4.61 2.47 10.50
N THR A 97 4.70 1.25 10.00
CA THR A 97 5.86 0.43 10.25
C THR A 97 6.62 0.17 8.96
N GLY A 98 5.96 0.38 7.83
CA GLY A 98 6.56 0.15 6.54
C GLY A 98 6.70 -1.33 6.23
N TYR A 99 6.00 -2.13 7.01
CA TYR A 99 5.91 -3.55 6.78
C TYR A 99 4.95 -3.81 5.63
N PHE A 100 4.96 -5.03 5.11
CA PHE A 100 4.06 -5.38 4.04
C PHE A 100 3.67 -6.85 4.10
N VAL A 101 2.42 -7.10 3.78
CA VAL A 101 1.85 -8.42 3.88
C VAL A 101 1.53 -8.96 2.50
N GLY A 102 1.76 -10.24 2.30
CA GLY A 102 1.48 -10.84 1.02
C GLY A 102 0.15 -11.57 1.03
N ASN A 103 -0.25 -12.12 -0.10
CA ASN A 103 -1.50 -12.86 -0.18
C ASN A 103 -1.27 -14.25 -0.77
N GLY A 104 -0.01 -14.58 -1.00
CA GLY A 104 0.32 -15.89 -1.53
C GLY A 104 0.81 -16.84 -0.46
N ALA A 105 0.75 -18.13 -0.77
CA ALA A 105 1.21 -19.18 0.15
C ALA A 105 0.43 -19.16 1.47
N GLY A 106 -0.86 -18.87 1.38
CA GLY A 106 -1.70 -18.84 2.57
C GLY A 106 -2.67 -17.68 2.56
N HIS A 107 -3.73 -17.80 3.34
CA HIS A 107 -4.73 -16.74 3.43
C HIS A 107 -4.16 -15.54 4.20
N ALA A 108 -3.61 -15.82 5.37
CA ALA A 108 -2.99 -14.79 6.18
C ALA A 108 -1.49 -14.94 6.17
N ASP A 109 -0.85 -14.18 5.30
CA ASP A 109 0.61 -14.10 5.28
C ASP A 109 1.11 -13.50 6.59
N ASP A 110 0.63 -12.31 6.89
CA ASP A 110 1.01 -11.60 8.10
C ASP A 110 -0.20 -11.40 9.00
N LEU A 111 -1.36 -11.60 8.43
CA LEU A 111 -2.59 -11.06 8.99
C LEU A 111 -3.12 -11.89 10.14
N ASP A 112 -4.06 -11.28 10.82
CA ASP A 112 -4.76 -11.85 11.96
C ASP A 112 -6.05 -11.07 12.14
N TYR A 113 -5.95 -9.80 11.78
CA TYR A 113 -7.08 -8.90 11.68
C TYR A 113 -7.88 -9.21 10.43
N GLY A 1 19.74 15.27 -6.37
CA GLY A 1 19.24 15.59 -5.02
C GLY A 1 19.52 14.47 -4.04
N HIS A 2 18.98 14.59 -2.83
CA HIS A 2 19.18 13.58 -1.80
C HIS A 2 17.85 13.19 -1.15
N MET A 3 16.77 13.76 -1.67
CA MET A 3 15.44 13.53 -1.10
C MET A 3 14.67 12.51 -1.93
N SER A 4 15.29 12.02 -3.00
CA SER A 4 14.65 11.06 -3.89
C SER A 4 14.66 9.66 -3.29
N ARG A 5 14.20 9.57 -2.06
CA ARG A 5 14.02 8.31 -1.36
C ARG A 5 12.96 8.49 -0.28
N SER A 6 12.27 9.62 -0.35
CA SER A 6 11.32 9.99 0.68
C SER A 6 10.29 10.94 0.14
N GLU A 7 9.13 10.40 -0.23
CA GLU A 7 8.08 11.16 -0.85
C GLU A 7 6.69 10.68 -0.45
N VAL A 8 6.48 9.36 -0.51
CA VAL A 8 5.19 8.76 -0.15
C VAL A 8 4.05 9.27 -1.04
N ASN A 9 3.66 8.46 -2.00
CA ASN A 9 2.60 8.81 -2.93
C ASN A 9 2.03 7.53 -3.55
N MET A 10 1.03 7.67 -4.42
CA MET A 10 0.36 6.50 -5.00
C MET A 10 0.96 6.17 -6.36
N GLY A 11 1.74 7.11 -6.82
CA GLY A 11 2.60 7.03 -8.00
C GLY A 11 1.89 6.93 -9.34
N LEU A 12 0.79 6.21 -9.40
CA LEU A 12 -0.09 6.24 -10.54
C LEU A 12 -1.47 6.62 -10.10
N SER A 13 -2.32 6.84 -11.06
CA SER A 13 -3.70 7.14 -10.82
C SER A 13 -4.54 5.87 -10.94
N SER A 14 -5.21 5.50 -9.85
CA SER A 14 -6.08 4.34 -9.86
C SER A 14 -7.45 4.68 -10.45
N ALA A 15 -7.51 5.82 -11.12
CA ALA A 15 -8.73 6.27 -11.75
C ALA A 15 -8.90 5.61 -13.12
N GLY A 16 -9.86 4.72 -13.23
CA GLY A 16 -10.09 4.02 -14.48
C GLY A 16 -9.40 2.67 -14.53
N VAL A 17 -8.40 2.50 -13.67
CA VAL A 17 -7.62 1.27 -13.62
C VAL A 17 -8.44 0.10 -13.13
N ALA A 18 -8.08 -1.06 -13.63
CA ALA A 18 -8.70 -2.28 -13.19
C ALA A 18 -7.95 -2.83 -12.00
N VAL A 19 -8.17 -2.20 -10.87
CA VAL A 19 -7.47 -2.53 -9.64
C VAL A 19 -8.17 -3.63 -8.86
N GLN A 20 -7.38 -4.57 -8.36
CA GLN A 20 -7.93 -5.67 -7.60
C GLN A 20 -8.08 -5.27 -6.14
N ARG A 21 -9.28 -4.93 -5.75
CA ARG A 21 -9.54 -4.47 -4.40
C ARG A 21 -9.90 -5.63 -3.47
N SER A 22 -10.62 -6.60 -4.01
CA SER A 22 -11.03 -7.76 -3.23
C SER A 22 -9.84 -8.68 -2.97
N ALA A 23 -8.80 -8.50 -3.75
CA ALA A 23 -7.59 -9.29 -3.62
C ALA A 23 -6.71 -8.77 -2.48
N SER A 24 -7.23 -7.79 -1.76
CA SER A 24 -6.48 -7.18 -0.67
C SER A 24 -6.50 -8.06 0.58
N ARG A 25 -5.42 -7.96 1.35
CA ARG A 25 -5.28 -8.71 2.58
C ARG A 25 -5.93 -8.00 3.76
N VAL A 26 -6.30 -6.74 3.57
CA VAL A 26 -6.88 -5.94 4.64
C VAL A 26 -8.14 -5.23 4.14
N ALA A 27 -9.07 -4.95 5.05
CA ALA A 27 -10.37 -4.40 4.66
C ALA A 27 -10.29 -2.97 4.18
N TYR A 28 -10.96 -2.75 3.07
CA TYR A 28 -11.08 -1.48 2.38
C TYR A 28 -11.94 -0.47 3.13
N ASN A 29 -11.76 -0.33 4.43
CA ASN A 29 -12.80 0.26 5.29
C ASN A 29 -12.99 1.74 4.97
N GLN A 30 -14.00 2.02 4.17
CA GLN A 30 -14.20 3.36 3.64
C GLN A 30 -14.45 4.36 4.76
N SER A 31 -14.75 3.84 5.95
CA SER A 31 -14.93 4.68 7.12
C SER A 31 -13.58 5.15 7.65
N ALA A 32 -12.57 4.28 7.60
CA ALA A 32 -11.22 4.65 8.02
C ALA A 32 -10.55 5.36 6.86
N ILE A 33 -10.98 4.97 5.67
CA ILE A 33 -10.47 5.57 4.44
C ILE A 33 -10.93 7.02 4.34
N ASP A 34 -12.18 7.25 4.68
CA ASP A 34 -12.74 8.58 4.66
C ASP A 34 -12.26 9.33 5.88
N ASP A 35 -11.71 8.56 6.81
CA ASP A 35 -11.11 9.08 8.02
C ASP A 35 -9.64 9.38 7.75
N SER A 36 -9.30 9.45 6.46
CA SER A 36 -7.94 9.75 5.97
C SER A 36 -7.27 10.93 6.70
N ASN A 37 -8.02 11.69 7.49
CA ASN A 37 -7.44 12.72 8.33
C ASN A 37 -6.58 12.11 9.44
N ASN A 38 -6.70 10.80 9.64
CA ASN A 38 -5.91 10.09 10.60
C ASN A 38 -4.43 10.15 10.27
N SER A 39 -3.61 10.20 11.28
CA SER A 39 -2.19 10.02 11.10
C SER A 39 -1.91 8.54 10.96
N ALA A 40 -2.99 7.73 11.03
CA ALA A 40 -2.87 6.30 10.78
C ALA A 40 -2.45 6.08 9.34
N TRP A 41 -2.59 7.13 8.55
CA TRP A 41 -2.27 7.07 7.13
C TRP A 41 -0.88 7.63 6.84
N ASP A 42 -0.29 8.26 7.84
CA ASP A 42 1.04 8.84 7.70
C ASP A 42 2.09 7.77 7.94
N PHE A 43 2.67 7.28 6.84
CA PHE A 43 3.64 6.20 6.87
C PHE A 43 4.82 6.54 7.79
N ALA A 44 5.56 7.60 7.41
CA ALA A 44 6.75 8.10 8.13
C ALA A 44 7.60 8.97 7.21
N ASP A 45 8.76 8.44 6.80
CA ASP A 45 9.68 9.15 5.91
C ASP A 45 10.34 8.19 4.93
N GLY A 46 9.96 8.28 3.65
CA GLY A 46 10.45 7.36 2.62
C GLY A 46 10.21 5.91 2.97
N VAL A 47 9.27 5.71 3.86
CA VAL A 47 8.87 4.40 4.32
C VAL A 47 8.17 3.68 3.19
N LEU A 48 7.35 4.41 2.49
CA LEU A 48 6.66 3.89 1.34
C LEU A 48 7.62 3.68 0.21
N GLU A 49 8.47 4.65 0.04
CA GLU A 49 9.47 4.64 -1.02
C GLU A 49 10.43 3.48 -0.81
N GLN A 50 10.41 2.96 0.40
CA GLN A 50 11.19 1.81 0.78
C GLN A 50 10.55 0.56 0.28
N ILE A 51 9.32 0.43 0.68
CA ILE A 51 8.52 -0.70 0.33
C ILE A 51 8.38 -0.77 -1.16
N LEU A 52 8.29 0.40 -1.75
CA LEU A 52 8.20 0.56 -3.18
C LEU A 52 9.52 0.24 -3.83
N ALA A 53 10.59 0.73 -3.22
CA ALA A 53 11.94 0.45 -3.69
C ALA A 53 12.13 -1.05 -3.67
N THR A 54 11.60 -1.64 -2.63
CA THR A 54 11.54 -3.06 -2.48
C THR A 54 10.66 -3.68 -3.57
N SER A 55 9.43 -3.20 -3.70
CA SER A 55 8.48 -3.73 -4.69
C SER A 55 9.12 -3.87 -6.07
N ARG A 56 9.79 -2.82 -6.54
CA ARG A 56 10.43 -2.83 -7.85
C ARG A 56 11.58 -3.84 -7.88
N SER A 57 12.30 -3.93 -6.78
CA SER A 57 13.40 -4.88 -6.62
C SER A 57 12.86 -6.31 -6.66
N ARG A 58 11.73 -6.49 -5.99
CA ARG A 58 11.05 -7.78 -5.91
C ARG A 58 10.51 -8.21 -7.26
N GLY A 59 10.16 -7.20 -8.05
CA GLY A 59 9.61 -7.44 -9.36
C GLY A 59 8.13 -7.17 -9.40
N TYR A 60 7.63 -6.52 -8.37
CA TYR A 60 6.22 -6.17 -8.26
C TYR A 60 5.90 -5.07 -9.25
N ILE A 61 6.75 -4.05 -9.28
CA ILE A 61 6.54 -2.89 -10.09
C ILE A 61 7.83 -2.37 -10.66
N THR A 62 7.69 -1.20 -11.26
CA THR A 62 8.80 -0.41 -11.72
C THR A 62 8.58 1.04 -11.29
N GLY A 63 9.67 1.71 -10.90
CA GLY A 63 9.64 3.12 -10.57
C GLY A 63 8.41 3.54 -9.78
N ASP A 64 7.75 4.57 -10.26
CA ASP A 64 6.52 5.05 -9.66
C ASP A 64 5.33 4.56 -10.46
N GLN A 65 5.56 3.54 -11.25
CA GLN A 65 4.52 2.90 -12.05
C GLN A 65 3.70 1.96 -11.20
N TYR A 66 3.51 2.33 -9.96
CA TYR A 66 2.73 1.51 -9.05
C TYR A 66 1.43 2.21 -8.74
N ILE A 67 0.50 1.49 -8.17
CA ILE A 67 -0.74 2.08 -7.76
C ILE A 67 -1.01 1.73 -6.32
N LEU A 68 -0.77 2.68 -5.47
CA LEU A 68 -0.99 2.46 -4.06
C LEU A 68 -2.35 3.05 -3.68
N GLU A 69 -3.01 2.45 -2.69
CA GLU A 69 -4.34 2.90 -2.28
C GLU A 69 -4.54 2.77 -0.79
N ARG A 70 -5.29 3.69 -0.22
CA ARG A 70 -5.68 3.61 1.17
C ARG A 70 -6.74 2.57 1.37
N VAL A 71 -6.57 1.77 2.41
CA VAL A 71 -7.41 0.62 2.62
C VAL A 71 -8.02 0.59 4.01
N ASN A 72 -7.19 0.45 5.04
CA ASN A 72 -7.71 0.20 6.37
C ASN A 72 -6.89 0.89 7.44
N ILE A 73 -7.50 1.08 8.60
CA ILE A 73 -6.76 1.56 9.76
C ILE A 73 -6.85 0.54 10.89
N VAL A 74 -5.75 -0.15 11.13
CA VAL A 74 -5.68 -1.14 12.20
C VAL A 74 -4.78 -0.62 13.30
N ASN A 75 -5.37 -0.24 14.43
CA ASN A 75 -4.61 0.31 15.56
C ASN A 75 -3.99 1.67 15.19
N GLY A 76 -4.37 2.18 14.03
CA GLY A 76 -3.72 3.35 13.50
C GLY A 76 -2.52 3.01 12.64
N ASN A 77 -2.42 1.75 12.23
CA ASN A 77 -1.31 1.28 11.39
C ASN A 77 -1.67 1.34 9.93
N GLY A 78 -2.40 2.39 9.54
CA GLY A 78 -3.03 2.52 8.22
C GLY A 78 -2.40 1.69 7.12
N TYR A 79 -3.19 0.77 6.61
CA TYR A 79 -2.72 -0.19 5.62
C TYR A 79 -3.00 0.31 4.22
N TYR A 80 -2.02 0.11 3.37
CA TYR A 80 -2.07 0.55 2.00
C TYR A 80 -1.86 -0.63 1.08
N ASN A 81 -2.61 -0.70 0.02
CA ASN A 81 -2.39 -1.76 -0.96
C ASN A 81 -1.53 -1.22 -2.06
N LEU A 82 -0.63 -2.05 -2.51
CA LEU A 82 0.22 -1.71 -3.62
C LEU A 82 -0.27 -2.47 -4.82
N TYR A 83 -0.54 -1.75 -5.86
CA TYR A 83 -1.08 -2.30 -7.08
C TYR A 83 -0.15 -2.05 -8.23
N LYS A 84 -0.31 -2.85 -9.25
CA LYS A 84 0.36 -2.65 -10.50
C LYS A 84 -0.32 -1.51 -11.25
N PRO A 85 0.29 -0.95 -12.30
CA PRO A 85 -0.34 0.08 -13.12
C PRO A 85 -1.64 -0.43 -13.73
N ASP A 86 -1.77 -1.74 -13.73
CA ASP A 86 -2.94 -2.39 -14.27
C ASP A 86 -3.99 -2.53 -13.20
N GLY A 87 -3.61 -2.18 -11.98
CA GLY A 87 -4.49 -2.29 -10.84
C GLY A 87 -4.33 -3.63 -10.14
N THR A 88 -3.46 -4.47 -10.66
CA THR A 88 -3.27 -5.78 -10.11
C THR A 88 -2.64 -5.72 -8.71
N TYR A 89 -3.36 -6.24 -7.73
CA TYR A 89 -2.88 -6.32 -6.35
C TYR A 89 -1.52 -6.99 -6.26
N LEU A 90 -0.66 -6.34 -5.50
CA LEU A 90 0.67 -6.83 -5.19
C LEU A 90 0.75 -7.25 -3.74
N PHE A 91 0.45 -6.31 -2.83
CA PHE A 91 0.40 -6.59 -1.40
C PHE A 91 -0.30 -5.49 -0.62
N THR A 92 -0.48 -5.74 0.67
CA THR A 92 -0.97 -4.75 1.60
C THR A 92 0.14 -4.41 2.57
N LEU A 93 0.49 -3.16 2.63
CA LEU A 93 1.57 -2.73 3.48
C LEU A 93 1.06 -1.91 4.64
N ASN A 94 1.93 -1.75 5.60
CA ASN A 94 1.65 -0.95 6.77
C ASN A 94 2.42 0.35 6.61
N CYS A 95 1.75 1.47 6.71
CA CYS A 95 2.41 2.74 6.53
C CYS A 95 3.22 3.04 7.77
N LYS A 96 2.65 2.73 8.92
CA LYS A 96 3.21 3.12 10.20
C LYS A 96 4.46 2.34 10.51
N THR A 97 4.56 1.15 9.97
CA THR A 97 5.70 0.31 10.21
C THR A 97 6.49 0.10 8.92
N GLY A 98 5.83 0.31 7.78
CA GLY A 98 6.46 0.11 6.51
C GLY A 98 6.60 -1.36 6.18
N TYR A 99 5.86 -2.18 6.92
CA TYR A 99 5.80 -3.60 6.68
C TYR A 99 4.90 -3.86 5.49
N PHE A 100 4.95 -5.07 4.97
CA PHE A 100 4.06 -5.45 3.88
C PHE A 100 3.68 -6.91 3.97
N VAL A 101 2.43 -7.17 3.66
CA VAL A 101 1.84 -8.48 3.80
C VAL A 101 1.50 -9.05 2.43
N GLY A 102 1.72 -10.34 2.26
CA GLY A 102 1.41 -10.97 1.00
C GLY A 102 0.11 -11.74 1.06
N ASN A 103 -0.24 -12.43 -0.02
CA ASN A 103 -1.48 -13.20 -0.05
C ASN A 103 -1.26 -14.52 -0.79
N GLY A 104 -2.14 -15.48 -0.52
CA GLY A 104 -2.07 -16.77 -1.17
C GLY A 104 -3.30 -17.59 -0.89
N ALA A 105 -4.30 -17.45 -1.77
CA ALA A 105 -5.60 -18.10 -1.58
C ALA A 105 -6.21 -17.65 -0.25
N GLY A 106 -6.13 -16.35 0.00
CA GLY A 106 -6.57 -15.81 1.27
C GLY A 106 -5.47 -15.92 2.32
N HIS A 107 -5.85 -16.31 3.53
CA HIS A 107 -4.91 -16.56 4.62
C HIS A 107 -4.31 -15.28 5.18
N ALA A 108 -3.99 -15.30 6.46
CA ALA A 108 -3.34 -14.17 7.10
C ALA A 108 -1.84 -14.36 7.08
N ASP A 109 -1.23 -13.81 6.06
CA ASP A 109 0.22 -13.76 5.98
C ASP A 109 0.79 -13.07 7.20
N ASP A 110 0.47 -11.80 7.34
CA ASP A 110 0.93 -11.00 8.46
C ASP A 110 -0.24 -10.51 9.28
N LEU A 111 -1.43 -10.82 8.80
CA LEU A 111 -2.63 -10.16 9.27
C LEU A 111 -3.02 -10.60 10.66
N ASP A 112 -3.85 -9.80 11.28
CA ASP A 112 -4.17 -9.92 12.68
C ASP A 112 -5.54 -9.33 12.97
N TYR A 113 -5.89 -8.32 12.18
CA TYR A 113 -7.12 -7.57 12.35
C TYR A 113 -8.34 -8.49 12.22
N GLY A 1 9.05 18.02 7.44
CA GLY A 1 9.24 17.07 6.33
C GLY A 1 9.75 17.76 5.08
N HIS A 2 11.07 17.88 4.96
CA HIS A 2 11.67 18.54 3.81
C HIS A 2 11.54 17.66 2.56
N MET A 3 11.43 16.35 2.79
CA MET A 3 11.18 15.38 1.73
C MET A 3 12.10 15.59 0.52
N SER A 4 13.36 15.24 0.68
CA SER A 4 14.31 15.34 -0.41
C SER A 4 14.46 13.98 -1.07
N ARG A 5 14.09 12.95 -0.34
CA ARG A 5 14.10 11.58 -0.85
C ARG A 5 12.93 10.81 -0.24
N SER A 6 11.78 11.45 -0.20
CA SER A 6 10.60 10.85 0.38
C SER A 6 9.34 11.40 -0.26
N GLU A 7 8.85 10.70 -1.25
CA GLU A 7 7.64 11.09 -1.95
C GLU A 7 6.39 10.61 -1.23
N VAL A 8 6.30 9.30 -0.98
CA VAL A 8 5.12 8.68 -0.39
C VAL A 8 3.83 9.11 -1.11
N ASN A 9 3.45 8.36 -2.13
CA ASN A 9 2.24 8.67 -2.89
C ASN A 9 1.65 7.41 -3.51
N MET A 10 0.62 7.57 -4.32
CA MET A 10 0.00 6.43 -4.99
C MET A 10 0.70 6.12 -6.31
N GLY A 11 1.44 7.12 -6.74
CA GLY A 11 2.41 7.05 -7.84
C GLY A 11 1.81 6.94 -9.23
N LEU A 12 0.72 6.21 -9.37
CA LEU A 12 -0.07 6.25 -10.58
C LEU A 12 -1.48 6.66 -10.24
N SER A 13 -2.25 6.87 -11.27
CA SER A 13 -3.65 7.20 -11.12
C SER A 13 -4.50 5.94 -11.27
N SER A 14 -5.18 5.57 -10.19
CA SER A 14 -6.06 4.40 -10.20
C SER A 14 -7.42 4.75 -10.82
N ALA A 15 -7.41 5.78 -11.65
CA ALA A 15 -8.61 6.21 -12.34
C ALA A 15 -8.77 5.44 -13.65
N GLY A 16 -9.75 4.55 -13.69
CA GLY A 16 -10.01 3.77 -14.88
C GLY A 16 -9.21 2.48 -14.90
N VAL A 17 -8.32 2.33 -13.93
CA VAL A 17 -7.51 1.14 -13.82
C VAL A 17 -8.33 -0.04 -13.34
N ALA A 18 -7.93 -1.21 -13.78
CA ALA A 18 -8.59 -2.40 -13.33
C ALA A 18 -7.88 -2.95 -12.10
N VAL A 19 -8.12 -2.27 -11.00
CA VAL A 19 -7.46 -2.57 -9.75
C VAL A 19 -8.18 -3.65 -8.96
N GLN A 20 -7.40 -4.60 -8.45
CA GLN A 20 -7.96 -5.70 -7.70
C GLN A 20 -8.12 -5.31 -6.24
N ARG A 21 -9.32 -4.95 -5.85
CA ARG A 21 -9.58 -4.51 -4.49
C ARG A 21 -9.98 -5.67 -3.61
N SER A 22 -10.70 -6.62 -4.18
CA SER A 22 -11.13 -7.80 -3.44
C SER A 22 -9.93 -8.67 -3.09
N ALA A 23 -8.84 -8.42 -3.79
CA ALA A 23 -7.60 -9.15 -3.60
C ALA A 23 -6.81 -8.60 -2.44
N SER A 24 -7.26 -7.48 -1.89
CA SER A 24 -6.59 -6.84 -0.77
C SER A 24 -6.62 -7.72 0.47
N ARG A 25 -5.49 -7.76 1.16
CA ARG A 25 -5.36 -8.54 2.36
C ARG A 25 -6.02 -7.87 3.55
N VAL A 26 -6.29 -6.59 3.42
CA VAL A 26 -6.88 -5.84 4.52
C VAL A 26 -8.12 -5.11 4.04
N ALA A 27 -9.06 -4.87 4.94
CA ALA A 27 -10.35 -4.32 4.57
C ALA A 27 -10.29 -2.86 4.15
N TYR A 28 -10.94 -2.60 3.04
CA TYR A 28 -11.08 -1.31 2.41
C TYR A 28 -11.95 -0.32 3.18
N ASN A 29 -11.77 -0.22 4.49
CA ASN A 29 -12.79 0.34 5.36
C ASN A 29 -12.96 1.83 5.09
N GLN A 30 -13.92 2.15 4.23
CA GLN A 30 -14.07 3.50 3.74
C GLN A 30 -14.34 4.48 4.87
N SER A 31 -14.72 3.97 6.03
CA SER A 31 -14.95 4.81 7.19
C SER A 31 -13.62 5.16 7.86
N ALA A 32 -12.62 4.30 7.76
CA ALA A 32 -11.29 4.63 8.24
C ALA A 32 -10.56 5.34 7.13
N ILE A 33 -10.91 4.99 5.91
CA ILE A 33 -10.34 5.59 4.72
C ILE A 33 -10.70 7.06 4.64
N ASP A 34 -11.96 7.33 4.92
CA ASP A 34 -12.49 8.69 4.92
C ASP A 34 -12.07 9.38 6.21
N ASP A 35 -11.61 8.56 7.14
CA ASP A 35 -11.06 9.02 8.40
C ASP A 35 -9.59 9.41 8.18
N SER A 36 -9.28 9.57 6.89
CA SER A 36 -7.95 9.87 6.36
C SER A 36 -7.15 10.90 7.16
N ASN A 37 -7.82 11.73 7.95
CA ASN A 37 -7.13 12.70 8.76
C ASN A 37 -6.28 12.02 9.83
N ASN A 38 -6.48 10.70 10.00
CA ASN A 38 -5.68 9.92 10.90
C ASN A 38 -4.23 9.93 10.49
N SER A 39 -3.36 10.00 11.46
CA SER A 39 -1.96 9.79 11.20
C SER A 39 -1.73 8.31 10.97
N ALA A 40 -2.81 7.51 11.07
CA ALA A 40 -2.74 6.11 10.73
C ALA A 40 -2.39 5.98 9.26
N TRP A 41 -2.60 7.05 8.52
CA TRP A 41 -2.35 7.05 7.09
C TRP A 41 -0.98 7.63 6.74
N ASP A 42 -0.35 8.28 7.71
CA ASP A 42 0.98 8.84 7.50
C ASP A 42 2.02 7.79 7.82
N PHE A 43 2.62 7.29 6.76
CA PHE A 43 3.60 6.21 6.84
C PHE A 43 4.76 6.58 7.78
N ALA A 44 5.50 7.60 7.36
CA ALA A 44 6.69 8.12 8.08
C ALA A 44 7.52 9.00 7.14
N ASP A 45 8.69 8.50 6.73
CA ASP A 45 9.58 9.24 5.84
C ASP A 45 10.29 8.29 4.86
N GLY A 46 9.89 8.34 3.60
CA GLY A 46 10.44 7.43 2.59
C GLY A 46 10.21 5.97 2.95
N VAL A 47 9.24 5.76 3.81
CA VAL A 47 8.86 4.45 4.27
C VAL A 47 8.16 3.72 3.16
N LEU A 48 7.33 4.44 2.44
CA LEU A 48 6.64 3.89 1.31
C LEU A 48 7.60 3.67 0.18
N GLU A 49 8.47 4.63 0.03
CA GLU A 49 9.48 4.64 -1.00
C GLU A 49 10.47 3.51 -0.77
N GLN A 50 10.39 2.96 0.41
CA GLN A 50 11.16 1.81 0.80
C GLN A 50 10.52 0.56 0.29
N ILE A 51 9.28 0.44 0.67
CA ILE A 51 8.47 -0.69 0.31
C ILE A 51 8.32 -0.74 -1.18
N LEU A 52 8.26 0.43 -1.76
CA LEU A 52 8.17 0.59 -3.20
C LEU A 52 9.49 0.27 -3.86
N ALA A 53 10.56 0.75 -3.24
CA ALA A 53 11.89 0.44 -3.69
C ALA A 53 12.07 -1.07 -3.67
N THR A 54 11.52 -1.64 -2.63
CA THR A 54 11.45 -3.06 -2.47
C THR A 54 10.57 -3.66 -3.56
N SER A 55 9.35 -3.18 -3.71
CA SER A 55 8.40 -3.71 -4.68
C SER A 55 9.03 -3.87 -6.06
N ARG A 56 9.70 -2.83 -6.52
CA ARG A 56 10.36 -2.86 -7.82
C ARG A 56 11.48 -3.90 -7.83
N SER A 57 12.25 -3.92 -6.74
CA SER A 57 13.34 -4.88 -6.56
C SER A 57 12.80 -6.31 -6.57
N ARG A 58 11.65 -6.47 -5.95
CA ARG A 58 10.97 -7.76 -5.85
C ARG A 58 10.46 -8.20 -7.21
N GLY A 59 10.11 -7.22 -8.01
CA GLY A 59 9.55 -7.47 -9.33
C GLY A 59 8.06 -7.23 -9.36
N TYR A 60 7.58 -6.51 -8.36
CA TYR A 60 6.17 -6.17 -8.26
C TYR A 60 5.83 -5.07 -9.25
N ILE A 61 6.65 -4.03 -9.24
CA ILE A 61 6.43 -2.86 -10.05
C ILE A 61 7.71 -2.33 -10.63
N THR A 62 7.59 -1.15 -11.20
CA THR A 62 8.70 -0.39 -11.69
C THR A 62 8.57 1.07 -11.24
N GLY A 63 9.70 1.67 -10.89
CA GLY A 63 9.76 3.08 -10.53
C GLY A 63 8.59 3.55 -9.69
N ASP A 64 7.87 4.53 -10.21
CA ASP A 64 6.68 5.06 -9.58
C ASP A 64 5.43 4.59 -10.31
N GLN A 65 5.61 3.60 -11.16
CA GLN A 65 4.54 3.01 -11.95
C GLN A 65 3.69 2.07 -11.11
N TYR A 66 3.52 2.41 -9.87
CA TYR A 66 2.75 1.59 -8.97
C TYR A 66 1.42 2.24 -8.70
N ILE A 67 0.49 1.49 -8.18
CA ILE A 67 -0.76 2.05 -7.78
C ILE A 67 -1.04 1.69 -6.34
N LEU A 68 -0.79 2.59 -5.46
CA LEU A 68 -0.98 2.34 -4.07
C LEU A 68 -2.36 2.85 -3.66
N GLU A 69 -2.94 2.28 -2.64
CA GLU A 69 -4.24 2.72 -2.16
C GLU A 69 -4.37 2.57 -0.67
N ARG A 70 -5.04 3.53 -0.08
CA ARG A 70 -5.35 3.50 1.33
C ARG A 70 -6.51 2.54 1.55
N VAL A 71 -6.38 1.72 2.57
CA VAL A 71 -7.30 0.62 2.75
C VAL A 71 -7.94 0.61 4.11
N ASN A 72 -7.15 0.46 5.15
CA ASN A 72 -7.71 0.21 6.47
C ASN A 72 -6.87 0.86 7.55
N ILE A 73 -7.49 1.06 8.69
CA ILE A 73 -6.75 1.51 9.86
C ILE A 73 -6.83 0.46 10.95
N VAL A 74 -5.73 -0.22 11.15
CA VAL A 74 -5.64 -1.24 12.18
C VAL A 74 -4.79 -0.74 13.32
N ASN A 75 -5.42 -0.37 14.43
CA ASN A 75 -4.69 0.15 15.59
C ASN A 75 -4.04 1.50 15.26
N GLY A 76 -4.38 2.05 14.10
CA GLY A 76 -3.70 3.23 13.62
C GLY A 76 -2.50 2.90 12.74
N ASN A 77 -2.42 1.65 12.29
CA ASN A 77 -1.31 1.21 11.45
C ASN A 77 -1.65 1.29 9.98
N GLY A 78 -2.39 2.36 9.61
CA GLY A 78 -2.99 2.53 8.28
C GLY A 78 -2.35 1.69 7.18
N TYR A 79 -3.16 0.82 6.61
CA TYR A 79 -2.67 -0.14 5.64
C TYR A 79 -2.93 0.35 4.24
N TYR A 80 -1.93 0.20 3.43
CA TYR A 80 -1.97 0.60 2.06
C TYR A 80 -1.65 -0.58 1.18
N ASN A 81 -2.42 -0.79 0.15
CA ASN A 81 -2.12 -1.88 -0.74
C ASN A 81 -1.47 -1.35 -2.00
N LEU A 82 -0.56 -2.14 -2.52
CA LEU A 82 0.20 -1.77 -3.69
C LEU A 82 -0.33 -2.53 -4.88
N TYR A 83 -0.60 -1.80 -5.91
CA TYR A 83 -1.13 -2.35 -7.14
C TYR A 83 -0.17 -2.08 -8.28
N LYS A 84 -0.30 -2.88 -9.31
CA LYS A 84 0.40 -2.65 -10.55
C LYS A 84 -0.28 -1.52 -11.30
N PRO A 85 0.36 -0.94 -12.32
CA PRO A 85 -0.29 0.06 -13.18
C PRO A 85 -1.59 -0.45 -13.77
N ASP A 86 -1.73 -1.77 -13.78
CA ASP A 86 -2.91 -2.40 -14.29
C ASP A 86 -3.93 -2.59 -13.19
N GLY A 87 -3.57 -2.16 -11.99
CA GLY A 87 -4.45 -2.29 -10.85
C GLY A 87 -4.30 -3.63 -10.16
N THR A 88 -3.39 -4.45 -10.66
CA THR A 88 -3.19 -5.78 -10.11
C THR A 88 -2.62 -5.73 -8.70
N TYR A 89 -3.36 -6.29 -7.75
CA TYR A 89 -2.92 -6.38 -6.36
C TYR A 89 -1.58 -7.07 -6.22
N LEU A 90 -0.70 -6.40 -5.52
CA LEU A 90 0.63 -6.90 -5.21
C LEU A 90 0.70 -7.31 -3.74
N PHE A 91 0.44 -6.35 -2.85
CA PHE A 91 0.40 -6.62 -1.40
C PHE A 91 -0.28 -5.50 -0.64
N THR A 92 -0.43 -5.73 0.66
CA THR A 92 -0.92 -4.73 1.58
C THR A 92 0.18 -4.40 2.58
N LEU A 93 0.51 -3.15 2.72
CA LEU A 93 1.60 -2.74 3.57
C LEU A 93 1.09 -1.92 4.73
N ASN A 94 1.95 -1.76 5.69
CA ASN A 94 1.69 -0.95 6.86
C ASN A 94 2.46 0.34 6.68
N CYS A 95 1.78 1.46 6.76
CA CYS A 95 2.44 2.73 6.55
C CYS A 95 3.26 3.05 7.78
N LYS A 96 2.69 2.77 8.93
CA LYS A 96 3.24 3.18 10.20
C LYS A 96 4.53 2.45 10.50
N THR A 97 4.65 1.26 9.96
CA THR A 97 5.82 0.45 10.21
C THR A 97 6.58 0.15 8.92
N GLY A 98 5.90 0.33 7.79
CA GLY A 98 6.51 0.06 6.50
C GLY A 98 6.59 -1.43 6.24
N TYR A 99 5.86 -2.20 7.02
CA TYR A 99 5.73 -3.62 6.85
C TYR A 99 4.88 -3.89 5.61
N PHE A 100 4.91 -5.11 5.11
CA PHE A 100 4.06 -5.47 3.99
C PHE A 100 3.70 -6.94 4.02
N VAL A 101 2.44 -7.19 3.72
CA VAL A 101 1.86 -8.51 3.81
C VAL A 101 1.55 -9.03 2.41
N GLY A 102 1.72 -10.31 2.20
CA GLY A 102 1.42 -10.89 0.92
C GLY A 102 0.03 -11.49 0.91
N ASN A 103 -0.38 -12.06 -0.21
CA ASN A 103 -1.65 -12.76 -0.28
C ASN A 103 -1.43 -14.22 -0.63
N GLY A 104 -2.08 -15.09 0.11
CA GLY A 104 -1.90 -16.51 -0.05
C GLY A 104 -2.28 -17.26 1.21
N ALA A 105 -2.07 -18.57 1.21
CA ALA A 105 -2.44 -19.44 2.33
C ALA A 105 -3.96 -19.52 2.48
N GLY A 106 -4.55 -18.43 2.95
CA GLY A 106 -5.98 -18.38 3.13
C GLY A 106 -6.48 -16.95 3.21
N HIS A 107 -6.65 -16.46 4.44
CA HIS A 107 -7.09 -15.09 4.66
C HIS A 107 -5.98 -14.26 5.28
N ALA A 108 -5.05 -14.92 5.95
CA ALA A 108 -3.98 -14.21 6.62
C ALA A 108 -2.62 -14.78 6.27
N ASP A 109 -1.94 -14.06 5.41
CA ASP A 109 -0.56 -14.36 5.09
C ASP A 109 0.32 -13.91 6.24
N ASP A 110 0.24 -12.63 6.56
CA ASP A 110 0.93 -12.03 7.70
C ASP A 110 -0.08 -11.48 8.69
N LEU A 111 -1.33 -11.55 8.31
CA LEU A 111 -2.38 -10.84 9.01
C LEU A 111 -2.71 -11.52 10.33
N ASP A 112 -3.48 -10.82 11.14
CA ASP A 112 -3.77 -11.25 12.49
C ASP A 112 -4.92 -10.45 13.08
N TYR A 113 -5.04 -9.21 12.60
CA TYR A 113 -6.01 -8.26 13.11
C TYR A 113 -7.43 -8.84 13.08
#